data_5E36
# 
_entry.id   5E36 
# 
_audit_conform.dict_name       mmcif_pdbx.dic 
_audit_conform.dict_version    5.379 
_audit_conform.dict_location   http://mmcif.pdb.org/dictionaries/ascii/mmcif_pdbx.dic 
# 
loop_
_database_2.database_id 
_database_2.database_code 
_database_2.pdbx_database_accession 
_database_2.pdbx_DOI 
PDB   5E36         pdb_00005e36 10.2210/pdb5e36/pdb 
WWPDB D_1000214278 ?            ?                   
# 
_pdbx_database_status.status_code                     REL 
_pdbx_database_status.status_code_sf                  REL 
_pdbx_database_status.status_code_mr                  ? 
_pdbx_database_status.entry_id                        5E36 
_pdbx_database_status.recvd_initial_deposition_date   2015-10-02 
_pdbx_database_status.SG_entry                        N 
_pdbx_database_status.deposit_site                    RCSB 
_pdbx_database_status.process_site                    RCSB 
_pdbx_database_status.status_code_cs                  ? 
_pdbx_database_status.methods_development_category    ? 
_pdbx_database_status.pdb_format_compatible           Y 
_pdbx_database_status.status_code_nmr_data            ? 
# 
loop_
_audit_author.name 
_audit_author.pdbx_ordinal 
'Sheng, J.' 1 
'Gan, J.'   2 
# 
_citation.abstract                  ? 
_citation.abstract_id_CAS           ? 
_citation.book_id_ISBN              ? 
_citation.book_publisher            ? 
_citation.book_publisher_city       ? 
_citation.book_title                ? 
_citation.coordinate_linkage        ? 
_citation.country                   ? 
_citation.database_id_Medline       ? 
_citation.details                   ? 
_citation.id                        primary 
_citation.journal_abbrev            'To Be Published' 
_citation.journal_id_ASTM           ? 
_citation.journal_id_CSD            0353 
_citation.journal_id_ISSN           ? 
_citation.journal_full              ? 
_citation.journal_issue             ? 
_citation.journal_volume            ? 
_citation.language                  ? 
_citation.page_first                ? 
_citation.page_last                 ? 
_citation.title                     
;Crystal structure of 2'-propargyl-modified DNA 8mer-duplex
;
_citation.year                      ? 
_citation.database_id_CSD           ? 
_citation.pdbx_database_id_DOI      ? 
_citation.pdbx_database_id_PubMed   ? 
_citation.unpublished_flag          ? 
# 
loop_
_citation_author.citation_id 
_citation_author.name 
_citation_author.ordinal 
_citation_author.identifier_ORCID 
primary 'Sheng, J.' 1 ? 
primary 'Gan, J.'   2 ? 
# 
_cell.angle_alpha                  90.00 
_cell.angle_alpha_esd              ? 
_cell.angle_beta                   90.00 
_cell.angle_beta_esd               ? 
_cell.angle_gamma                  90.00 
_cell.angle_gamma_esd              ? 
_cell.entry_id                     5E36 
_cell.details                      ? 
_cell.formula_units_Z              ? 
_cell.length_a                     32.032 
_cell.length_a_esd                 ? 
_cell.length_b                     55.526 
_cell.length_b_esd                 ? 
_cell.length_c                     75.695 
_cell.length_c_esd                 ? 
_cell.volume                       ? 
_cell.volume_esd                   ? 
_cell.Z_PDB                        24 
_cell.reciprocal_angle_alpha       ? 
_cell.reciprocal_angle_beta        ? 
_cell.reciprocal_angle_gamma       ? 
_cell.reciprocal_angle_alpha_esd   ? 
_cell.reciprocal_angle_beta_esd    ? 
_cell.reciprocal_angle_gamma_esd   ? 
_cell.reciprocal_length_a          ? 
_cell.reciprocal_length_b          ? 
_cell.reciprocal_length_c          ? 
_cell.reciprocal_length_a_esd      ? 
_cell.reciprocal_length_b_esd      ? 
_cell.reciprocal_length_c_esd      ? 
_cell.pdbx_unique_axis             ? 
# 
_symmetry.entry_id                         5E36 
_symmetry.cell_setting                     ? 
_symmetry.Int_Tables_number                20 
_symmetry.space_group_name_Hall            ? 
_symmetry.space_group_name_H-M             'C 2 2 21' 
_symmetry.pdbx_full_space_group_name_H-M   ? 
# 
loop_
_entity.id 
_entity.type 
_entity.src_method 
_entity.pdbx_description 
_entity.formula_weight 
_entity.pdbx_number_of_molecules 
_entity.pdbx_ec 
_entity.pdbx_mutation 
_entity.pdbx_fragment 
_entity.details 
1 polymer     syn 
;DNA (5'-D(*GP*(OMU)P*GP*TP*(5JO)P*CP*AP*C)-3')
;
2496.664 3   ? ? ? ? 
2 non-polymer syn 'MAGNESIUM ION'                                  24.305   2   ? ? ? ? 
3 water       nat water                                            18.015   204 ? ? ? ? 
# 
_entity_poly.entity_id                      1 
_entity_poly.type                           polydeoxyribonucleotide 
_entity_poly.nstd_linkage                   no 
_entity_poly.nstd_monomer                   yes 
_entity_poly.pdbx_seq_one_letter_code       '(DG)(OMU)(DG)(DT)(5JO)(DC)(DA)(DC)' 
_entity_poly.pdbx_seq_one_letter_code_can   GUGTXCAC 
_entity_poly.pdbx_strand_id                 A,B,C 
_entity_poly.pdbx_target_identifier         ? 
# 
loop_
_entity_poly_seq.entity_id 
_entity_poly_seq.num 
_entity_poly_seq.mon_id 
_entity_poly_seq.hetero 
1 1 DG  n 
1 2 OMU n 
1 3 DG  n 
1 4 DT  n 
1 5 5JO n 
1 6 DC  n 
1 7 DA  n 
1 8 DC  n 
# 
_pdbx_entity_src_syn.entity_id              1 
_pdbx_entity_src_syn.pdbx_src_id            1 
_pdbx_entity_src_syn.pdbx_alt_source_flag   sample 
_pdbx_entity_src_syn.pdbx_beg_seq_num       1 
_pdbx_entity_src_syn.pdbx_end_seq_num       8 
_pdbx_entity_src_syn.organism_scientific    'synthetic construct' 
_pdbx_entity_src_syn.organism_common_name   ? 
_pdbx_entity_src_syn.ncbi_taxonomy_id       32630 
_pdbx_entity_src_syn.details                ? 
# 
_struct_ref.db_code                    5E36 
_struct_ref.db_name                    PDB 
_struct_ref.details                    ? 
_struct_ref.entity_id                  1 
_struct_ref.id                         1 
_struct_ref.seq_align                  ? 
_struct_ref.seq_dif                    ? 
_struct_ref.pdbx_db_accession          5E36 
_struct_ref.pdbx_db_isoform            ? 
_struct_ref.pdbx_seq_one_letter_code   ? 
_struct_ref.pdbx_align_begin           1 
_struct_ref.pdbx_align_end             ? 
# 
loop_
_struct_ref_seq.align_id 
_struct_ref_seq.ref_id 
_struct_ref_seq.pdbx_PDB_id_code 
_struct_ref_seq.pdbx_strand_id 
_struct_ref_seq.seq_align_beg 
_struct_ref_seq.pdbx_seq_align_beg_ins_code 
_struct_ref_seq.seq_align_end 
_struct_ref_seq.pdbx_seq_align_end_ins_code 
_struct_ref_seq.pdbx_db_accession 
_struct_ref_seq.db_align_beg 
_struct_ref_seq.pdbx_db_align_beg_ins_code 
_struct_ref_seq.db_align_end 
_struct_ref_seq.pdbx_db_align_end_ins_code 
_struct_ref_seq.pdbx_auth_seq_align_beg 
_struct_ref_seq.pdbx_auth_seq_align_end 
1 1 5E36 A 1 ? 8 ? 5E36 1 ? 8 ? 1 8 
2 1 5E36 B 1 ? 8 ? 5E36 1 ? 8 ? 1 8 
3 1 5E36 C 1 ? 8 ? 5E36 1 ? 8 ? 1 8 
# 
loop_
_chem_comp.id 
_chem_comp.type 
_chem_comp.mon_nstd_flag 
_chem_comp.name 
_chem_comp.pdbx_synonyms 
_chem_comp.formula 
_chem_comp.formula_weight 
5JO 'RNA linking' . 
;2'-O-prop-2-yn-1-yladenosine 5'-(dihydrogen phosphate)
;
"2'-Propargyl-Adenosine" 'C13 H16 N5 O7 P' 385.269 
DA  'DNA linking' y "2'-DEOXYADENOSINE-5'-MONOPHOSPHATE"                     ?                        'C10 H14 N5 O6 P' 331.222 
DC  'DNA linking' y "2'-DEOXYCYTIDINE-5'-MONOPHOSPHATE"                      ?                        'C9 H14 N3 O7 P'  307.197 
DG  'DNA linking' y "2'-DEOXYGUANOSINE-5'-MONOPHOSPHATE"                     ?                        'C10 H14 N5 O7 P' 347.221 
DT  'DNA linking' y "THYMIDINE-5'-MONOPHOSPHATE"                             ?                        'C10 H15 N2 O8 P' 322.208 
HOH non-polymer   . WATER                                                    ?                        'H2 O'            18.015  
MG  non-polymer   . 'MAGNESIUM ION'                                          ?                        'Mg 2'            24.305  
OMU 'RNA linking' n 
;O2'-METHYLURIDINE 5'-MONOPHOSPHATE
;
?                        'C10 H15 N2 O9 P' 338.208 
# 
_exptl.absorpt_coefficient_mu     ? 
_exptl.absorpt_correction_T_max   ? 
_exptl.absorpt_correction_T_min   ? 
_exptl.absorpt_correction_type    ? 
_exptl.absorpt_process_details    ? 
_exptl.entry_id                   5E36 
_exptl.crystals_number            1 
_exptl.details                    ? 
_exptl.method                     'X-RAY DIFFRACTION' 
_exptl.method_details             ? 
# 
_exptl_crystal.colour                      ? 
_exptl_crystal.density_diffrn              ? 
_exptl_crystal.density_Matthews            2.34 
_exptl_crystal.density_method              ? 
_exptl_crystal.density_percent_sol         47.36 
_exptl_crystal.description                 ? 
_exptl_crystal.F_000                       ? 
_exptl_crystal.id                          1 
_exptl_crystal.preparation                 ? 
_exptl_crystal.size_max                    ? 
_exptl_crystal.size_mid                    ? 
_exptl_crystal.size_min                    ? 
_exptl_crystal.size_rad                    ? 
_exptl_crystal.colour_lustre               ? 
_exptl_crystal.colour_modifier             ? 
_exptl_crystal.colour_primary              ? 
_exptl_crystal.density_meas                ? 
_exptl_crystal.density_meas_esd            ? 
_exptl_crystal.density_meas_gt             ? 
_exptl_crystal.density_meas_lt             ? 
_exptl_crystal.density_meas_temp           ? 
_exptl_crystal.density_meas_temp_esd       ? 
_exptl_crystal.density_meas_temp_gt        ? 
_exptl_crystal.density_meas_temp_lt        ? 
_exptl_crystal.pdbx_crystal_image_url      ? 
_exptl_crystal.pdbx_crystal_image_format   ? 
_exptl_crystal.pdbx_mosaicity              ? 
_exptl_crystal.pdbx_mosaicity_esd          ? 
# 
_exptl_crystal_grow.apparatus       ? 
_exptl_crystal_grow.atmosphere      ? 
_exptl_crystal_grow.crystal_id      1 
_exptl_crystal_grow.details         ? 
_exptl_crystal_grow.method          'VAPOR DIFFUSION, HANGING DROP' 
_exptl_crystal_grow.method_ref      ? 
_exptl_crystal_grow.pH              7 
_exptl_crystal_grow.pressure        ? 
_exptl_crystal_grow.pressure_esd    ? 
_exptl_crystal_grow.seeding         ? 
_exptl_crystal_grow.seeding_ref     ? 
_exptl_crystal_grow.temp            298 
_exptl_crystal_grow.temp_details    ? 
_exptl_crystal_grow.temp_esd        ? 
_exptl_crystal_grow.time            ? 
_exptl_crystal_grow.pdbx_details    
;10% 2-methyl-2,4-pentanediol (MPD), 40 mMsodiumcacodylate(pH 7.0), 12 mMspermine tetra-HCl, 40 mMLiCl, 80 mMstrontium chloride and 20 mM magnesium chloride.
;
_exptl_crystal_grow.pdbx_pH_range   ? 
# 
_diffrn.ambient_environment    ? 
_diffrn.ambient_temp           99 
_diffrn.ambient_temp_details   ? 
_diffrn.ambient_temp_esd       ? 
_diffrn.crystal_id             1 
_diffrn.crystal_support        ? 
_diffrn.crystal_treatment      ? 
_diffrn.details                ? 
_diffrn.id                     1 
_diffrn.ambient_pressure       ? 
_diffrn.ambient_pressure_esd   ? 
_diffrn.ambient_pressure_gt    ? 
_diffrn.ambient_pressure_lt    ? 
_diffrn.ambient_temp_gt        ? 
_diffrn.ambient_temp_lt        ? 
# 
_diffrn_detector.details                      ? 
_diffrn_detector.detector                     CCD 
_diffrn_detector.diffrn_id                    1 
_diffrn_detector.type                         'ADSC QUANTUM 315r' 
_diffrn_detector.area_resol_mean              ? 
_diffrn_detector.dtime                        ? 
_diffrn_detector.pdbx_frames_total            ? 
_diffrn_detector.pdbx_collection_time_total   ? 
_diffrn_detector.pdbx_collection_date         2014-09-15 
# 
_diffrn_radiation.collimation                      ? 
_diffrn_radiation.diffrn_id                        1 
_diffrn_radiation.filter_edge                      ? 
_diffrn_radiation.inhomogeneity                    ? 
_diffrn_radiation.monochromator                    'Double crystal, Si(111)' 
_diffrn_radiation.polarisn_norm                    ? 
_diffrn_radiation.polarisn_ratio                   ? 
_diffrn_radiation.probe                            ? 
_diffrn_radiation.type                             ? 
_diffrn_radiation.xray_symbol                      ? 
_diffrn_radiation.wavelength_id                    1 
_diffrn_radiation.pdbx_monochromatic_or_laue_m_l   M 
_diffrn_radiation.pdbx_wavelength_list             ? 
_diffrn_radiation.pdbx_wavelength                  ? 
_diffrn_radiation.pdbx_diffrn_protocol             'SINGLE WAVELENGTH' 
_diffrn_radiation.pdbx_analyzer                    ? 
_diffrn_radiation.pdbx_scattering_type             x-ray 
# 
_diffrn_radiation_wavelength.id           1 
_diffrn_radiation_wavelength.wavelength   1 
_diffrn_radiation_wavelength.wt           1.0 
# 
_diffrn_source.current                     ? 
_diffrn_source.details                     ? 
_diffrn_source.diffrn_id                   1 
_diffrn_source.power                       ? 
_diffrn_source.size                        ? 
_diffrn_source.source                      SYNCHROTRON 
_diffrn_source.target                      ? 
_diffrn_source.type                        'ALS BEAMLINE 8.2.1' 
_diffrn_source.voltage                     ? 
_diffrn_source.take-off_angle              ? 
_diffrn_source.pdbx_wavelength_list        1 
_diffrn_source.pdbx_wavelength             ? 
_diffrn_source.pdbx_synchrotron_beamline   8.2.1 
_diffrn_source.pdbx_synchrotron_site       ALS 
# 
_reflns.B_iso_Wilson_estimate            ? 
_reflns.entry_id                         5E36 
_reflns.data_reduction_details           ? 
_reflns.data_reduction_method            ? 
_reflns.d_resolution_high                1.6 
_reflns.d_resolution_low                 30 
_reflns.details                          ? 
_reflns.limit_h_max                      ? 
_reflns.limit_h_min                      ? 
_reflns.limit_k_max                      ? 
_reflns.limit_k_min                      ? 
_reflns.limit_l_max                      ? 
_reflns.limit_l_min                      ? 
_reflns.number_all                       ? 
_reflns.number_obs                       9231 
_reflns.observed_criterion               ? 
_reflns.observed_criterion_F_max         ? 
_reflns.observed_criterion_F_min         ? 
_reflns.observed_criterion_I_max         ? 
_reflns.observed_criterion_I_min         ? 
_reflns.observed_criterion_sigma_F       ? 
_reflns.observed_criterion_sigma_I       ? 
_reflns.percent_possible_obs             98.9 
_reflns.R_free_details                   ? 
_reflns.Rmerge_F_all                     ? 
_reflns.Rmerge_F_obs                     ? 
_reflns.Friedel_coverage                 ? 
_reflns.number_gt                        ? 
_reflns.threshold_expression             ? 
_reflns.pdbx_redundancy                  5.7 
_reflns.pdbx_Rmerge_I_obs                0.072 
_reflns.pdbx_Rmerge_I_all                ? 
_reflns.pdbx_Rsym_value                  ? 
_reflns.pdbx_netI_over_av_sigmaI         ? 
_reflns.pdbx_netI_over_sigmaI            30.94 
_reflns.pdbx_res_netI_over_av_sigmaI_2   ? 
_reflns.pdbx_res_netI_over_sigmaI_2      ? 
_reflns.pdbx_chi_squared                 ? 
_reflns.pdbx_scaling_rejects             ? 
_reflns.pdbx_d_res_high_opt              ? 
_reflns.pdbx_d_res_low_opt               ? 
_reflns.pdbx_d_res_opt_method            ? 
_reflns.phase_calculation_details        ? 
_reflns.pdbx_Rrim_I_all                  ? 
_reflns.pdbx_Rpim_I_all                  ? 
_reflns.pdbx_d_opt                       ? 
_reflns.pdbx_number_measured_all         ? 
_reflns.pdbx_diffrn_id                   1 
_reflns.pdbx_ordinal                     1 
_reflns.pdbx_CC_half                     ? 
_reflns.pdbx_R_split                     ? 
# 
_reflns_shell.d_res_high                  1.60 
_reflns_shell.d_res_low                   1.66 
_reflns_shell.meanI_over_sigI_all         ? 
_reflns_shell.meanI_over_sigI_obs         6.96 
_reflns_shell.number_measured_all         ? 
_reflns_shell.number_measured_obs         ? 
_reflns_shell.number_possible             ? 
_reflns_shell.number_unique_all           ? 
_reflns_shell.number_unique_obs           ? 
_reflns_shell.percent_possible_all        96.9 
_reflns_shell.percent_possible_obs        ? 
_reflns_shell.Rmerge_F_all                ? 
_reflns_shell.Rmerge_F_obs                ? 
_reflns_shell.Rmerge_I_all                ? 
_reflns_shell.Rmerge_I_obs                0.222 
_reflns_shell.meanI_over_sigI_gt          ? 
_reflns_shell.meanI_over_uI_all           ? 
_reflns_shell.meanI_over_uI_gt            ? 
_reflns_shell.number_measured_gt          ? 
_reflns_shell.number_unique_gt            ? 
_reflns_shell.percent_possible_gt         ? 
_reflns_shell.Rmerge_F_gt                 ? 
_reflns_shell.Rmerge_I_gt                 ? 
_reflns_shell.pdbx_redundancy             4.8 
_reflns_shell.pdbx_Rsym_value             ? 
_reflns_shell.pdbx_chi_squared            ? 
_reflns_shell.pdbx_netI_over_sigmaI_all   ? 
_reflns_shell.pdbx_netI_over_sigmaI_obs   ? 
_reflns_shell.pdbx_Rrim_I_all             ? 
_reflns_shell.pdbx_Rpim_I_all             ? 
_reflns_shell.pdbx_rejects                ? 
_reflns_shell.pdbx_ordinal                1 
_reflns_shell.pdbx_diffrn_id              1 
_reflns_shell.pdbx_CC_half                ? 
_reflns_shell.pdbx_R_split                ? 
# 
_refine.aniso_B[1][1]                            -3.27 
_refine.aniso_B[1][2]                            -0.00 
_refine.aniso_B[1][3]                            0.00 
_refine.aniso_B[2][2]                            5.71 
_refine.aniso_B[2][3]                            -0.00 
_refine.aniso_B[3][3]                            -2.44 
_refine.B_iso_max                                ? 
_refine.B_iso_mean                               10.874 
_refine.B_iso_min                                ? 
_refine.correlation_coeff_Fo_to_Fc               0.973 
_refine.correlation_coeff_Fo_to_Fc_free          0.967 
_refine.details                                  'HYDROGENS HAVE BEEN ADDED IN THE RIDING POSITIONS' 
_refine.diff_density_max                         ? 
_refine.diff_density_max_esd                     ? 
_refine.diff_density_min                         ? 
_refine.diff_density_min_esd                     ? 
_refine.diff_density_rms                         ? 
_refine.diff_density_rms_esd                     ? 
_refine.entry_id                                 5E36 
_refine.pdbx_refine_id                           'X-RAY DIFFRACTION' 
_refine.ls_abs_structure_details                 ? 
_refine.ls_abs_structure_Flack                   ? 
_refine.ls_abs_structure_Flack_esd               ? 
_refine.ls_abs_structure_Rogers                  ? 
_refine.ls_abs_structure_Rogers_esd              ? 
_refine.ls_d_res_high                            1.60 
_refine.ls_d_res_low                             27.76 
_refine.ls_extinction_coef                       ? 
_refine.ls_extinction_coef_esd                   ? 
_refine.ls_extinction_expression                 ? 
_refine.ls_extinction_method                     ? 
_refine.ls_goodness_of_fit_all                   ? 
_refine.ls_goodness_of_fit_all_esd               ? 
_refine.ls_goodness_of_fit_obs                   ? 
_refine.ls_goodness_of_fit_obs_esd               ? 
_refine.ls_hydrogen_treatment                    ? 
_refine.ls_matrix_type                           ? 
_refine.ls_number_constraints                    ? 
_refine.ls_number_parameters                     ? 
_refine.ls_number_reflns_all                     ? 
_refine.ls_number_reflns_obs                     8752 
_refine.ls_number_reflns_R_free                  457 
_refine.ls_number_reflns_R_work                  ? 
_refine.ls_number_restraints                     ? 
_refine.ls_percent_reflns_obs                    98.61 
_refine.ls_percent_reflns_R_free                 5.0 
_refine.ls_R_factor_all                          ? 
_refine.ls_R_factor_obs                          0.13835 
_refine.ls_R_factor_R_free                       0.16118 
_refine.ls_R_factor_R_free_error                 ? 
_refine.ls_R_factor_R_free_error_details         ? 
_refine.ls_R_factor_R_work                       0.13720 
_refine.ls_R_Fsqd_factor_obs                     ? 
_refine.ls_R_I_factor_obs                        ? 
_refine.ls_redundancy_reflns_all                 ? 
_refine.ls_redundancy_reflns_obs                 ? 
_refine.ls_restrained_S_all                      ? 
_refine.ls_restrained_S_obs                      ? 
_refine.ls_shift_over_esd_max                    ? 
_refine.ls_shift_over_esd_mean                   ? 
_refine.ls_structure_factor_coef                 ? 
_refine.ls_weighting_details                     ? 
_refine.ls_weighting_scheme                      ? 
_refine.ls_wR_factor_all                         ? 
_refine.ls_wR_factor_obs                         ? 
_refine.ls_wR_factor_R_free                      ? 
_refine.ls_wR_factor_R_work                      ? 
_refine.occupancy_max                            ? 
_refine.occupancy_min                            ? 
_refine.solvent_model_details                    MASK 
_refine.solvent_model_param_bsol                 ? 
_refine.solvent_model_param_ksol                 ? 
_refine.ls_R_factor_gt                           ? 
_refine.ls_goodness_of_fit_gt                    ? 
_refine.ls_goodness_of_fit_ref                   ? 
_refine.ls_shift_over_su_max                     ? 
_refine.ls_shift_over_su_max_lt                  ? 
_refine.ls_shift_over_su_mean                    ? 
_refine.ls_shift_over_su_mean_lt                 ? 
_refine.pdbx_ls_sigma_I                          ? 
_refine.pdbx_ls_sigma_F                          ? 
_refine.pdbx_ls_sigma_Fsqd                       ? 
_refine.pdbx_data_cutoff_high_absF               ? 
_refine.pdbx_data_cutoff_high_rms_absF           ? 
_refine.pdbx_data_cutoff_low_absF                ? 
_refine.pdbx_isotropic_thermal_model             ? 
_refine.pdbx_ls_cross_valid_method               THROUGHOUT 
_refine.pdbx_method_to_determine_struct          'MOLECULAR REPLACEMENT' 
_refine.pdbx_starting_model                      1Z7I 
_refine.pdbx_stereochemistry_target_values       'MAXIMUM LIKELIHOOD' 
_refine.pdbx_R_Free_selection_details            RANDOM 
_refine.pdbx_stereochem_target_val_spec_case     ? 
_refine.pdbx_overall_ESU_R                       0.016 
_refine.pdbx_overall_ESU_R_Free                  0.016 
_refine.pdbx_solvent_vdw_probe_radii             1.20 
_refine.pdbx_solvent_ion_probe_radii             0.80 
_refine.pdbx_solvent_shrinkage_radii             0.80 
_refine.pdbx_real_space_R                        ? 
_refine.pdbx_density_correlation                 ? 
_refine.pdbx_pd_number_of_powder_patterns        ? 
_refine.pdbx_pd_number_of_points                 ? 
_refine.pdbx_pd_meas_number_of_points            ? 
_refine.pdbx_pd_proc_ls_prof_R_factor            ? 
_refine.pdbx_pd_proc_ls_prof_wR_factor           ? 
_refine.pdbx_pd_Marquardt_correlation_coeff      ? 
_refine.pdbx_pd_Fsqrd_R_factor                   ? 
_refine.pdbx_pd_ls_matrix_band_width             ? 
_refine.pdbx_overall_phase_error                 ? 
_refine.pdbx_overall_SU_R_free_Cruickshank_DPI   ? 
_refine.pdbx_overall_SU_R_free_Blow_DPI          ? 
_refine.pdbx_overall_SU_R_Blow_DPI               ? 
_refine.pdbx_TLS_residual_ADP_flag               ? 
_refine.pdbx_diffrn_id                           1 
_refine.overall_SU_B                             1.398 
_refine.overall_SU_ML                            0.048 
_refine.overall_SU_R_Cruickshank_DPI             ? 
_refine.overall_SU_R_free                        ? 
_refine.overall_FOM_free_R_set                   ? 
_refine.overall_FOM_work_R_set                   ? 
_refine.pdbx_average_fsc_overall                 ? 
_refine.pdbx_average_fsc_work                    ? 
_refine.pdbx_average_fsc_free                    ? 
# 
_refine_hist.pdbx_refine_id                   'X-RAY DIFFRACTION' 
_refine_hist.cycle_id                         1 
_refine_hist.pdbx_number_atoms_protein        0 
_refine_hist.pdbx_number_atoms_nucleic_acid   498 
_refine_hist.pdbx_number_atoms_ligand         2 
_refine_hist.number_atoms_solvent             204 
_refine_hist.number_atoms_total               704 
_refine_hist.d_res_high                       1.60 
_refine_hist.d_res_low                        27.76 
# 
loop_
_refine_ls_restr.pdbx_refine_id 
_refine_ls_restr.criterion 
_refine_ls_restr.dev_ideal 
_refine_ls_restr.dev_ideal_target 
_refine_ls_restr.number 
_refine_ls_restr.rejects 
_refine_ls_restr.type 
_refine_ls_restr.weight 
_refine_ls_restr.pdbx_restraint_function 
'X-RAY DIFFRACTION' ? 0.009 0.012 555 ? r_bond_refined_d             ? ? 
'X-RAY DIFFRACTION' ? 0.002 0.020 267 ? r_bond_other_d               ? ? 
'X-RAY DIFFRACTION' ? 1.650 1.393 846 ? r_angle_refined_deg          ? ? 
'X-RAY DIFFRACTION' ? 2.605 3.000 630 ? r_angle_other_deg            ? ? 
'X-RAY DIFFRACTION' ? ?     ?     ?   ? r_dihedral_angle_1_deg       ? ? 
'X-RAY DIFFRACTION' ? ?     ?     ?   ? r_dihedral_angle_2_deg       ? ? 
'X-RAY DIFFRACTION' ? ?     ?     ?   ? r_dihedral_angle_3_deg       ? ? 
'X-RAY DIFFRACTION' ? ?     ?     ?   ? r_dihedral_angle_4_deg       ? ? 
'X-RAY DIFFRACTION' ? 0.457 0.200 81  ? r_chiral_restr               ? ? 
'X-RAY DIFFRACTION' ? 0.007 0.020 279 ? r_gen_planes_refined         ? ? 
'X-RAY DIFFRACTION' ? 0.001 0.020 114 ? r_gen_planes_other           ? ? 
'X-RAY DIFFRACTION' ? ?     ?     ?   ? r_nbd_refined                ? ? 
'X-RAY DIFFRACTION' ? ?     ?     ?   ? r_nbd_other                  ? ? 
'X-RAY DIFFRACTION' ? ?     ?     ?   ? r_nbtor_refined              ? ? 
'X-RAY DIFFRACTION' ? ?     ?     ?   ? r_nbtor_other                ? ? 
'X-RAY DIFFRACTION' ? ?     ?     ?   ? r_xyhbond_nbd_refined        ? ? 
'X-RAY DIFFRACTION' ? ?     ?     ?   ? r_xyhbond_nbd_other          ? ? 
'X-RAY DIFFRACTION' ? ?     ?     ?   ? r_metal_ion_refined          ? ? 
'X-RAY DIFFRACTION' ? ?     ?     ?   ? r_metal_ion_other            ? ? 
'X-RAY DIFFRACTION' ? ?     ?     ?   ? r_symmetry_vdw_refined       ? ? 
'X-RAY DIFFRACTION' ? ?     ?     ?   ? r_symmetry_vdw_other         ? ? 
'X-RAY DIFFRACTION' ? ?     ?     ?   ? r_symmetry_hbond_refined     ? ? 
'X-RAY DIFFRACTION' ? ?     ?     ?   ? r_symmetry_hbond_other       ? ? 
'X-RAY DIFFRACTION' ? ?     ?     ?   ? r_symmetry_metal_ion_refined ? ? 
'X-RAY DIFFRACTION' ? ?     ?     ?   ? r_symmetry_metal_ion_other   ? ? 
'X-RAY DIFFRACTION' ? ?     ?     ?   ? r_mcbond_it                  ? ? 
'X-RAY DIFFRACTION' ? ?     ?     ?   ? r_mcbond_other               ? ? 
'X-RAY DIFFRACTION' ? ?     ?     ?   ? r_mcangle_it                 ? ? 
'X-RAY DIFFRACTION' ? ?     ?     ?   ? r_mcangle_other              ? ? 
'X-RAY DIFFRACTION' ? ?     ?     ?   ? r_scbond_it                  ? ? 
'X-RAY DIFFRACTION' ? ?     ?     ?   ? r_scbond_other               ? ? 
'X-RAY DIFFRACTION' ? ?     ?     ?   ? r_scangle_it                 ? ? 
'X-RAY DIFFRACTION' ? ?     ?     ?   ? r_scangle_other              ? ? 
'X-RAY DIFFRACTION' ? ?     ?     ?   ? r_long_range_B_refined       ? ? 
'X-RAY DIFFRACTION' ? ?     ?     ?   ? r_long_range_B_other         ? ? 
'X-RAY DIFFRACTION' ? ?     ?     ?   ? r_rigid_bond_restr           ? ? 
'X-RAY DIFFRACTION' ? ?     ?     ?   ? r_sphericity_free            ? ? 
'X-RAY DIFFRACTION' ? ?     ?     ?   ? r_sphericity_bonded          ? ? 
# 
_refine_ls_shell.pdbx_refine_id                   'X-RAY DIFFRACTION' 
_refine_ls_shell.d_res_high                       1.594 
_refine_ls_shell.d_res_low                        1.635 
_refine_ls_shell.number_reflns_all                ? 
_refine_ls_shell.number_reflns_obs                ? 
_refine_ls_shell.number_reflns_R_free             30 
_refine_ls_shell.number_reflns_R_work             582 
_refine_ls_shell.percent_reflns_obs               91.34 
_refine_ls_shell.percent_reflns_R_free            ? 
_refine_ls_shell.R_factor_all                     ? 
_refine_ls_shell.R_factor_obs                     ? 
_refine_ls_shell.R_factor_R_free                  0.156 
_refine_ls_shell.R_factor_R_free_error            ? 
_refine_ls_shell.R_factor_R_work                  0.158 
_refine_ls_shell.redundancy_reflns_all            ? 
_refine_ls_shell.redundancy_reflns_obs            ? 
_refine_ls_shell.wR_factor_all                    ? 
_refine_ls_shell.wR_factor_obs                    ? 
_refine_ls_shell.wR_factor_R_free                 ? 
_refine_ls_shell.wR_factor_R_work                 ? 
_refine_ls_shell.pdbx_total_number_of_bins_used   20 
_refine_ls_shell.pdbx_phase_error                 ? 
_refine_ls_shell.pdbx_fsc_work                    ? 
_refine_ls_shell.pdbx_fsc_free                    ? 
# 
_struct.entry_id                     5E36 
_struct.title                        
;Crystal structure of 2'-propargyl-modified DNA 8mer-duplex
;
_struct.pdbx_model_details           ? 
_struct.pdbx_formula_weight          ? 
_struct.pdbx_formula_weight_method   ? 
_struct.pdbx_model_type_details      ? 
_struct.pdbx_CASP_flag               ? 
# 
_struct_keywords.entry_id        5E36 
_struct_keywords.text            
;Modified DNA, 2'-propargyl, DNA
;
_struct_keywords.pdbx_keywords   DNA 
# 
loop_
_struct_asym.id 
_struct_asym.pdbx_blank_PDB_chainid_flag 
_struct_asym.pdbx_modified 
_struct_asym.entity_id 
_struct_asym.details 
A N N 1 ? 
B N N 1 ? 
C N N 1 ? 
D N N 2 ? 
E N N 2 ? 
F N N 3 ? 
G N N 3 ? 
H N N 3 ? 
# 
loop_
_struct_conn.id 
_struct_conn.conn_type_id 
_struct_conn.pdbx_leaving_atom_flag 
_struct_conn.pdbx_PDB_id 
_struct_conn.ptnr1_label_asym_id 
_struct_conn.ptnr1_label_comp_id 
_struct_conn.ptnr1_label_seq_id 
_struct_conn.ptnr1_label_atom_id 
_struct_conn.pdbx_ptnr1_label_alt_id 
_struct_conn.pdbx_ptnr1_PDB_ins_code 
_struct_conn.pdbx_ptnr1_standard_comp_id 
_struct_conn.ptnr1_symmetry 
_struct_conn.ptnr2_label_asym_id 
_struct_conn.ptnr2_label_comp_id 
_struct_conn.ptnr2_label_seq_id 
_struct_conn.ptnr2_label_atom_id 
_struct_conn.pdbx_ptnr2_label_alt_id 
_struct_conn.pdbx_ptnr2_PDB_ins_code 
_struct_conn.ptnr1_auth_asym_id 
_struct_conn.ptnr1_auth_comp_id 
_struct_conn.ptnr1_auth_seq_id 
_struct_conn.ptnr2_auth_asym_id 
_struct_conn.ptnr2_auth_comp_id 
_struct_conn.ptnr2_auth_seq_id 
_struct_conn.ptnr2_symmetry 
_struct_conn.pdbx_ptnr3_label_atom_id 
_struct_conn.pdbx_ptnr3_label_seq_id 
_struct_conn.pdbx_ptnr3_label_comp_id 
_struct_conn.pdbx_ptnr3_label_asym_id 
_struct_conn.pdbx_ptnr3_label_alt_id 
_struct_conn.pdbx_ptnr3_PDB_ins_code 
_struct_conn.details 
_struct_conn.pdbx_dist_value 
_struct_conn.pdbx_value_order 
_struct_conn.pdbx_role 
covale1  covale both ? A DG  1 "O3'" ? ? ? 1_555 A OMU 2 P  ? ? A DG  1   A OMU 2   1_555 ? ? ? ? ? ? ?            1.598 ? ? 
covale2  covale both ? A OMU 2 "O3'" ? ? ? 1_555 A DG  3 P  ? ? A OMU 2   A DG  3   1_555 ? ? ? ? ? ? ?            1.596 ? ? 
covale3  covale both ? A DT  4 "O3'" ? ? ? 1_555 A 5JO 5 P  ? ? A DT  4   A 5JO 5   1_555 ? ? ? ? ? ? ?            1.600 ? ? 
covale4  covale one  ? A 5JO 5 "O3'" ? ? ? 1_555 A DC  6 P  ? ? A 5JO 5   A DC  6   1_555 ? ? ? ? ? ? ?            1.610 ? ? 
covale5  covale both ? B DG  1 "O3'" ? ? ? 1_555 B OMU 2 P  ? ? B DG  1   B OMU 2   1_555 ? ? ? ? ? ? ?            1.615 ? ? 
covale6  covale both ? B OMU 2 "O3'" ? ? ? 1_555 B DG  3 P  ? ? B OMU 2   B DG  3   1_555 ? ? ? ? ? ? ?            1.614 ? ? 
covale7  covale both ? B DT  4 "O3'" ? ? ? 1_555 B 5JO 5 P  ? ? B DT  4   B 5JO 5   1_555 ? ? ? ? ? ? ?            1.594 ? ? 
covale8  covale one  ? B 5JO 5 "O3'" ? ? ? 1_555 B DC  6 P  ? ? B 5JO 5   B DC  6   1_555 ? ? ? ? ? ? ?            1.603 ? ? 
covale9  covale both ? C DG  1 "O3'" ? ? ? 1_555 C OMU 2 P  ? ? C DG  1   C OMU 2   1_555 ? ? ? ? ? ? ?            1.611 ? ? 
covale10 covale both ? C OMU 2 "O3'" ? ? ? 1_555 C DG  3 P  ? ? C OMU 2   C DG  3   1_555 ? ? ? ? ? ? ?            1.597 ? ? 
covale11 covale both ? C DT  4 "O3'" ? ? ? 1_555 C 5JO 5 P  ? ? C DT  4   C 5JO 5   1_555 ? ? ? ? ? ? ?            1.593 ? ? 
covale12 covale one  ? C 5JO 5 "O3'" ? ? ? 1_555 C DC  6 P  ? ? C 5JO 5   C DC  6   1_555 ? ? ? ? ? ? ?            1.597 ? ? 
metalc1  metalc ?    ? D MG  . MG    ? ? ? 1_555 F HOH . O  ? ? A MG  101 A HOH 225 1_555 ? ? ? ? ? ? ?            2.212 ? ? 
metalc2  metalc ?    ? D MG  . MG    ? ? ? 1_555 F HOH . O  ? ? A MG  101 A HOH 233 1_555 ? ? ? ? ? ? ?            2.326 ? ? 
metalc3  metalc ?    ? D MG  . MG    ? ? ? 1_555 F HOH . O  ? ? A MG  101 A HOH 264 1_555 ? ? ? ? ? ? ?            2.058 ? ? 
metalc4  metalc ?    ? D MG  . MG    ? ? ? 1_555 G HOH . O  ? ? A MG  101 B HOH 221 1_555 ? ? ? ? ? ? ?            2.350 ? ? 
metalc5  metalc ?    ? D MG  . MG    ? ? ? 1_555 G HOH . O  ? ? A MG  101 B HOH 257 1_555 ? ? ? ? ? ? ?            2.047 ? ? 
metalc6  metalc ?    ? E MG  . MG    ? ? ? 1_555 G HOH . O  ? ? B MG  101 B HOH 241 1_555 ? ? ? ? ? ? ?            2.505 ? ? 
metalc7  metalc ?    ? E MG  . MG    ? ? ? 1_555 G HOH . O  ? ? B MG  101 B HOH 241 3_554 ? ? ? ? ? ? ?            2.505 ? ? 
metalc8  metalc ?    ? E MG  . MG    ? ? ? 1_555 H HOH . O  ? ? B MG  101 C HOH 124 1_555 ? ? ? ? ? ? ?            2.430 ? ? 
metalc9  metalc ?    ? E MG  . MG    ? ? ? 1_555 H HOH . O  ? ? B MG  101 C HOH 124 3_554 ? ? ? ? ? ? ?            2.430 ? ? 
metalc10 metalc ?    ? E MG  . MG    ? ? ? 1_555 H HOH . O  ? ? B MG  101 C HOH 132 1_555 ? ? ? ? ? ? ?            2.166 ? ? 
metalc11 metalc ?    ? E MG  . MG    ? ? ? 1_555 H HOH . O  ? ? B MG  101 C HOH 132 3_554 ? ? ? ? ? ? ?            2.166 ? ? 
hydrog1  hydrog ?    ? A DG  1 N1    ? ? ? 1_555 B DC  8 N3 ? ? A DG  1   B DC  8   1_555 ? ? ? ? ? ? WATSON-CRICK ?     ? ? 
hydrog2  hydrog ?    ? A DG  1 N2    ? ? ? 1_555 B DC  8 O2 ? ? A DG  1   B DC  8   1_555 ? ? ? ? ? ? WATSON-CRICK ?     ? ? 
hydrog3  hydrog ?    ? A DG  1 O6    ? ? ? 1_555 B DC  8 N4 ? ? A DG  1   B DC  8   1_555 ? ? ? ? ? ? WATSON-CRICK ?     ? ? 
hydrog4  hydrog ?    ? A OMU 2 N3    ? ? ? 1_555 B DA  7 N1 ? ? A OMU 2   B DA  7   1_555 ? ? ? ? ? ? WATSON-CRICK ?     ? ? 
hydrog5  hydrog ?    ? A OMU 2 O4    ? ? ? 1_555 B DA  7 N6 ? ? A OMU 2   B DA  7   1_555 ? ? ? ? ? ? WATSON-CRICK ?     ? ? 
hydrog6  hydrog ?    ? A DG  3 N1    ? ? ? 1_555 B DC  6 N3 ? ? A DG  3   B DC  6   1_555 ? ? ? ? ? ? WATSON-CRICK ?     ? ? 
hydrog7  hydrog ?    ? A DG  3 N2    ? ? ? 1_555 B DC  6 O2 ? ? A DG  3   B DC  6   1_555 ? ? ? ? ? ? WATSON-CRICK ?     ? ? 
hydrog8  hydrog ?    ? A DG  3 O6    ? ? ? 1_555 B DC  6 N4 ? ? A DG  3   B DC  6   1_555 ? ? ? ? ? ? WATSON-CRICK ?     ? ? 
hydrog9  hydrog ?    ? A DC  6 N3    ? ? ? 1_555 B DG  3 N1 ? ? A DC  6   B DG  3   1_555 ? ? ? ? ? ? WATSON-CRICK ?     ? ? 
hydrog10 hydrog ?    ? A DC  6 N4    ? ? ? 1_555 B DG  3 O6 ? ? A DC  6   B DG  3   1_555 ? ? ? ? ? ? WATSON-CRICK ?     ? ? 
hydrog11 hydrog ?    ? A DC  6 O2    ? ? ? 1_555 B DG  3 N2 ? ? A DC  6   B DG  3   1_555 ? ? ? ? ? ? WATSON-CRICK ?     ? ? 
hydrog12 hydrog ?    ? A DA  7 N1    ? ? ? 1_555 B OMU 2 N3 ? ? A DA  7   B OMU 2   1_555 ? ? ? ? ? ? WATSON-CRICK ?     ? ? 
hydrog13 hydrog ?    ? A DA  7 N6    ? ? ? 1_555 B OMU 2 O4 ? ? A DA  7   B OMU 2   1_555 ? ? ? ? ? ? WATSON-CRICK ?     ? ? 
hydrog14 hydrog ?    ? A DC  8 N3    ? ? ? 1_555 B DG  1 N1 ? ? A DC  8   B DG  1   1_555 ? ? ? ? ? ? WATSON-CRICK ?     ? ? 
hydrog15 hydrog ?    ? A DC  8 N4    ? ? ? 1_555 B DG  1 O6 ? ? A DC  8   B DG  1   1_555 ? ? ? ? ? ? WATSON-CRICK ?     ? ? 
hydrog16 hydrog ?    ? A DC  8 O2    ? ? ? 1_555 B DG  1 N2 ? ? A DC  8   B DG  1   1_555 ? ? ? ? ? ? WATSON-CRICK ?     ? ? 
hydrog17 hydrog ?    ? C DG  1 N1    ? ? ? 1_555 C DC  8 N3 ? ? C DG  1   C DC  8   3_554 ? ? ? ? ? ? WATSON-CRICK ?     ? ? 
hydrog18 hydrog ?    ? C DG  1 N2    ? ? ? 1_555 C DC  8 O2 ? ? C DG  1   C DC  8   3_554 ? ? ? ? ? ? WATSON-CRICK ?     ? ? 
hydrog19 hydrog ?    ? C DG  1 O6    ? ? ? 1_555 C DC  8 N4 ? ? C DG  1   C DC  8   3_554 ? ? ? ? ? ? WATSON-CRICK ?     ? ? 
hydrog20 hydrog ?    ? C OMU 2 N3    ? ? ? 1_555 C DA  7 N1 ? ? C OMU 2   C DA  7   3_554 ? ? ? ? ? ? WATSON-CRICK ?     ? ? 
hydrog21 hydrog ?    ? C OMU 2 O4    ? ? ? 1_555 C DA  7 N6 ? ? C OMU 2   C DA  7   3_554 ? ? ? ? ? ? WATSON-CRICK ?     ? ? 
hydrog22 hydrog ?    ? C DG  3 N1    ? ? ? 1_555 C DC  6 N3 ? ? C DG  3   C DC  6   3_554 ? ? ? ? ? ? WATSON-CRICK ?     ? ? 
hydrog23 hydrog ?    ? C DG  3 N2    ? ? ? 1_555 C DC  6 O2 ? ? C DG  3   C DC  6   3_554 ? ? ? ? ? ? WATSON-CRICK ?     ? ? 
hydrog24 hydrog ?    ? C DG  3 O6    ? ? ? 1_555 C DC  6 N4 ? ? C DG  3   C DC  6   3_554 ? ? ? ? ? ? WATSON-CRICK ?     ? ? 
hydrog25 hydrog ?    ? C DC  6 N3    ? ? ? 1_555 C DG  3 N1 ? ? C DC  6   C DG  3   3_554 ? ? ? ? ? ? WATSON-CRICK ?     ? ? 
hydrog26 hydrog ?    ? C DC  6 N4    ? ? ? 1_555 C DG  3 O6 ? ? C DC  6   C DG  3   3_554 ? ? ? ? ? ? WATSON-CRICK ?     ? ? 
hydrog27 hydrog ?    ? C DC  6 O2    ? ? ? 1_555 C DG  3 N2 ? ? C DC  6   C DG  3   3_554 ? ? ? ? ? ? WATSON-CRICK ?     ? ? 
hydrog28 hydrog ?    ? C DA  7 N1    ? ? ? 1_555 C OMU 2 N3 ? ? C DA  7   C OMU 2   3_554 ? ? ? ? ? ? WATSON-CRICK ?     ? ? 
hydrog29 hydrog ?    ? C DA  7 N6    ? ? ? 1_555 C OMU 2 O4 ? ? C DA  7   C OMU 2   3_554 ? ? ? ? ? ? WATSON-CRICK ?     ? ? 
hydrog30 hydrog ?    ? C DC  8 N3    ? ? ? 1_555 C DG  1 N1 ? ? C DC  8   C DG  1   3_554 ? ? ? ? ? ? WATSON-CRICK ?     ? ? 
hydrog31 hydrog ?    ? C DC  8 N4    ? ? ? 1_555 C DG  1 O6 ? ? C DC  8   C DG  1   3_554 ? ? ? ? ? ? WATSON-CRICK ?     ? ? 
hydrog32 hydrog ?    ? C DC  8 O2    ? ? ? 1_555 C DG  1 N2 ? ? C DC  8   C DG  1   3_554 ? ? ? ? ? ? WATSON-CRICK ?     ? ? 
# 
loop_
_struct_conn_type.id 
_struct_conn_type.criteria 
_struct_conn_type.reference 
covale ? ? 
metalc ? ? 
hydrog ? ? 
# 
loop_
_struct_site.id 
_struct_site.pdbx_evidence_code 
_struct_site.pdbx_auth_asym_id 
_struct_site.pdbx_auth_comp_id 
_struct_site.pdbx_auth_seq_id 
_struct_site.pdbx_auth_ins_code 
_struct_site.pdbx_num_residues 
_struct_site.details 
AC1 Software A MG 101 ? 7 'binding site for residue MG A 101' 
AC2 Software B MG 101 ? 6 'binding site for residue MG B 101' 
# 
loop_
_struct_site_gen.id 
_struct_site_gen.site_id 
_struct_site_gen.pdbx_num_res 
_struct_site_gen.label_comp_id 
_struct_site_gen.label_asym_id 
_struct_site_gen.label_seq_id 
_struct_site_gen.pdbx_auth_ins_code 
_struct_site_gen.auth_comp_id 
_struct_site_gen.auth_asym_id 
_struct_site_gen.auth_seq_id 
_struct_site_gen.label_atom_id 
_struct_site_gen.label_alt_id 
_struct_site_gen.symmetry 
_struct_site_gen.details 
1  AC1 7 HOH F . ? HOH A 207 . ? 1_555 ? 
2  AC1 7 HOH F . ? HOH A 225 . ? 1_555 ? 
3  AC1 7 HOH F . ? HOH A 233 . ? 1_555 ? 
4  AC1 7 HOH F . ? HOH A 264 . ? 1_555 ? 
5  AC1 7 HOH G . ? HOH B 221 . ? 1_555 ? 
6  AC1 7 HOH G . ? HOH B 257 . ? 1_555 ? 
7  AC1 7 HOH G . ? HOH B 268 . ? 1_555 ? 
8  AC2 6 HOH G . ? HOH B 241 . ? 1_555 ? 
9  AC2 6 HOH G . ? HOH B 241 . ? 3_554 ? 
10 AC2 6 HOH H . ? HOH C 124 . ? 3_554 ? 
11 AC2 6 HOH H . ? HOH C 124 . ? 1_555 ? 
12 AC2 6 HOH H . ? HOH C 132 . ? 3_554 ? 
13 AC2 6 HOH H . ? HOH C 132 . ? 1_555 ? 
# 
_atom_sites.entry_id                    5E36 
_atom_sites.fract_transf_matrix[1][1]   0.00204809 
_atom_sites.fract_transf_matrix[1][2]   0.02627672 
_atom_sites.fract_transf_matrix[1][3]   0.01673216 
_atom_sites.fract_transf_matrix[2][1]   0.01688399 
_atom_sites.fract_transf_matrix[2][2]   -0.00424990 
_atom_sites.fract_transf_matrix[2][3]   0.00460752 
_atom_sites.fract_transf_matrix[3][1]   0.00451557 
_atom_sites.fract_transf_matrix[3][2]   0.00641616 
_atom_sites.fract_transf_matrix[3][3]   -0.01062888 
_atom_sites.fract_transf_vector[1]      0.248453 
_atom_sites.fract_transf_vector[2]      0.294038 
_atom_sites.fract_transf_vector[3]      -0.140363 
# 
loop_
_atom_type.symbol 
C  
MG 
N  
O  
P  
# 
loop_
_atom_site.group_PDB 
_atom_site.id 
_atom_site.type_symbol 
_atom_site.label_atom_id 
_atom_site.label_alt_id 
_atom_site.label_comp_id 
_atom_site.label_asym_id 
_atom_site.label_entity_id 
_atom_site.label_seq_id 
_atom_site.pdbx_PDB_ins_code 
_atom_site.Cartn_x 
_atom_site.Cartn_y 
_atom_site.Cartn_z 
_atom_site.occupancy 
_atom_site.B_iso_or_equiv 
_atom_site.pdbx_formal_charge 
_atom_site.auth_seq_id 
_atom_site.auth_comp_id 
_atom_site.auth_asym_id 
_atom_site.auth_atom_id 
_atom_site.pdbx_PDB_model_num 
ATOM   1   O  "O5'" . DG  A 1 1 ? -11.262 10.305  -0.379  1.00 9.37  ? 1   DG  A "O5'" 1 
ATOM   2   C  "C5'" . DG  A 1 1 ? -11.847 11.178  0.599   1.00 9.11  ? 1   DG  A "C5'" 1 
ATOM   3   C  "C4'" . DG  A 1 1 ? -12.041 10.417  1.889   1.00 9.09  ? 1   DG  A "C4'" 1 
ATOM   4   O  "O4'" . DG  A 1 1 ? -13.117 9.448   1.930   1.00 9.06  ? 1   DG  A "O4'" 1 
ATOM   5   C  "C3'" . DG  A 1 1 ? -10.855 9.828   2.649   1.00 9.02  ? 1   DG  A "C3'" 1 
ATOM   6   O  "O3'" . DG  A 1 1 ? -10.179 10.838  3.404   1.00 8.96  ? 1   DG  A "O3'" 1 
ATOM   7   C  "C2'" . DG  A 1 1 ? -11.505 8.759   3.506   1.00 9.04  ? 1   DG  A "C2'" 1 
ATOM   8   C  "C1'" . DG  A 1 1 ? -12.668 8.299   2.635   1.00 9.10  ? 1   DG  A "C1'" 1 
ATOM   9   N  N9    . DG  A 1 1 ? -12.357 7.263   1.654   1.00 9.36  ? 1   DG  A N9    1 
ATOM   10  C  C8    . DG  A 1 1 ? -12.458 7.354   0.286   1.00 9.35  ? 1   DG  A C8    1 
ATOM   11  N  N7    . DG  A 1 1 ? -12.146 6.244   -0.327  1.00 9.56  ? 1   DG  A N7    1 
ATOM   12  C  C5    . DG  A 1 1 ? -11.820 5.366   0.698   1.00 9.50  ? 1   DG  A C5    1 
ATOM   13  C  C6    . DG  A 1 1 ? -11.403 4.010   0.648   1.00 9.49  ? 1   DG  A C6    1 
ATOM   14  O  O6    . DG  A 1 1 ? -11.232 3.291   -0.344  1.00 9.57  ? 1   DG  A O6    1 
ATOM   15  N  N1    . DG  A 1 1 ? -11.182 3.497   1.921   1.00 9.47  ? 1   DG  A N1    1 
ATOM   16  C  C2    . DG  A 1 1 ? -11.338 4.197   3.093   1.00 9.41  ? 1   DG  A C2    1 
ATOM   17  N  N2    . DG  A 1 1 ? -11.075 3.528   4.224   1.00 9.47  ? 1   DG  A N2    1 
ATOM   18  N  N3    . DG  A 1 1 ? -11.736 5.458   3.153   1.00 9.48  ? 1   DG  A N3    1 
ATOM   19  C  C4    . DG  A 1 1 ? -11.952 5.977   1.927   1.00 9.43  ? 1   DG  A C4    1 
HETATM 20  N  N1    . OMU A 1 2 ? -8.125  5.660   3.916   1.00 8.28  ? 2   OMU A N1    1 
HETATM 21  C  C2    . OMU A 1 2 ? -7.788  4.420   3.497   1.00 8.27  ? 2   OMU A C2    1 
HETATM 22  N  N3    . OMU A 1 2 ? -7.799  4.098   2.184   1.00 8.23  ? 2   OMU A N3    1 
HETATM 23  C  C4    . OMU A 1 2 ? -8.142  5.023   1.259   1.00 8.21  ? 2   OMU A C4    1 
HETATM 24  C  C5    . OMU A 1 2 ? -8.494  6.309   1.662   1.00 8.22  ? 2   OMU A C5    1 
HETATM 25  C  C6    . OMU A 1 2 ? -8.478  6.598   3.014   1.00 8.15  ? 2   OMU A C6    1 
HETATM 26  O  O2    . OMU A 1 2 ? -7.451  3.540   4.316   1.00 8.35  ? 2   OMU A O2    1 
HETATM 27  O  O4    . OMU A 1 2 ? -8.146  4.714   0.054   1.00 8.37  ? 2   OMU A O4    1 
HETATM 28  C  "C1'" . OMU A 1 2 ? -8.122  5.974   5.354   1.00 8.40  ? 2   OMU A "C1'" 1 
HETATM 29  C  "C2'" . OMU A 1 2 ? -6.710  6.210   5.859   1.00 8.40  ? 2   OMU A "C2'" 1 
HETATM 30  O  "O2'" . OMU A 1 2 ? -6.627  5.967   7.261   1.00 8.48  ? 2   OMU A "O2'" 1 
HETATM 31  C  CM2   . OMU A 1 2 ? -6.804  4.604   7.653   1.00 8.61  ? 2   OMU A CM2   1 
HETATM 32  C  "C3'" . OMU A 1 2 ? -6.558  7.682   5.592   1.00 8.42  ? 2   OMU A "C3'" 1 
HETATM 33  C  "C4'" . OMU A 1 2 ? -7.899  8.162   6.124   1.00 8.46  ? 2   OMU A "C4'" 1 
HETATM 34  O  "O3'" . OMU A 1 2 ? -5.467  8.302   6.272   1.00 8.60  ? 2   OMU A "O3'" 1 
HETATM 35  O  "O4'" . OMU A 1 2 ? -8.832  7.188   5.635   1.00 8.44  ? 2   OMU A "O4'" 1 
HETATM 36  C  "C5'" . OMU A 1 2 ? -8.241  9.562   5.679   1.00 8.54  ? 2   OMU A "C5'" 1 
HETATM 37  O  "O5'" . OMU A 1 2 ? -8.234  9.531   4.266   1.00 8.65  ? 2   OMU A "O5'" 1 
HETATM 38  P  P     . OMU A 1 2 ? -8.583  10.921  3.382   1.00 8.90  ? 2   OMU A P     1 
HETATM 39  O  OP1   . OMU A 1 2 ? -8.269  12.326  4.127   1.00 9.07  ? 2   OMU A OP1   1 
HETATM 40  O  OP2   . OMU A 1 2 ? -8.211  10.754  1.826   1.00 8.82  ? 2   OMU A OP2   1 
ATOM   41  P  P     . DG  A 1 3 ? -4.069  8.514   5.531   1.00 8.85  ? 3   DG  A P     1 
ATOM   42  O  OP1   . DG  A 1 3 ? -3.216  9.344   6.423   1.00 9.10  ? 3   DG  A OP1   1 
ATOM   43  O  OP2   . DG  A 1 3 ? -4.322  8.962   4.145   1.00 8.77  ? 3   DG  A OP2   1 
ATOM   44  O  "O5'" . DG  A 1 3 ? -3.471  7.036   5.450   1.00 9.02  ? 3   DG  A "O5'" 1 
ATOM   45  C  "C5'" . DG  A 1 3 ? -3.138  6.304   6.646   1.00 9.13  ? 3   DG  A "C5'" 1 
ATOM   46  C  "C4'" . DG  A 1 3 ? -2.910  4.844   6.330   1.00 9.22  ? 3   DG  A "C4'" 1 
ATOM   47  O  "O4'" . DG  A 1 3 ? -4.045  4.304   5.617   1.00 9.03  ? 3   DG  A "O4'" 1 
ATOM   48  C  "C3'" . DG  A 1 3 ? -1.704  4.540   5.443   1.00 9.40  ? 3   DG  A "C3'" 1 
ATOM   49  O  "O3'" . DG  A 1 3 ? -0.522  4.371   6.234   1.00 9.87  ? 3   DG  A "O3'" 1 
ATOM   50  C  "C2'" . DG  A 1 3 ? -2.095  3.222   4.804   1.00 9.21  ? 3   DG  A "C2'" 1 
ATOM   51  C  "C1'" . DG  A 1 3 ? -3.603  3.348   4.654   1.00 9.02  ? 3   DG  A "C1'" 1 
ATOM   52  N  N9    . DG  A 1 3 ? -4.064  3.786   3.340   1.00 8.71  ? 3   DG  A N9    1 
ATOM   53  C  C8    . DG  A 1 3 ? -4.551  5.022   2.991   1.00 8.58  ? 3   DG  A C8    1 
ATOM   54  N  N7    . DG  A 1 3 ? -4.918  5.093   1.741   1.00 8.53  ? 3   DG  A N7    1 
ATOM   55  C  C5    . DG  A 1 3 ? -4.677  3.823   1.238   1.00 8.50  ? 3   DG  A C5    1 
ATOM   56  C  C6    . DG  A 1 3 ? -4.890  3.291   -0.061  1.00 8.48  ? 3   DG  A C6    1 
ATOM   57  O  O6    . DG  A 1 3 ? -5.356  3.854   -1.060  1.00 8.28  ? 3   DG  A O6    1 
ATOM   58  N  N1    . DG  A 1 3 ? -4.501  1.959   -0.139  1.00 8.40  ? 3   DG  A N1    1 
ATOM   59  C  C2    . DG  A 1 3 ? -3.982  1.226   0.901   1.00 8.53  ? 3   DG  A C2    1 
ATOM   60  N  N2    . DG  A 1 3 ? -3.669  -0.051  0.627   1.00 8.46  ? 3   DG  A N2    1 
ATOM   61  N  N3    . DG  A 1 3 ? -3.791  1.706   2.119   1.00 8.50  ? 3   DG  A N3    1 
ATOM   62  C  C4    . DG  A 1 3 ? -4.159  3.001   2.215   1.00 8.60  ? 3   DG  A C4    1 
ATOM   63  P  P     . DT  A 1 4 ? 0.919   4.699   5.633   1.00 10.22 ? 4   DT  A P     1 
ATOM   64  O  OP1   . DT  A 1 4 ? 1.874   4.743   6.774   1.00 10.58 ? 4   DT  A OP1   1 
ATOM   65  O  OP2   . DT  A 1 4 ? 0.812   5.861   4.725   1.00 10.38 ? 4   DT  A OP2   1 
ATOM   66  O  "O5'" . DT  A 1 4 ? 1.239   3.440   4.713   1.00 10.41 ? 4   DT  A "O5'" 1 
ATOM   67  C  "C5'" . DT  A 1 4 ? 1.322   2.102   5.238   1.00 10.16 ? 4   DT  A "C5'" 1 
ATOM   68  C  "C4'" . DT  A 1 4 ? 1.538   1.113   4.114   1.00 10.04 ? 4   DT  A "C4'" 1 
ATOM   69  O  "O4'" . DT  A 1 4 ? 0.308   0.897   3.384   1.00 9.97  ? 4   DT  A "O4'" 1 
ATOM   70  C  "C3'" . DT  A 1 4 ? 2.537   1.530   3.041   1.00 9.97  ? 4   DT  A "C3'" 1 
ATOM   71  O  "O3'" . DT  A 1 4 ? 3.896   1.293   3.409   1.00 10.00 ? 4   DT  A "O3'" 1 
ATOM   72  C  "C2'" . DT  A 1 4 ? 2.120   0.659   1.875   1.00 9.85  ? 4   DT  A "C2'" 1 
ATOM   73  C  "C1'" . DT  A 1 4 ? 0.605   0.675   1.998   1.00 9.74  ? 4   DT  A "C1'" 1 
ATOM   74  N  N1    . DT  A 1 4 ? -0.074  1.728   1.213   1.00 9.53  ? 4   DT  A N1    1 
ATOM   75  C  C2    . DT  A 1 4 ? -0.514  1.421   -0.055  1.00 9.37  ? 4   DT  A C2    1 
ATOM   76  O  O2    . DT  A 1 4 ? -0.326  0.337   -0.582  1.00 9.36  ? 4   DT  A O2    1 
ATOM   77  N  N3    . DT  A 1 4 ? -1.161  2.447   -0.700  1.00 9.26  ? 4   DT  A N3    1 
ATOM   78  C  C4    . DT  A 1 4 ? -1.402  3.719   -0.214  1.00 9.30  ? 4   DT  A C4    1 
ATOM   79  O  O4    . DT  A 1 4 ? -1.999  4.537   -0.908  1.00 9.15  ? 4   DT  A O4    1 
ATOM   80  C  C5    . DT  A 1 4 ? -0.910  3.971   1.122   1.00 9.33  ? 4   DT  A C5    1 
ATOM   81  C  C7    . DT  A 1 4 ? -1.119  5.322   1.730   1.00 9.46  ? 4   DT  A C7    1 
ATOM   82  C  C6    . DT  A 1 4 ? -0.280  2.977   1.759   1.00 9.40  ? 4   DT  A C6    1 
HETATM 83  O  "O5'" . 5JO A 1 5 ? 5.031   1.616   1.203   1.00 10.15 ? 5   5JO A "O5'" 1 
HETATM 84  C  "C5'" . 5JO A 1 5 ? 5.513   0.310   0.859   1.00 9.98  ? 5   5JO A "C5'" 1 
HETATM 85  C  "C4'" . 5JO A 1 5 ? 5.333   0.060   -0.617  1.00 9.88  ? 5   5JO A "C4'" 1 
HETATM 86  O  "O4'" . 5JO A 1 5 ? 3.919   0.030   -0.951  1.00 9.83  ? 5   5JO A "O4'" 1 
HETATM 87  C  "C3'" . 5JO A 1 5 ? 5.896   1.117   -1.560  1.00 9.87  ? 5   5JO A "C3'" 1 
HETATM 88  O  "O3'" . 5JO A 1 5 ? 7.315   1.012   -1.678  1.00 9.80  ? 5   5JO A "O3'" 1 
HETATM 89  C  "C2'" . 5JO A 1 5 ? 5.134   0.793   -2.837  1.00 9.94  ? 5   5JO A "C2'" 1 
HETATM 90  O  "O2'" . 5JO A 1 5 ? 5.684   -0.335  -3.495  1.00 10.07 ? 5   5JO A "O2'" 1 
HETATM 91  C  "C1'" . 5JO A 1 5 ? 3.737   0.505   -2.279  1.00 9.75  ? 5   5JO A "C1'" 1 
HETATM 92  N  N9    . 5JO A 1 5 ? 2.876   1.689   -2.234  1.00 9.56  ? 5   5JO A N9    1 
HETATM 93  C  C8    . 5JO A 1 5 ? 2.687   2.563   -1.193  1.00 9.52  ? 5   5JO A C8    1 
HETATM 94  N  N7    . 5JO A 1 5 ? 1.852   3.537   -1.464  1.00 9.47  ? 5   5JO A N7    1 
HETATM 95  C  C5    . 5JO A 1 5 ? 1.463   3.287   -2.773  1.00 9.36  ? 5   5JO A C5    1 
HETATM 96  C  C6    . 5JO A 1 5 ? 0.587   3.958   -3.644  1.00 9.30  ? 5   5JO A C6    1 
HETATM 97  N  N6    . 5JO A 1 5 ? -0.082  5.065   -3.313  1.00 9.28  ? 5   5JO A N6    1 
HETATM 98  N  N1    . 5JO A 1 5 ? 0.431   3.453   -4.887  1.00 9.35  ? 5   5JO A N1    1 
HETATM 99  C  C2    . 5JO A 1 5 ? 1.103   2.343   -5.218  1.00 9.48  ? 5   5JO A C2    1 
HETATM 100 N  N3    . 5JO A 1 5 ? 1.954   1.624   -4.488  1.00 9.39  ? 5   5JO A N3    1 
HETATM 101 C  C4    . 5JO A 1 5 ? 2.091   2.155   -3.261  1.00 9.49  ? 5   5JO A C4    1 
HETATM 102 P  P     . 5JO A 1 5 ? 5.063   2.133   2.707   1.00 10.12 ? 5   5JO A P     1 
HETATM 103 O  OP1   . 5JO A 1 5 ? 6.346   1.762   3.364   1.00 10.23 ? 5   5JO A OP1   1 
HETATM 104 O  OP2   . 5JO A 1 5 ? 4.655   3.560   2.673   1.00 10.33 ? 5   5JO A OP2   1 
HETATM 105 C  "C6'" . 5JO A 1 5 ? 5.036   -0.581  -4.725  1.00 11.03 ? 5   5JO A "C6'" 1 
HETATM 106 C  "C7'" . 5JO A 1 5 ? 6.061   -1.152  -5.516  1.00 12.09 ? 5   5JO A "C7'" 1 
HETATM 107 C  "C8'" . 5JO A 1 5 ? 6.932   -1.687  -6.240  1.00 12.13 ? 5   5JO A "C8'" 1 
ATOM   108 P  P     . DC  A 1 6 ? 8.211   2.320   -1.957  1.00 9.97  ? 6   DC  A P     1 
ATOM   109 O  OP1   . DC  A 1 6 ? 9.635   1.937   -1.808  1.00 10.20 ? 6   DC  A OP1   1 
ATOM   110 O  OP2   . DC  A 1 6 ? 7.666   3.440   -1.168  1.00 10.01 ? 6   DC  A OP2   1 
ATOM   111 O  "O5'" . DC  A 1 6 ? 7.917   2.649   -3.484  1.00 9.46  ? 6   DC  A "O5'" 1 
ATOM   112 C  "C5'" . DC  A 1 6 ? 8.320   1.754   -4.532  1.00 9.22  ? 6   DC  A "C5'" 1 
ATOM   113 C  "C4'" . DC  A 1 6 ? 7.611   2.112   -5.817  1.00 8.98  ? 6   DC  A "C4'" 1 
ATOM   114 O  "O4'" . DC  A 1 6 ? 6.180   2.097   -5.618  1.00 8.70  ? 6   DC  A "O4'" 1 
ATOM   115 C  "C3'" . DC  A 1 6 ? 7.904   3.503   -6.366  1.00 8.87  ? 6   DC  A "C3'" 1 
ATOM   116 O  "O3'" . DC  A 1 6 ? 9.127   3.521   -7.113  1.00 9.13  ? 6   DC  A "O3'" 1 
ATOM   117 C  "C2'" . DC  A 1 6 ? 6.694   3.742   -7.244  1.00 8.70  ? 6   DC  A "C2'" 1 
ATOM   118 C  "C1'" . DC  A 1 6 ? 5.574   3.097   -6.437  1.00 8.51  ? 6   DC  A "C1'" 1 
ATOM   119 N  N1    . DC  A 1 6 ? 4.866   4.051   -5.562  1.00 8.01  ? 6   DC  A N1    1 
ATOM   120 C  C2    . DC  A 1 6 ? 3.790   4.763   -6.094  1.00 7.81  ? 6   DC  A C2    1 
ATOM   121 O  O2    . DC  A 1 6 ? 3.455   4.551   -7.268  1.00 7.69  ? 6   DC  A O2    1 
ATOM   122 N  N3    . DC  A 1 6 ? 3.141   5.662   -5.318  1.00 7.60  ? 6   DC  A N3    1 
ATOM   123 C  C4    . DC  A 1 6 ? 3.544   5.873   -4.062  1.00 7.62  ? 6   DC  A C4    1 
ATOM   124 N  N4    . DC  A 1 6 ? 2.872   6.762   -3.326  1.00 7.53  ? 6   DC  A N4    1 
ATOM   125 C  C5    . DC  A 1 6 ? 4.642   5.163   -3.496  1.00 7.68  ? 6   DC  A C5    1 
ATOM   126 C  C6    . DC  A 1 6 ? 5.283   4.287   -4.281  1.00 7.85  ? 6   DC  A C6    1 
ATOM   127 P  P     . DA  A 1 7 ? 9.888   4.904   -7.424  1.00 9.37  ? 7   DA  A P     1 
ATOM   128 O  OP1   . DA  A 1 7 ? 11.246  4.570   -7.927  1.00 9.68  ? 7   DA  A OP1   1 
ATOM   129 O  OP2   . DA  A 1 7 ? 9.727   5.816   -6.262  1.00 9.56  ? 7   DA  A OP2   1 
ATOM   130 O  "O5'" . DA  A 1 7 ? 9.058   5.543   -8.627  1.00 9.52  ? 7   DA  A "O5'" 1 
ATOM   131 C  "C5'" . DA  A 1 7 ? 8.833   4.836   -9.860  1.00 9.52  ? 7   DA  A "C5'" 1 
ATOM   132 C  "C4'" . DA  A 1 7 ? 7.857   5.598   -10.727 1.00 9.65  ? 7   DA  A "C4'" 1 
ATOM   133 O  "O4'" . DA  A 1 7 ? 6.661   5.912   -9.969  1.00 9.62  ? 7   DA  A "O4'" 1 
ATOM   134 C  "C3'" . DA  A 1 7 ? 8.377   6.929   -11.276 1.00 9.78  ? 7   DA  A "C3'" 1 
ATOM   135 O  "O3'" . DA  A 1 7 ? 7.954   7.097   -12.634 1.00 10.37 ? 7   DA  A "O3'" 1 
ATOM   136 C  "C2'" . DA  A 1 7 ? 7.749   7.957   -10.353 1.00 9.59  ? 7   DA  A "C2'" 1 
ATOM   137 C  "C1'" . DA  A 1 7 ? 6.430   7.314   -9.959  1.00 9.48  ? 7   DA  A "C1'" 1 
ATOM   138 N  N9    . DA  A 1 7 ? 5.984   7.689   -8.617  1.00 9.25  ? 7   DA  A N9    1 
ATOM   139 C  C8    . DA  A 1 7 ? 6.592   7.384   -7.425  1.00 9.15  ? 7   DA  A C8    1 
ATOM   140 N  N7    . DA  A 1 7 ? 5.975   7.871   -6.377  1.00 9.13  ? 7   DA  A N7    1 
ATOM   141 C  C5    . DA  A 1 7 ? 4.890   8.549   -6.914  1.00 8.93  ? 7   DA  A C5    1 
ATOM   142 C  C6    . DA  A 1 7 ? 3.849   9.281   -6.323  1.00 8.85  ? 7   DA  A C6    1 
ATOM   143 N  N6    . DA  A 1 7 ? 3.730   9.466   -5.006  1.00 8.90  ? 7   DA  A N6    1 
ATOM   144 N  N1    . DA  A 1 7 ? 2.930   9.841   -7.142  1.00 8.80  ? 7   DA  A N1    1 
ATOM   145 C  C2    . DA  A 1 7 ? 3.050   9.653   -8.463  1.00 8.77  ? 7   DA  A C2    1 
ATOM   146 N  N3    . DA  A 1 7 ? 3.980   8.976   -9.136  1.00 8.80  ? 7   DA  A N3    1 
ATOM   147 C  C4    . DA  A 1 7 ? 4.884   8.445   -8.294  1.00 8.99  ? 7   DA  A C4    1 
ATOM   148 P  P     . DC  A 1 8 ? 8.627   8.206   -13.598 1.00 10.82 ? 8   DC  A P     1 
ATOM   149 O  OP1   . DC  A 1 8 ? 8.289   7.844   -15.004 1.00 10.92 ? 8   DC  A OP1   1 
ATOM   150 O  OP2   . DC  A 1 8 ? 10.045  8.393   -13.205 1.00 11.07 ? 8   DC  A OP2   1 
ATOM   151 O  "O5'" . DC  A 1 8 ? 7.869   9.545   -13.191 1.00 11.12 ? 8   DC  A "O5'" 1 
ATOM   152 C  "C5'" . DC  A 1 8 ? 6.491   9.743   -13.538 1.00 11.16 ? 8   DC  A "C5'" 1 
ATOM   153 C  "C4'" . DC  A 1 8 ? 5.970   11.007  -12.894 1.00 11.31 ? 8   DC  A "C4'" 1 
ATOM   154 O  "O4'" . DC  A 1 8 ? 5.860   10.804  -11.473 1.00 11.18 ? 8   DC  A "O4'" 1 
ATOM   155 C  "C3'" . DC  A 1 8 ? 6.852   12.248  -13.070 1.00 11.49 ? 8   DC  A "C3'" 1 
ATOM   156 O  "O3'" . DC  A 1 8 ? 6.204   13.164  -13.960 1.00 12.13 ? 8   DC  A "O3'" 1 
ATOM   157 C  "C2'" . DC  A 1 8 ? 7.008   12.810  -11.660 1.00 11.34 ? 8   DC  A "C2'" 1 
ATOM   158 C  "C1'" . DC  A 1 8 ? 5.942   12.074  -10.866 1.00 11.09 ? 8   DC  A "C1'" 1 
ATOM   159 N  N1    . DC  A 1 8 ? 6.216   11.868  -9.434  1.00 10.77 ? 8   DC  A N1    1 
ATOM   160 C  C2    . DC  A 1 8 ? 5.307   12.360  -8.492  1.00 10.51 ? 8   DC  A C2    1 
ATOM   161 O  O2    . DC  A 1 8 ? 4.315   12.992  -8.887  1.00 10.55 ? 8   DC  A O2    1 
ATOM   162 N  N3    . DC  A 1 8 ? 5.538   12.150  -7.175  1.00 10.33 ? 8   DC  A N3    1 
ATOM   163 C  C4    . DC  A 1 8 ? 6.619   11.469  -6.789  1.00 10.25 ? 8   DC  A C4    1 
ATOM   164 N  N4    . DC  A 1 8 ? 6.807   11.285  -5.480  1.00 10.15 ? 8   DC  A N4    1 
ATOM   165 C  C5    . DC  A 1 8 ? 7.551   10.938  -7.729  1.00 10.44 ? 8   DC  A C5    1 
ATOM   166 C  C6    . DC  A 1 8 ? 7.310   11.154  -9.029  1.00 10.63 ? 8   DC  A C6    1 
ATOM   167 O  "O5'" . DG  B 1 1 ? -0.106  15.515  0.250   1.00 8.43  ? 1   DG  B "O5'" 1 
ATOM   168 C  "C5'" . DG  B 1 1 ? -0.724  16.814  0.203   1.00 8.29  ? 1   DG  B "C5'" 1 
ATOM   169 C  "C4'" . DG  B 1 1 ? -0.490  17.448  -1.150  1.00 8.18  ? 1   DG  B "C4'" 1 
ATOM   170 O  "O4'" . DG  B 1 1 ? 0.934   17.562  -1.381  1.00 8.08  ? 1   DG  B "O4'" 1 
ATOM   171 C  "C3'" . DG  B 1 1 ? -1.036  16.659  -2.340  1.00 8.21  ? 1   DG  B "C3'" 1 
ATOM   172 O  "O3'" . DG  B 1 1 ? -2.369  17.074  -2.660  1.00 8.30  ? 1   DG  B "O3'" 1 
ATOM   173 C  "C2'" . DG  B 1 1 ? -0.077  17.031  -3.454  1.00 8.15  ? 1   DG  B "C2'" 1 
ATOM   174 C  "C1'" . DG  B 1 1 ? 1.246   17.176  -2.716  1.00 8.08  ? 1   DG  B "C1'" 1 
ATOM   175 N  N9    . DG  B 1 1 ? 2.070   15.970  -2.652  1.00 8.05  ? 1   DG  B N9    1 
ATOM   176 C  C8    . DG  B 1 1 ? 2.489   15.315  -1.519  1.00 7.93  ? 1   DG  B C8    1 
ATOM   177 N  N7    . DG  B 1 1 ? 3.241   14.280  -1.775  1.00 8.02  ? 1   DG  B N7    1 
ATOM   178 C  C5    . DG  B 1 1 ? 3.322   14.248  -3.161  1.00 7.91  ? 1   DG  B C5    1 
ATOM   179 C  C6    . DG  B 1 1 ? 4.006   13.351  -4.020  1.00 7.95  ? 1   DG  B C6    1 
ATOM   180 O  O6    . DG  B 1 1 ? 4.699   12.371  -3.719  1.00 7.93  ? 1   DG  B O6    1 
ATOM   181 N  N1    . DG  B 1 1 ? 3.824   13.687  -5.359  1.00 7.88  ? 1   DG  B N1    1 
ATOM   182 C  C2    . DG  B 1 1 ? 3.083   14.749  -5.812  1.00 7.89  ? 1   DG  B C2    1 
ATOM   183 N  N2    . DG  B 1 1 ? 3.022   14.908  -7.141  1.00 7.84  ? 1   DG  B N2    1 
ATOM   184 N  N3    . DG  B 1 1 ? 2.449   15.600  -5.019  1.00 7.90  ? 1   DG  B N3    1 
ATOM   185 C  C4    . DG  B 1 1 ? 2.608   15.289  -3.716  1.00 7.95  ? 1   DG  B C4    1 
HETATM 186 N  N1    . OMU B 1 2 ? -0.276  13.673  -6.498  1.00 8.51  ? 2   OMU B N1    1 
HETATM 187 C  C2    . OMU B 1 2 ? 0.520   12.679  -6.962  1.00 8.43  ? 2   OMU B C2    1 
HETATM 188 N  N3    . OMU B 1 2 ? 1.106   11.813  -6.118  1.00 8.37  ? 2   OMU B N3    1 
HETATM 189 C  C4    . OMU B 1 2 ? 0.929   11.905  -4.783  1.00 8.43  ? 2   OMU B C4    1 
HETATM 190 C  C5    . OMU B 1 2 ? 0.117   12.910  -4.278  1.00 8.39  ? 2   OMU B C5    1 
HETATM 191 C  C6    . OMU B 1 2 ? -0.481  13.785  -5.172  1.00 8.37  ? 2   OMU B C6    1 
HETATM 192 O  O2    . OMU B 1 2 ? 0.732   12.518  -8.182  1.00 8.60  ? 2   OMU B O2    1 
HETATM 193 O  O4    . OMU B 1 2 ? 1.491   11.089  -4.023  1.00 8.40  ? 2   OMU B O4    1 
HETATM 194 C  "C1'" . OMU B 1 2 ? -0.904  14.628  -7.439  1.00 8.74  ? 2   OMU B "C1'" 1 
HETATM 195 C  "C2'" . OMU B 1 2 ? -2.128  14.052  -8.127  1.00 8.87  ? 2   OMU B "C2'" 1 
HETATM 196 O  "O2'" . OMU B 1 2 ? -2.356  14.679  -9.386  1.00 8.98  ? 2   OMU B "O2'" 1 
HETATM 197 C  CM2   . OMU B 1 2 ? -1.395  14.376  -10.404 1.00 9.18  ? 2   OMU B CM2   1 
HETATM 198 C  "C3'" . OMU B 1 2 ? -3.225  14.446  -7.162  1.00 8.91  ? 2   OMU B "C3'" 1 
HETATM 199 C  "C4'" . OMU B 1 2 ? -2.807  15.884  -6.892  1.00 8.78  ? 2   OMU B "C4'" 1 
HETATM 200 O  "O3'" . OMU B 1 2 ? -4.552  14.352  -7.685  1.00 9.30  ? 2   OMU B "O3'" 1 
HETATM 201 O  "O4'" . OMU B 1 2 ? -1.384  15.795  -6.751  1.00 8.83  ? 2   OMU B "O4'" 1 
HETATM 202 C  "C5'" . OMU B 1 2 ? -3.450  16.501  -5.664  1.00 8.64  ? 2   OMU B "C5'" 1 
HETATM 203 O  "O5'" . OMU B 1 2 ? -3.081  15.648  -4.599  1.00 8.52  ? 2   OMU B "O5'" 1 
HETATM 204 P  P     . OMU B 1 2 ? -3.519  16.000  -3.022  1.00 8.40  ? 2   OMU B P     1 
HETATM 205 O  OP1   . OMU B 1 2 ? -4.887  16.848  -2.817  1.00 8.61  ? 2   OMU B OP1   1 
HETATM 206 O  OP2   . OMU B 1 2 ? -3.181  14.718  -2.102  1.00 8.21  ? 2   OMU B OP2   1 
ATOM   207 P  P     . DG  B 1 3 ? -5.448  13.036  -7.422  1.00 9.61  ? 3   DG  B P     1 
ATOM   208 O  OP1   . DG  B 1 3 ? -6.802  13.298  -7.975  1.00 10.03 ? 3   DG  B OP1   1 
ATOM   209 O  OP2   . DG  B 1 3 ? -5.307  12.626  -6.007  1.00 9.77  ? 3   DG  B OP2   1 
ATOM   210 O  "O5'" . DG  B 1 3 ? -4.727  11.927  -8.310  1.00 9.33  ? 3   DG  B "O5'" 1 
ATOM   211 C  "C5'" . DG  B 1 3 ? -4.696  12.055  -9.746  1.00 9.09  ? 3   DG  B "C5'" 1 
ATOM   212 C  "C4'" . DG  B 1 3 ? -3.769  11.033  -10.363 1.00 8.90  ? 3   DG  B "C4'" 1 
ATOM   213 O  "O4'" . DG  B 1 3 ? -2.446  11.161  -9.801  1.00 8.82  ? 3   DG  B "O4'" 1 
ATOM   214 C  "C3'" . DG  B 1 3 ? -4.151  9.573   -10.145 1.00 8.84  ? 3   DG  B "C3'" 1 
ATOM   215 O  "O3'" . DG  B 1 3 ? -5.075  9.164   -11.155 1.00 8.96  ? 3   DG  B "O3'" 1 
ATOM   216 C  "C2'" . DG  B 1 3 ? -2.817  8.867   -10.288 1.00 8.68  ? 3   DG  B "C2'" 1 
ATOM   217 C  "C1'" . DG  B 1 3 ? -1.827  9.880   -9.728  1.00 8.55  ? 3   DG  B "C1'" 1 
ATOM   218 N  N9    . DG  B 1 3 ? -1.436  9.648   -8.342  1.00 8.21  ? 3   DG  B N9    1 
ATOM   219 C  C8    . DG  B 1 3 ? -1.856  10.328  -7.223  1.00 8.14  ? 3   DG  B C8    1 
ATOM   220 N  N7    . DG  B 1 3 ? -1.306  9.891   -6.124  1.00 8.12  ? 3   DG  B N7    1 
ATOM   221 C  C5    . DG  B 1 3 ? -0.466  8.869   -6.542  1.00 7.94  ? 3   DG  B C5    1 
ATOM   222 C  C6    . DG  B 1 3 ? 0.402   8.028   -5.799  1.00 7.94  ? 3   DG  B C6    1 
ATOM   223 O  O6    . DG  B 1 3 ? 0.617   8.027   -4.582  1.00 7.93  ? 3   DG  B O6    1 
ATOM   224 N  N1    . DG  B 1 3 ? 1.062   7.121   -6.619  1.00 7.77  ? 3   DG  B N1    1 
ATOM   225 C  C2    . DG  B 1 3 ? 0.917   7.038   -7.982  1.00 7.89  ? 3   DG  B C2    1 
ATOM   226 N  N2    . DG  B 1 3 ? 1.648   6.097   -8.602  1.00 7.86  ? 3   DG  B N2    1 
ATOM   227 N  N3    . DG  B 1 3 ? 0.125   7.826   -8.689  1.00 7.85  ? 3   DG  B N3    1 
ATOM   228 C  C4    . DG  B 1 3 ? -0.536  8.707   -7.909  1.00 8.03  ? 3   DG  B C4    1 
ATOM   229 P  P     . DT  B 1 4 ? -6.006  7.891   -10.942 1.00 9.00  ? 4   DT  B P     1 
ATOM   230 O  OP1   . DT  B 1 4 ? -6.914  7.801   -12.116 1.00 9.22  ? 4   DT  B OP1   1 
ATOM   231 O  OP2   . DT  B 1 4 ? -6.569  7.940   -9.578  1.00 9.23  ? 4   DT  B OP2   1 
ATOM   232 O  "O5'" . DT  B 1 4 ? -4.984  6.670   -10.980 1.00 9.06  ? 4   DT  B "O5'" 1 
ATOM   233 C  "C5'" . DT  B 1 4 ? -4.508  6.123   -12.216 1.00 9.16  ? 4   DT  B "C5'" 1 
ATOM   234 C  "C4'" . DT  B 1 4 ? -3.590  4.955   -11.945 1.00 9.24  ? 4   DT  B "C4'" 1 
ATOM   235 O  "O4'" . DT  B 1 4 ? -2.432  5.370   -11.187 1.00 9.46  ? 4   DT  B "O4'" 1 
ATOM   236 C  "C3'" . DT  B 1 4 ? -4.191  3.832   -11.114 1.00 9.27  ? 4   DT  B "C3'" 1 
ATOM   237 O  "O3'" . DT  B 1 4 ? -5.041  3.010   -11.913 1.00 9.31  ? 4   DT  B "O3'" 1 
ATOM   238 C  "C2'" . DT  B 1 4 ? -2.948  3.124   -10.625 1.00 9.27  ? 4   DT  B "C2'" 1 
ATOM   239 C  "C1'" . DT  B 1 4 ? -2.014  4.292   -10.342 1.00 9.27  ? 4   DT  B "C1'" 1 
ATOM   240 N  N1    . DT  B 1 4 ? -2.059  4.760   -8.942  1.00 9.28  ? 4   DT  B N1    1 
ATOM   241 C  C2    . DT  B 1 4 ? -1.207  4.175   -8.033  1.00 9.36  ? 4   DT  B C2    1 
ATOM   242 O  O2    . DT  B 1 4 ? -0.417  3.292   -8.329  1.00 9.48  ? 4   DT  B O2    1 
ATOM   243 N  N3    . DT  B 1 4 ? -1.316  4.659   -6.753  1.00 9.31  ? 4   DT  B N3    1 
ATOM   244 C  C4    . DT  B 1 4 ? -2.181  5.635   -6.300  1.00 9.29  ? 4   DT  B C4    1 
ATOM   245 O  O4    . DT  B 1 4 ? -2.161  5.970   -5.119  1.00 9.52  ? 4   DT  B O4    1 
ATOM   246 C  C5    . DT  B 1 4 ? -3.057  6.196   -7.304  1.00 9.19  ? 4   DT  B C5    1 
ATOM   247 C  C7    . DT  B 1 4 ? -4.035  7.257   -6.905  1.00 9.27  ? 4   DT  B C7    1 
ATOM   248 C  C6    . DT  B 1 4 ? -2.956  5.733   -8.557  1.00 9.18  ? 4   DT  B C6    1 
HETATM 249 O  "O5'" . 5JO B 1 5 ? -5.494  1.130   -10.351 1.00 9.15  ? 5   5JO B "O5'" 1 
HETATM 250 C  "C5'" . 5JO B 1 5 ? -4.739  0.078   -10.972 1.00 8.95  ? 5   5JO B "C5'" 1 
HETATM 251 C  "C4'" . 5JO B 1 5 ? -4.009  -0.739  -9.936  1.00 8.74  ? 5   5JO B "C4'" 1 
HETATM 252 O  "O4'" . 5JO B 1 5 ? -2.958  0.050   -9.315  1.00 8.64  ? 5   5JO B "O4'" 1 
HETATM 253 C  "C3'" . 5JO B 1 5 ? -4.820  -1.243  -8.750  1.00 8.72  ? 5   5JO B "C3'" 1 
HETATM 254 O  "O3'" . 5JO B 1 5 ? -5.629  -2.363  -9.100  1.00 8.64  ? 5   5JO B "O3'" 1 
HETATM 255 C  "C2'" . 5JO B 1 5 ? -3.707  -1.578  -7.770  1.00 8.67  ? 5   5JO B "C2'" 1 
HETATM 256 O  "O2'" . 5JO B 1 5 ? -3.076  -2.802  -8.104  1.00 8.83  ? 5   5JO B "O2'" 1 
HETATM 257 C  "C1'" . 5JO B 1 5 ? -2.777  -0.380  -7.977  1.00 8.46  ? 5   5JO B "C1'" 1 
HETATM 258 N  N9    . 5JO B 1 5 ? -3.106  0.734   -7.092  1.00 8.22  ? 5   5JO B N9    1 
HETATM 259 C  C8    . 5JO B 1 5 ? -3.971  1.776   -7.312  1.00 8.09  ? 5   5JO B C8    1 
HETATM 260 N  N7    . 5JO B 1 5 ? -4.058  2.613   -6.307  1.00 8.05  ? 5   5JO B N7    1 
HETATM 261 C  C5    . 5JO B 1 5 ? -3.203  2.077   -5.354  1.00 7.99  ? 5   5JO B C5    1 
HETATM 262 C  C6    . 5JO B 1 5 ? -2.846  2.495   -4.060  1.00 8.02  ? 5   5JO B C6    1 
HETATM 263 N  N6    . 5JO B 1 5 ? -3.330  3.594   -3.476  1.00 8.01  ? 5   5JO B N6    1 
HETATM 264 N  N1    . 5JO B 1 5 ? -1.974  1.727   -3.371  1.00 7.99  ? 5   5JO B N1    1 
HETATM 265 C  C2    . 5JO B 1 5 ? -1.483  0.628   -3.959  1.00 8.11  ? 5   5JO B C2    1 
HETATM 266 N  N3    . 5JO B 1 5 ? -1.737  0.137   -5.169  1.00 8.09  ? 5   5JO B N3    1 
HETATM 267 C  C4    . 5JO B 1 5 ? -2.612  0.919   -5.824  1.00 8.07  ? 5   5JO B C4    1 
HETATM 268 P  P     . 5JO B 1 5 ? -6.246  2.212   -11.241 1.00 9.54  ? 5   5JO B P     1 
HETATM 269 O  OP1   . 5JO B 1 5 ? -7.016  1.557   -12.334 1.00 9.62  ? 5   5JO B OP1   1 
HETATM 270 O  OP2   . 5JO B 1 5 ? -6.961  3.118   -10.311 1.00 9.46  ? 5   5JO B OP2   1 
HETATM 271 C  "C6'" . 5JO B 1 5 ? -2.151  -3.208  -7.113  1.00 9.46  ? 5   5JO B "C6'" 1 
HETATM 272 C  "C7'" . 5JO B 1 5 ? -2.097  -4.618  -7.230  1.00 9.90  ? 5   5JO B "C7'" 1 
HETATM 273 C  "C8'" . 5JO B 1 5 ? -2.027  -5.865  -7.329  1.00 10.13 ? 5   5JO B "C8'" 1 
ATOM   274 P  P     . DC  B 1 6 ? -7.071  -2.570  -8.433  1.00 8.77  ? 6   DC  B P     1 
ATOM   275 O  OP1   . DC  B 1 6 ? -7.773  -3.630  -9.204  1.00 9.22  ? 6   DC  B OP1   1 
ATOM   276 O  OP2   . DC  B 1 6 ? -7.708  -1.244  -8.242  1.00 8.78  ? 6   DC  B OP2   1 
ATOM   277 O  "O5'" . DC  B 1 6 ? -6.741  -3.128  -6.982  1.00 8.62  ? 6   DC  B "O5'" 1 
ATOM   278 C  "C5'" . DC  B 1 6 ? -5.993  -4.337  -6.807  1.00 8.57  ? 6   DC  B "C5'" 1 
ATOM   279 C  "C4'" . DC  B 1 6 ? -5.419  -4.400  -5.410  1.00 8.56  ? 6   DC  B "C4'" 1 
ATOM   280 O  "O4'" . DC  B 1 6 ? -4.537  -3.278  -5.181  1.00 8.47  ? 6   DC  B "O4'" 1 
ATOM   281 C  "C3'" . DC  B 1 6 ? -6.435  -4.319  -4.278  1.00 8.63  ? 6   DC  B "C3'" 1 
ATOM   282 O  "O3'" . DC  B 1 6 ? -7.039  -5.591  -4.040  1.00 8.87  ? 6   DC  B "O3'" 1 
ATOM   283 C  "C2'" . DC  B 1 6 ? -5.563  -3.864  -3.126  1.00 8.53  ? 6   DC  B "C2'" 1 
ATOM   284 C  "C1'" . DC  B 1 6 ? -4.613  -2.890  -3.809  1.00 8.49  ? 6   DC  B "C1'" 1 
ATOM   285 N  N1    . DC  B 1 6 ? -5.078  -1.497  -3.752  1.00 8.33  ? 6   DC  B N1    1 
ATOM   286 C  C2    . DC  B 1 6 ? -4.724  -0.728  -2.642  1.00 8.32  ? 6   DC  B C2    1 
ATOM   287 O  O2    . DC  B 1 6 ? -4.016  -1.239  -1.762  1.00 8.38  ? 6   DC  B O2    1 
ATOM   288 N  N3    . DC  B 1 6 ? -5.153  0.553   -2.560  1.00 8.09  ? 6   DC  B N3    1 
ATOM   289 C  C4    . DC  B 1 6 ? -5.915  1.065   -3.529  1.00 8.14  ? 6   DC  B C4    1 
ATOM   290 N  N4    . DC  B 1 6 ? -6.314  2.336   -3.409  1.00 8.01  ? 6   DC  B N4    1 
ATOM   291 C  C5    . DC  B 1 6 ? -6.294  0.301   -4.672  1.00 8.12  ? 6   DC  B C5    1 
ATOM   292 C  C6    . DC  B 1 6 ? -5.866  -0.967  -4.737  1.00 8.24  ? 6   DC  B C6    1 
ATOM   293 P  P     . DA  B 1 7 ? -8.411  -5.716  -3.212  1.00 9.06  ? 7   DA  B P     1 
ATOM   294 O  OP1   . DA  B 1 7 ? -8.962  -7.080  -3.445  1.00 9.21  ? 7   DA  B OP1   1 
ATOM   295 O  OP2   . DA  B 1 7 ? -9.256  -4.529  -3.500  1.00 9.24  ? 7   DA  B OP2   1 
ATOM   296 O  "O5'" . DA  B 1 7 ? -7.963  -5.542  -1.694  1.00 9.15  ? 7   DA  B "O5'" 1 
ATOM   297 C  "C5'" . DA  B 1 7 ? -6.972  -6.381  -1.087  1.00 9.25  ? 7   DA  B "C5'" 1 
ATOM   298 C  "C4'" . DA  B 1 7 ? -6.658  -5.877  0.302   1.00 9.45  ? 7   DA  B "C4'" 1 
ATOM   299 O  "O4'" . DA  B 1 7 ? -6.345  -4.463  0.254   1.00 9.28  ? 7   DA  B "O4'" 1 
ATOM   300 C  "C3'" . DA  B 1 7 ? -7.796  -6.017  1.313   1.00 9.72  ? 7   DA  B "C3'" 1 
ATOM   301 O  "O3'" . DA  B 1 7 ? -7.232  -6.332  2.592   1.00 10.36 ? 7   DA  B "O3'" 1 
ATOM   302 C  "C2'" . DA  B 1 7 ? -8.446  -4.646  1.286   1.00 9.44  ? 7   DA  B "C2'" 1 
ATOM   303 C  "C1'" . DA  B 1 7 ? -7.251  -3.729  1.071   1.00 9.34  ? 7   DA  B "C1'" 1 
ATOM   304 N  N9    . DA  B 1 7 ? -7.566  -2.476  0.383   1.00 9.04  ? 7   DA  B N9    1 
ATOM   305 C  C8    . DA  B 1 7 ? -8.088  -2.340  -0.880  1.00 8.91  ? 7   DA  B C8    1 
ATOM   306 N  N7    . DA  B 1 7 ? -8.264  -1.095  -1.247  1.00 8.83  ? 7   DA  B N7    1 
ATOM   307 C  C5    . DA  B 1 7 ? -7.826  -0.360  -0.155  1.00 8.86  ? 7   DA  B C5    1 
ATOM   308 C  C6    . DA  B 1 7 ? -7.765  1.023   0.089   1.00 8.78  ? 7   DA  B C6    1 
ATOM   309 N  N6    . DA  B 1 7 ? -8.156  1.947   -0.792  1.00 8.76  ? 7   DA  B N6    1 
ATOM   310 N  N1    . DA  B 1 7 ? -7.284  1.428   1.286   1.00 8.72  ? 7   DA  B N1    1 
ATOM   311 C  C2    . DA  B 1 7 ? -6.898  0.499   2.170   1.00 8.79  ? 7   DA  B C2    1 
ATOM   312 N  N3    . DA  B 1 7 ? -6.907  -0.828  2.055   1.00 8.84  ? 7   DA  B N3    1 
ATOM   313 C  C4    . DA  B 1 7 ? -7.392  -1.197  0.856   1.00 8.90  ? 7   DA  B C4    1 
ATOM   314 P  P     . DC  B 1 8 ? -8.160  -6.845  3.794   1.00 11.06 ? 8   DC  B P     1 
ATOM   315 O  OP1   . DC  B 1 8 ? -7.283  -7.515  4.788   1.00 11.02 ? 8   DC  B OP1   1 
ATOM   316 O  OP2   . DC  B 1 8 ? -9.306  -7.589  3.216   1.00 11.52 ? 8   DC  B OP2   1 
ATOM   317 O  "O5'" . DC  B 1 8 ? -8.743  -5.488  4.389   1.00 11.38 ? 8   DC  B "O5'" 1 
ATOM   318 C  "C5'" . DC  B 1 8 ? -7.981  -4.697  5.315   1.00 11.86 ? 8   DC  B "C5'" 1 
ATOM   319 C  "C4'" . DC  B 1 8 ? -8.744  -3.440  5.662   1.00 12.03 ? 8   DC  B "C4'" 1 
ATOM   320 O  "O4'" . DC  B 1 8 ? -8.873  -2.624  4.481   1.00 12.00 ? 8   DC  B "O4'" 1 
ATOM   321 C  "C3'" . DC  B 1 8 ? -10.174 -3.660  6.168   1.00 12.29 ? 8   DC  B "C3'" 1 
ATOM   322 O  "O3'" . DC  B 1 8 ? -10.255 -3.385  7.571   1.00 13.03 ? 8   DC  B "O3'" 1 
ATOM   323 C  "C2'" . DC  B 1 8 ? -11.019 -2.675  5.368   1.00 12.14 ? 8   DC  B "C2'" 1 
ATOM   324 C  "C1'" . DC  B 1 8 ? -9.994  -1.794  4.673   1.00 11.80 ? 8   DC  B "C1'" 1 
ATOM   325 N  N1    . DC  B 1 8 ? -10.390 -1.265  3.359   1.00 11.31 ? 8   DC  B N1    1 
ATOM   326 C  C2    . DC  B 1 8 ? -10.293 0.111   3.130   1.00 10.96 ? 8   DC  B C2    1 
ATOM   327 O  O2    . DC  B 1 8 ? -9.909  0.847   4.049   1.00 10.80 ? 8   DC  B O2    1 
ATOM   328 N  N3    . DC  B 1 8 ? -10.628 0.603   1.915   1.00 10.74 ? 8   DC  B N3    1 
ATOM   329 C  C4    . DC  B 1 8 ? -11.047 -0.222  0.953   1.00 10.66 ? 8   DC  B C4    1 
ATOM   330 N  N4    . DC  B 1 8 ? -11.375 0.307   -0.226  1.00 10.45 ? 8   DC  B N4    1 
ATOM   331 C  C5    . DC  B 1 8 ? -11.143 -1.630  1.157   1.00 10.82 ? 8   DC  B C5    1 
ATOM   332 C  C6    . DC  B 1 8 ? -10.800 -2.105  2.361   1.00 11.12 ? 8   DC  B C6    1 
ATOM   333 O  "O5'" . DG  C 1 1 ? -5.240  -16.477 1.749   1.00 9.53  ? 1   DG  C "O5'" 1 
ATOM   334 C  "C5'" . DG  C 1 1 ? -6.664  -16.351 1.903   1.00 9.45  ? 1   DG  C "C5'" 1 
ATOM   335 C  "C4'" . DG  C 1 1 ? -7.108  -16.778 3.284   1.00 9.35  ? 1   DG  C "C4'" 1 
ATOM   336 O  "O4'" . DG  C 1 1 ? -6.912  -18.204 3.441   1.00 9.40  ? 1   DG  C "O4'" 1 
ATOM   337 C  "C3'" . DG  C 1 1 ? -6.371  -16.127 4.455   1.00 9.31  ? 1   DG  C "C3'" 1 
ATOM   338 O  "O3'" . DG  C 1 1 ? -7.026  -14.911 4.850   1.00 9.08  ? 1   DG  C "O3'" 1 
ATOM   339 C  "C2'" . DG  C 1 1 ? -6.445  -17.195 5.528   1.00 9.33  ? 1   DG  C "C2'" 1 
ATOM   340 C  "C1'" . DG  C 1 1 ? -6.356  -18.482 4.723   1.00 9.41  ? 1   DG  C "C1'" 1 
ATOM   341 N  N9    . DG  C 1 1 ? -5.015  -19.022 4.520   1.00 9.46  ? 1   DG  C N9    1 
ATOM   342 C  C8    . DG  C 1 1 ? -4.404  -19.267 3.313   1.00 9.48  ? 1   DG  C C8    1 
ATOM   343 N  N7    . DG  C 1 1 ? -3.218  -19.799 3.437   1.00 9.54  ? 1   DG  C N7    1 
ATOM   344 C  C5    . DG  C 1 1 ? -3.038  -19.921 4.808   1.00 9.46  ? 1   DG  C C5    1 
ATOM   345 C  C6    . DG  C 1 1 ? -1.944  -20.438 5.547   1.00 9.47  ? 1   DG  C C6    1 
ATOM   346 O  O6    . DG  C 1 1 ? -0.879  -20.906 5.123   1.00 9.43  ? 1   DG  C O6    1 
ATOM   347 N  N1    . DG  C 1 1 ? -2.178  -20.378 6.917   1.00 9.45  ? 1   DG  C N1    1 
ATOM   348 C  C2    . DG  C 1 1 ? -3.325  -19.897 7.502   1.00 9.36  ? 1   DG  C C2    1 
ATOM   349 N  N2    . DG  C 1 1 ? -3.358  -19.915 8.843   1.00 9.19  ? 1   DG  C N2    1 
ATOM   350 N  N3    . DG  C 1 1 ? -4.352  -19.412 6.824   1.00 9.46  ? 1   DG  C N3    1 
ATOM   351 C  C4    . DG  C 1 1 ? -4.142  -19.453 5.491   1.00 9.41  ? 1   DG  C C4    1 
HETATM 352 N  N1    . OMU C 1 2 ? -2.991  -16.513 8.423   1.00 8.64  ? 2   OMU C N1    1 
HETATM 353 C  C2    . OMU C 1 2 ? -1.829  -17.076 8.786   1.00 8.48  ? 2   OMU C C2    1 
HETATM 354 N  N3    . OMU C 1 2 ? -0.918  -17.458 7.867   1.00 8.22  ? 2   OMU C N3    1 
HETATM 355 C  C4    . OMU C 1 2 ? -1.157  -17.288 6.546   1.00 8.29  ? 2   OMU C C4    1 
HETATM 356 C  C5    . OMU C 1 2 ? -2.351  -16.708 6.144   1.00 8.37  ? 2   OMU C C5    1 
HETATM 357 C  C6    . OMU C 1 2 ? -3.265  -16.336 7.117   1.00 8.45  ? 2   OMU C C6    1 
HETATM 358 O  O2    . OMU C 1 2 ? -1.570  -17.237 10.000  1.00 8.57  ? 2   OMU C O2    1 
HETATM 359 O  O4    . OMU C 1 2 ? -0.318  -17.649 5.697   1.00 8.07  ? 2   OMU C O4    1 
HETATM 360 C  "C1'" . OMU C 1 2 ? -3.966  -16.147 9.478   1.00 8.97  ? 2   OMU C "C1'" 1 
HETATM 361 C  "C2'" . OMU C 1 2 ? -3.610  -14.880 10.219  1.00 9.15  ? 2   OMU C "C2'" 1 
HETATM 362 O  "O2'" . OMU C 1 2 ? -4.228  -14.843 11.511  1.00 9.35  ? 2   OMU C "O2'" 1 
HETATM 363 C  CM2   . OMU C 1 2 ? -3.578  -15.599 12.531  1.00 9.48  ? 2   OMU C CM2   1 
HETATM 364 C  "C3'" . OMU C 1 2 ? -4.276  -13.859 9.332   1.00 9.30  ? 2   OMU C "C3'" 1 
HETATM 365 C  "C4'" . OMU C 1 2 ? -5.618  -14.534 9.096   1.00 9.16  ? 2   OMU C "C4'" 1 
HETATM 366 O  "O3'" . OMU C 1 2 ? -4.399  -12.587 9.954   1.00 9.88  ? 2   OMU C "O3'" 1 
HETATM 367 O  "O4'" . OMU C 1 2 ? -5.265  -15.913 8.920   1.00 9.03  ? 2   OMU C "O4'" 1 
HETATM 368 C  "C5'" . OMU C 1 2 ? -6.391  -13.984 7.915   1.00 9.14  ? 2   OMU C "C5'" 1 
HETATM 369 O  "O5'" . OMU C 1 2 ? -5.590  -14.153 6.754   1.00 9.04  ? 2   OMU C "O5'" 1 
HETATM 370 P  P     . OMU C 1 2 ? -6.175  -13.611 5.274   1.00 9.10  ? 2   OMU C P     1 
HETATM 371 O  OP1   . OMU C 1 2 ? -7.291  -12.432 5.327   1.00 9.02  ? 2   OMU C OP1   1 
HETATM 372 O  OP2   . OMU C 1 2 ? -5.011  -13.504 4.175   1.00 8.96  ? 2   OMU C OP2   1 
ATOM   373 P  P     . DG  C 1 3 ? -3.387  -11.409 9.582   1.00 10.31 ? 3   DG  C P     1 
ATOM   374 O  OP1   . DG  C 1 3 ? -3.923  -10.153 10.164  1.00 10.65 ? 3   DG  C OP1   1 
ATOM   375 O  OP2   . DG  C 1 3 ? -3.071  -11.485 8.135   1.00 10.27 ? 3   DG  C OP2   1 
ATOM   376 O  "O5'" . DG  C 1 3 ? -2.081  -11.784 10.409  1.00 10.27 ? 3   DG  C "O5'" 1 
ATOM   377 C  "C5'" . DG  C 1 3 ? -2.132  -11.922 11.840  1.00 10.05 ? 3   DG  C "C5'" 1 
ATOM   378 C  "C4'" . DG  C 1 3 ? -0.913  -12.668 12.329  1.00 9.85  ? 3   DG  C "C4'" 1 
ATOM   379 O  "O4'" . DG  C 1 3 ? -0.821  -13.948 11.669  1.00 9.58  ? 3   DG  C "O4'" 1 
ATOM   380 C  "C3'" . DG  C 1 3 ? 0.416   -11.985 12.035  1.00 9.80  ? 3   DG  C "C3'" 1 
ATOM   381 O  "O3'" . DG  C 1 3 ? 0.687   -11.026 13.056  1.00 10.07 ? 3   DG  C "O3'" 1 
ATOM   382 C  "C2'" . DG  C 1 3 ? 1.384   -13.152 12.039  1.00 9.68  ? 3   DG  C "C2'" 1 
ATOM   383 C  "C1'" . DG  C 1 3 ? 0.547   -14.286 11.462  1.00 9.42  ? 3   DG  C "C1'" 1 
ATOM   384 N  N9    . DG  C 1 3 ? 0.741   -14.525 10.036  1.00 9.03  ? 3   DG  C N9    1 
ATOM   385 C  C8    . DG  C 1 3 ? -0.098  -14.180 9.004   1.00 8.84  ? 3   DG  C C8    1 
ATOM   386 N  N7    . DG  C 1 3 ? 0.344   -14.557 7.836   1.00 8.87  ? 3   DG  C N7    1 
ATOM   387 C  C5    . DG  C 1 3 ? 1.543   -15.199 8.114   1.00 8.71  ? 3   DG  C C5    1 
ATOM   388 C  C6    . DG  C 1 3 ? 2.470   -15.830 7.246   1.00 8.60  ? 3   DG  C C6    1 
ATOM   389 O  O6    . DG  C 1 3 ? 2.416   -15.952 6.018   1.00 8.38  ? 3   DG  C O6    1 
ATOM   390 N  N1    . DG  C 1 3 ? 3.555   -16.346 7.946   1.00 8.56  ? 3   DG  C N1    1 
ATOM   391 C  C2    . DG  C 1 3 ? 3.721   -16.278 9.306   1.00 8.60  ? 3   DG  C C2    1 
ATOM   392 N  N2    . DG  C 1 3 ? 4.832   -16.846 9.796   1.00 8.66  ? 3   DG  C N2    1 
ATOM   393 N  N3    . DG  C 1 3 ? 2.856   -15.710 10.129  1.00 8.65  ? 3   DG  C N3    1 
ATOM   394 C  C4    . DG  C 1 3 ? 1.799   -15.192 9.468   1.00 8.87  ? 3   DG  C C4    1 
ATOM   395 P  P     . DT  C 1 4 ? 1.756   -9.872  12.820  1.00 10.26 ? 4   DT  C P     1 
ATOM   396 O  OP1   . DT  C 1 4 ? 1.752   -9.010  14.031  1.00 10.56 ? 4   DT  C OP1   1 
ATOM   397 O  OP2   . DT  C 1 4 ? 1.523   -9.264  11.494  1.00 10.33 ? 4   DT  C OP2   1 
ATOM   398 O  "O5'" . DT  C 1 4 ? 3.129   -10.675 12.727  1.00 9.97  ? 4   DT  C "O5'" 1 
ATOM   399 C  "C5'" . DT  C 1 4 ? 3.797   -11.170 13.897  1.00 9.79  ? 4   DT  C "C5'" 1 
ATOM   400 C  "C4'" . DT  C 1 4 ? 5.149   -11.725 13.522  1.00 9.62  ? 4   DT  C "C4'" 1 
ATOM   401 O  "O4'" . DT  C 1 4 ? 4.988   -12.896 12.696  1.00 9.36  ? 4   DT  C "O4'" 1 
ATOM   402 C  "C3'" . DT  C 1 4 ? 6.022   -10.799 12.687  1.00 9.48  ? 4   DT  C "C3'" 1 
ATOM   403 O  "O3'" . DT  C 1 4 ? 6.709   -9.846  13.489  1.00 9.72  ? 4   DT  C "O3'" 1 
ATOM   404 C  "C2'" . DT  C 1 4 ? 6.972   -11.775 12.031  1.00 9.31  ? 4   DT  C "C2'" 1 
ATOM   405 C  "C1'" . DT  C 1 4 ? 6.050   -12.945 11.736  1.00 9.11  ? 4   DT  C "C1'" 1 
ATOM   406 N  N1    . DT  C 1 4 ? 5.450   -12.927 10.390  1.00 8.72  ? 4   DT  C N1    1 
ATOM   407 C  C2    . DT  C 1 4 ? 6.122   -13.597 9.395   1.00 8.56  ? 4   DT  C C2    1 
ATOM   408 O  O2    . DT  C 1 4 ? 7.189   -14.156 9.576   1.00 8.59  ? 4   DT  C O2    1 
ATOM   409 N  N3    . DT  C 1 4 ? 5.504   -13.574 8.169   1.00 8.50  ? 4   DT  C N3    1 
ATOM   410 C  C4    . DT  C 1 4 ? 4.312   -12.952 7.849   1.00 8.43  ? 4   DT  C C4    1 
ATOM   411 O  O4    . DT  C 1 4 ? 3.875   -13.021 6.703   1.00 8.40  ? 4   DT  C O4    1 
ATOM   412 C  C5    . DT  C 1 4 ? 3.665   -12.259 8.940   1.00 8.47  ? 4   DT  C C5    1 
ATOM   413 C  C7    . DT  C 1 4 ? 2.373   -11.548 8.685   1.00 8.56  ? 4   DT  C C7    1 
ATOM   414 C  C6    . DT  C 1 4 ? 4.261   -12.276 10.138  1.00 8.56  ? 4   DT  C C6    1 
HETATM 415 O  "O5'" . 5JO C 1 5 ? 8.366   -8.942  11.853  1.00 9.69  ? 5   5JO C "O5'" 1 
HETATM 416 C  "C5'" . 5JO C 1 5 ? 9.628   -9.398  12.354  1.00 9.51  ? 5   5JO C "C5'" 1 
HETATM 417 C  "C4'" . 5JO C 1 5 ? 10.497  -9.869  11.214  1.00 9.37  ? 5   5JO C "C4'" 1 
HETATM 418 O  "O4'" . 5JO C 1 5 ? 9.905   -11.024 10.565  1.00 9.25  ? 5   5JO C "O4'" 1 
HETATM 419 C  "C3'" . 5JO C 1 5 ? 10.699  -8.895  10.062  1.00 9.34  ? 5   5JO C "C3'" 1 
HETATM 420 O  "O3'" . 5JO C 1 5 ? 11.640  -7.900  10.430  1.00 9.51  ? 5   5JO C "O3'" 1 
HETATM 421 C  "C2'" . 5JO C 1 5 ? 11.205  -9.840  8.983   1.00 9.37  ? 5   5JO C "C2'" 1 
HETATM 422 O  "O2'" . 5JO C 1 5 ? 12.561  -10.177 9.211   1.00 9.43  ? 5   5JO C "O2'" 1 
HETATM 423 C  "C1'" . 5JO C 1 5 ? 10.267  -11.030 9.190   1.00 9.22  ? 5   5JO C "C1'" 1 
HETATM 424 N  N9    . 5JO C 1 5 ? 9.043   -10.929 8.396   1.00 8.91  ? 5   5JO C N9    1 
HETATM 425 C  C8    . 5JO C 1 5 ? 7.848   -10.355 8.754   1.00 8.70  ? 5   5JO C C8    1 
HETATM 426 N  N7    . 5JO C 1 5 ? 6.929   -10.424 7.821   1.00 8.72  ? 5   5JO C N7    1 
HETATM 427 C  C5    . 5JO C 1 5 ? 7.565   -11.072 6.774   1.00 8.62  ? 5   5JO C C5    1 
HETATM 428 C  C6    . 5JO C 1 5 ? 7.131   -11.447 5.490   1.00 8.66  ? 5   5JO C C6    1 
HETATM 429 N  N6    . 5JO C 1 5 ? 5.901   -11.208 5.025   1.00 8.66  ? 5   5JO C N6    1 
HETATM 430 N  N1    . 5JO C 1 5 ? 8.016   -12.078 4.688   1.00 8.59  ? 5   5JO C N1    1 
HETATM 431 C  C2    . 5JO C 1 5 ? 9.250   -12.311 5.153   1.00 8.72  ? 5   5JO C C2    1 
HETATM 432 N  N3    . 5JO C 1 5 ? 9.775   -12.006 6.337   1.00 8.70  ? 5   5JO C N3    1 
HETATM 433 C  C4    . 5JO C 1 5 ? 8.870   -11.385 7.111   1.00 8.79  ? 5   5JO C C4    1 
HETATM 434 P  P     . 5JO C 1 5 ? 7.209   -8.479  12.840  1.00 9.93  ? 5   5JO C P     1 
HETATM 435 O  OP1   . 5JO C 1 5 ? 7.790   -7.653  13.930  1.00 9.79  ? 5   5JO C OP1   1 
HETATM 436 O  OP2   . 5JO C 1 5 ? 6.116   -7.924  11.998  1.00 10.04 ? 5   5JO C OP2   1 
HETATM 437 C  "C6'" . 5JO C 1 5 ? 13.068  -11.025 8.197   1.00 9.85  ? 5   5JO C "C6'" 1 
HETATM 438 C  "C7'" . 5JO C 1 5 ? 14.400  -10.624 7.941   1.00 10.21 ? 5   5JO C "C7'" 1 
HETATM 439 C  "C8'" . 5JO C 1 5 ? 15.577  -10.265 7.719   1.00 10.15 ? 5   5JO C "C8'" 1 
ATOM   440 P  P     . DC  C 1 6 ? 11.541  -6.420  9.835   1.00 9.47  ? 6   DC  C P     1 
ATOM   441 O  OP1   . DC  C 1 6 ? 12.531  -5.591  10.566  1.00 9.71  ? 6   DC  C OP1   1 
ATOM   442 O  OP2   . DC  C 1 6 ? 10.122  -6.015  9.800   1.00 9.70  ? 6   DC  C OP2   1 
ATOM   443 O  "O5'" . DC  C 1 6 ? 12.022  -6.594  8.327   1.00 9.32  ? 6   DC  C "O5'" 1 
ATOM   444 C  "C5'" . DC  C 1 6 ? 13.375  -6.951  7.993   1.00 9.04  ? 6   DC  C "C5'" 1 
ATOM   445 C  "C4'" . DC  C 1 6 ? 13.458  -7.429  6.561   1.00 8.92  ? 6   DC  C "C4'" 1 
ATOM   446 O  "O4'" . DC  C 1 6 ? 12.551  -8.534  6.355   1.00 8.81  ? 6   DC  C "O4'" 1 
ATOM   447 C  "C3'" . DC  C 1 6 ? 13.063  -6.414  5.494   1.00 8.80  ? 6   DC  C "C3'" 1 
ATOM   448 O  "O3'" . DC  C 1 6 ? 14.133  -5.519  5.188   1.00 8.81  ? 6   DC  C "O3'" 1 
ATOM   449 C  "C2'" . DC  C 1 6 ? 12.738  -7.319  4.323   1.00 8.83  ? 6   DC  C "C2'" 1 
ATOM   450 C  "C1'" . DC  C 1 6 ? 12.060  -8.497  5.014   1.00 8.71  ? 6   DC  C "C1'" 1 
ATOM   451 N  N1    . DC  C 1 6 ? 10.597  -8.373  5.065   1.00 8.55  ? 6   DC  C N1    1 
ATOM   452 C  C2    . DC  C 1 6 ? 9.851   -8.851  3.984   1.00 8.41  ? 6   DC  C C2    1 
ATOM   453 O  O2    . DC  C 1 6 ? 10.446  -9.374  3.032   1.00 8.36  ? 6   DC  C O2    1 
ATOM   454 N  N3    . DC  C 1 6 ? 8.504   -8.730  4.006   1.00 8.32  ? 6   DC  C N3    1 
ATOM   455 C  C4    . DC  C 1 6 ? 7.903   -8.150  5.047   1.00 8.29  ? 6   DC  C C4    1 
ATOM   456 N  N4    . DC  C 1 6 ? 6.573   -8.061  5.030   1.00 8.41  ? 6   DC  C N4    1 
ATOM   457 C  C5    . DC  C 1 6 ? 8.638   -7.657  6.163   1.00 8.34  ? 6   DC  C C5    1 
ATOM   458 C  C6    . DC  C 1 6 ? 9.972   -7.771  6.121   1.00 8.49  ? 6   DC  C C6    1 
ATOM   459 P  P     . DA  C 1 7 ? 13.844  -4.104  4.497   1.00 8.57  ? 7   DA  C P     1 
ATOM   460 O  OP1   . DA  C 1 7 ? 15.073  -3.278  4.634   1.00 8.88  ? 7   DA  C OP1   1 
ATOM   461 O  OP2   . DA  C 1 7 ? 12.549  -3.579  4.991   1.00 8.78  ? 7   DA  C OP2   1 
ATOM   462 O  "O5'" . DA  C 1 7 ? 13.638  -4.468  2.962   1.00 8.70  ? 7   DA  C "O5'" 1 
ATOM   463 C  "C5'" . DA  C 1 7 ? 14.656  -5.145  2.209   1.00 8.84  ? 7   DA  C "C5'" 1 
ATOM   464 C  "C4'" . DA  C 1 7 ? 14.126  -5.506  0.841   1.00 9.11  ? 7   DA  C "C4'" 1 
ATOM   465 O  "O4'" . DA  C 1 7 ? 12.838  -6.160  0.974   1.00 8.83  ? 7   DA  C "O4'" 1 
ATOM   466 C  "C3'" . DA  C 1 7 ? 13.902  -4.322  -0.100  1.00 9.41  ? 7   DA  C "C3'" 1 
ATOM   467 O  "O3'" . DA  C 1 7 ? 14.221  -4.723  -1.439  1.00 10.24 ? 7   DA  C "O3'" 1 
ATOM   468 C  "C2'" . DA  C 1 7 ? 12.424  -4.027  0.068   1.00 9.23  ? 7   DA  C "C2'" 1 
ATOM   469 C  "C1'" . DA  C 1 7 ? 11.839  -5.416  0.281   1.00 9.01  ? 7   DA  C "C1'" 1 
ATOM   470 N  N9    . DA  C 1 7 ? 10.614  -5.443  1.085   1.00 8.65  ? 7   DA  C N9    1 
ATOM   471 C  C8    . DA  C 1 7 ? 10.474  -5.071  2.399   1.00 8.54  ? 7   DA  C C8    1 
ATOM   472 N  N7    . DA  C 1 7 ? 9.254   -5.201  2.858   1.00 8.42  ? 7   DA  C N7    1 
ATOM   473 C  C5    . DA  C 1 7 ? 8.542   -5.696  1.776   1.00 8.42  ? 7   DA  C C5    1 
ATOM   474 C  C6    . DA  C 1 7 ? 7.191   -6.042  1.613   1.00 8.39  ? 7   DA  C C6    1 
ATOM   475 N  N6    . DA  C 1 7 ? 6.279   -5.936  2.582   1.00 8.44  ? 7   DA  C N6    1 
ATOM   476 N  N1    . DA  C 1 7 ? 6.798   -6.495  0.401   1.00 8.34  ? 7   DA  C N1    1 
ATOM   477 C  C2    . DA  C 1 7 ? 7.713   -6.593  -0.572  1.00 8.27  ? 7   DA  C C2    1 
ATOM   478 N  N3    . DA  C 1 7 ? 9.012   -6.305  -0.539  1.00 8.39  ? 7   DA  C N3    1 
ATOM   479 C  C4    . DA  C 1 7 ? 9.368   -5.853  0.677   1.00 8.44  ? 7   DA  C C4    1 
ATOM   480 P  P     . DC  C 1 8 ? 14.559  -3.637  -2.579  1.00 11.25 ? 8   DC  C P     1 
ATOM   481 O  OP1   . DC  C 1 8 ? 15.354  -4.331  -3.631  1.00 11.14 ? 8   DC  C OP1   1 
ATOM   482 O  OP2   . DC  C 1 8 ? 15.109  -2.424  -1.929  1.00 11.48 ? 8   DC  C OP2   1 
ATOM   483 O  "O5'" . DC  C 1 8 ? 13.126  -3.291  -3.178  1.00 11.52 ? 8   DC  C "O5'" 1 
ATOM   484 C  "C5'" . DC  C 1 8 ? 12.395  -4.295  -3.905  1.00 11.73 ? 8   DC  C "C5'" 1 
ATOM   485 C  "C4'" . DC  C 1 8 ? 10.938  -3.915  -4.044  1.00 11.76 ? 8   DC  C "C4'" 1 
ATOM   486 O  "O4'" . DC  C 1 8 ? 10.274  -3.938  -2.765  1.00 11.55 ? 8   DC  C "O4'" 1 
ATOM   487 C  "C3'" . DC  C 1 8 ? 10.658  -2.530  -4.635  1.00 11.83 ? 8   DC  C "C3'" 1 
ATOM   488 O  "O3'" . DC  C 1 8 ? 10.037  -2.720  -5.910  1.00 12.29 ? 8   DC  C "O3'" 1 
ATOM   489 C  "C2'" . DC  C 1 8 ? 9.722   -1.870  -3.627  1.00 11.62 ? 8   DC  C "C2'" 1 
ATOM   490 C  "C1'" . DC  C 1 8 ? 9.172   -3.065  -2.875  1.00 11.38 ? 8   DC  C "C1'" 1 
ATOM   491 N  N1    . DC  C 1 8 ? 8.649   -2.831  -1.522  1.00 10.93 ? 8   DC  C N1    1 
ATOM   492 C  C2    . DC  C 1 8 ? 7.329   -3.201  -1.236  1.00 10.66 ? 8   DC  C C2    1 
ATOM   493 O  O2    . DC  C 1 8 ? 6.622   -3.662  -2.145  1.00 10.55 ? 8   DC  C O2    1 
ATOM   494 N  N3    . DC  C 1 8 ? 6.850   -3.022  0.018   1.00 10.51 ? 8   DC  C N3    1 
ATOM   495 C  C4    . DC  C 1 8 ? 7.641   -2.517  0.968   1.00 10.50 ? 8   DC  C C4    1 
ATOM   496 N  N4    . DC  C 1 8 ? 7.128   -2.359  2.190   1.00 10.42 ? 8   DC  C N4    1 
ATOM   497 C  C5    . DC  C 1 8 ? 8.996   -2.157  0.708   1.00 10.62 ? 8   DC  C C5    1 
ATOM   498 C  C6    . DC  C 1 8 ? 9.456   -2.337  -0.537  1.00 10.73 ? 8   DC  C C6    1 
HETATM 499 MG MG    . MG  D 2 . ? -4.086  7.622   -1.492  1.00 18.54 ? 101 MG  A MG    1 
HETATM 500 MG MG    . MG  E 2 . ? -5.878  -10.095 1.724   0.50 9.06  ? 101 MG  B MG    1 
HETATM 501 O  O     . HOH F 3 . ? -6.947  5.745   -1.599  1.00 9.73  ? 201 HOH A O     1 
HETATM 502 O  O     . HOH F 3 . ? -0.823  9.803   5.892   1.00 13.35 ? 202 HOH A O     1 
HETATM 503 O  O     . HOH F 3 . ? -0.183  8.016   3.916   1.00 13.51 ? 203 HOH A O     1 
HETATM 504 O  O     . HOH F 3 . ? 10.467  5.855   -3.845  1.00 14.25 ? 204 HOH A O     1 
HETATM 505 O  O     . HOH F 3 . ? 7.772   15.150  -14.113 1.00 18.20 ? 205 HOH A O     1 
HETATM 506 O  O     . HOH F 3 . ? -12.249 9.623   -2.630  1.00 18.57 ? 206 HOH A O     1 
HETATM 507 O  O     . HOH F 3 . ? -2.875  6.939   -0.738  1.00 10.70 ? 207 HOH A O     1 
HETATM 508 O  O     . HOH F 3 . ? -7.977  1.487   5.811   1.00 12.23 ? 208 HOH A O     1 
HETATM 509 O  O     . HOH F 3 . ? 7.024   7.866   -3.993  1.00 19.40 ? 209 HOH A O     1 
HETATM 510 O  O     . HOH F 3 . ? -6.386  13.635  2.844   1.00 10.05 ? 210 HOH A O     1 
HETATM 511 O  O     . HOH F 3 . ? -8.645  9.864   -0.690  1.00 11.44 ? 211 HOH A O     1 
HETATM 512 O  O     . HOH F 3 . ? 6.273   -0.088  5.302   1.00 19.02 ? 212 HOH A O     1 
HETATM 513 O  O     . HOH F 3 . ? -8.233  13.011  0.372   1.00 12.13 ? 213 HOH A O     1 
HETATM 514 O  O     . HOH F 3 . ? 2.715   5.429   2.560   1.00 10.94 ? 214 HOH A O     1 
HETATM 515 O  O     . HOH F 3 . ? -10.778 4.405   6.770   1.00 15.36 ? 215 HOH A O     1 
HETATM 516 O  O     . HOH F 3 . ? 12.209  2.328   -9.112  1.00 13.96 ? 216 HOH A O     1 
HETATM 517 O  O     . HOH F 3 . ? -5.910  9.302   1.831   1.00 9.04  ? 217 HOH A O     1 
HETATM 518 O  O     . HOH F 3 . ? 5.810   4.740   0.343   1.00 15.63 ? 218 HOH A O     1 
HETATM 519 O  O     . HOH F 3 . ? 2.103   13.069  -10.515 1.00 16.28 ? 219 HOH A O     1 
HETATM 520 O  O     . HOH F 3 . ? -6.960  12.978  6.487   1.00 14.28 ? 220 HOH A O     1 
HETATM 521 O  O     . HOH F 3 . ? -4.163  11.722  3.859   1.00 22.23 ? 221 HOH A O     1 
HETATM 522 O  O     . HOH F 3 . ? 8.976   1.006   2.762   1.00 21.84 ? 222 HOH A O     1 
HETATM 523 O  O     . HOH F 3 . ? 2.063   6.023   -0.168  1.00 11.04 ? 223 HOH A O     1 
HETATM 524 O  O     . HOH F 3 . ? 10.578  8.489   -6.476  1.00 16.77 ? 224 HOH A O     1 
HETATM 525 O  O     . HOH F 3 . ? -5.676  7.144   -0.032  1.00 7.03  ? 225 HOH A O     1 
HETATM 526 O  O     . HOH F 3 . ? 7.902   6.142   -2.093  1.00 13.67 ? 226 HOH A O     1 
HETATM 527 O  O     . HOH F 3 . ? 10.713  1.822   0.845   1.00 16.64 ? 227 HOH A O     1 
HETATM 528 O  O     . HOH F 3 . ? 6.790   9.043   -17.134 1.00 22.00 ? 228 HOH A O     1 
HETATM 529 O  O     . HOH F 3 . ? 3.000   8.761   -11.828 1.00 9.11  ? 229 HOH A O     1 
HETATM 530 O  O     . HOH F 3 . ? 5.993   6.119   -14.801 1.00 14.73 ? 230 HOH A O     1 
HETATM 531 O  O     . HOH F 3 . ? -3.062  9.140   9.291   1.00 18.28 ? 231 HOH A O     1 
HETATM 532 O  O     . HOH F 3 . ? -2.701  -0.477  3.690   1.00 11.94 ? 232 HOH A O     1 
HETATM 533 O  O     . HOH F 3 . ? -5.070  6.084   -2.932  1.00 13.42 ? 233 HOH A O     1 
HETATM 534 O  O     . HOH F 3 . ? -2.404  8.085   2.116   1.00 13.33 ? 234 HOH A O     1 
HETATM 535 O  O     . HOH F 3 . ? -5.659  7.699   9.424   1.00 16.03 ? 235 HOH A O     1 
HETATM 536 O  O     . HOH F 3 . ? -12.370 3.110   -3.061  1.00 13.84 ? 236 HOH A O     1 
HETATM 537 O  O     . HOH F 3 . ? -10.934 6.585   -3.020  1.00 21.14 ? 237 HOH A O     1 
HETATM 538 O  O     . HOH F 3 . ? 9.084   9.742   -4.318  1.00 17.72 ? 238 HOH A O     1 
HETATM 539 O  O     . HOH F 3 . ? 13.268  3.574   -5.948  1.00 22.93 ? 239 HOH A O     1 
HETATM 540 O  O     . HOH F 3 . ? -8.876  4.751   -2.888  1.00 18.97 ? 240 HOH A O     1 
HETATM 541 O  O     . HOH F 3 . ? 11.863  3.591   -3.207  1.00 33.44 ? 241 HOH A O     1 
HETATM 542 O  O     . HOH F 3 . ? -0.794  -0.765  5.780   1.00 25.78 ? 242 HOH A O     1 
HETATM 543 O  O     . HOH F 3 . ? -8.330  6.519   10.110  1.00 18.07 ? 243 HOH A O     1 
HETATM 544 O  O     . HOH F 3 . ? -3.959  1.365   7.264   1.00 17.62 ? 244 HOH A O     1 
HETATM 545 O  O     . HOH F 3 . ? -12.528 12.265  -2.832  1.00 14.66 ? 245 HOH A O     1 
HETATM 546 O  O     . HOH F 3 . ? 5.427   8.941   -2.053  1.00 19.29 ? 246 HOH A O     1 
HETATM 547 O  O     . HOH F 3 . ? 4.749   7.071   -0.374  1.00 11.59 ? 247 HOH A O     1 
HETATM 548 O  O     . HOH F 3 . ? -8.399  7.593   -1.999  1.00 14.22 ? 248 HOH A O     1 
HETATM 549 O  O     . HOH F 3 . ? 0.416   7.921   -0.832  1.00 16.46 ? 249 HOH A O     1 
HETATM 550 O  O     . HOH F 3 . ? -4.773  11.749  0.794   1.00 19.37 ? 250 HOH A O     1 
HETATM 551 O  O     . HOH F 3 . ? 9.303   11.983  -16.121 1.00 19.63 ? 251 HOH A O     1 
HETATM 552 O  O     . HOH F 3 . ? -9.828  9.917   -4.074  1.00 22.89 ? 252 HOH A O     1 
HETATM 553 O  O     . HOH F 3 . ? 10.115  13.848  -14.295 1.00 24.67 ? 253 HOH A O     1 
HETATM 554 O  O     . HOH F 3 . ? 9.933   4.043   -14.266 1.00 4.22  ? 254 HOH A O     1 
HETATM 555 O  O     . HOH F 3 . ? -13.456 5.540   -4.099  1.00 19.80 ? 255 HOH A O     1 
HETATM 556 O  O     . HOH F 3 . ? 4.774   1.300   7.431   1.00 17.26 ? 256 HOH A O     1 
HETATM 557 O  O     . HOH F 3 . ? -8.011  11.323  -2.715  1.00 9.78  ? 257 HOH A O     1 
HETATM 558 O  O     . HOH F 3 . ? 1.897   11.063  -12.623 1.00 20.38 ? 258 HOH A O     1 
HETATM 559 O  O     . HOH F 3 . ? -1.338  0.513   8.071   1.00 30.78 ? 259 HOH A O     1 
HETATM 560 O  O     . HOH F 3 . ? 11.034  9.657   -9.107  1.00 15.47 ? 260 HOH A O     1 
HETATM 561 O  O     . HOH F 3 . ? 2.048   -1.232  6.962   1.00 23.00 ? 261 HOH A O     1 
HETATM 562 O  O     . HOH F 3 . ? 1.130   9.415   1.574   1.00 21.48 ? 262 HOH A O     1 
HETATM 563 O  O     . HOH F 3 . ? 8.341   8.076   0.065   1.00 18.05 ? 263 HOH A O     1 
HETATM 564 O  O     . HOH F 3 . ? -4.392  9.648   -1.294  1.00 11.11 ? 264 HOH A O     1 
HETATM 565 O  O     . HOH F 3 . ? -1.686  9.851   -0.145  1.00 23.86 ? 265 HOH A O     1 
HETATM 566 O  O     . HOH G 3 . ? 0.311   9.687   -2.575  1.00 15.53 ? 201 HOH B O     1 
HETATM 567 O  O     . HOH G 3 . ? -0.979  7.818   -2.834  1.00 25.74 ? 202 HOH B O     1 
HETATM 568 O  O     . HOH G 3 . ? -12.450 -3.712  8.530   1.00 18.89 ? 203 HOH B O     1 
HETATM 569 O  O     . HOH G 3 . ? -1.784  13.237  -0.730  1.00 16.09 ? 204 HOH B O     1 
HETATM 570 O  O     . HOH G 3 . ? -6.690  17.645  -4.424  1.00 13.49 ? 205 HOH B O     1 
HETATM 571 O  O     . HOH G 3 . ? -6.706  -7.232  7.291   1.00 26.90 ? 206 HOH B O     1 
HETATM 572 O  O     . HOH G 3 . ? 1.538   14.468  1.951   1.00 18.53 ? 207 HOH B O     1 
HETATM 573 O  O     . HOH G 3 . ? -4.351  14.881  0.223   1.00 10.74 ? 208 HOH B O     1 
HETATM 574 O  O     . HOH G 3 . ? -10.471 -3.737  -5.698  1.00 18.55 ? 209 HOH B O     1 
HETATM 575 O  O     . HOH G 3 . ? -11.295 -3.949  -1.917  1.00 13.93 ? 210 HOH B O     1 
HETATM 576 O  O     . HOH G 3 . ? -7.167  8.858   -7.156  1.00 14.14 ? 211 HOH B O     1 
HETATM 577 O  O     . HOH G 3 . ? -9.306  -0.159  -3.523  1.00 18.76 ? 212 HOH B O     1 
HETATM 578 O  O     . HOH G 3 . ? -8.817  -0.339  -12.897 1.00 26.82 ? 213 HOH B O     1 
HETATM 579 O  O     . HOH G 3 . ? -6.816  13.568  -4.006  1.00 30.29 ? 214 HOH B O     1 
HETATM 580 O  O     . HOH G 3 . ? -9.746  -9.375  5.186   1.00 12.77 ? 215 HOH B O     1 
HETATM 581 O  O     . HOH G 3 . ? -7.074  5.289   -8.709  1.00 10.55 ? 216 HOH B O     1 
HETATM 582 O  O     . HOH G 3 . ? -10.934 -9.464  2.131   1.00 18.84 ? 217 HOH B O     1 
HETATM 583 O  O     . HOH G 3 . ? 0.651   6.931   -11.202 1.00 13.35 ? 218 HOH B O     1 
HETATM 584 O  O     . HOH G 3 . ? -7.610  1.464   -7.998  1.00 15.93 ? 219 HOH B O     1 
HETATM 585 O  O     . HOH G 3 . ? -3.926  12.309  -3.672  1.00 8.70  ? 220 HOH B O     1 
HETATM 586 O  O     . HOH G 3 . ? -3.614  7.861   -3.782  1.00 10.63 ? 221 HOH B O     1 
HETATM 587 O  O     . HOH G 3 . ? -8.193  -2.740  -11.760 1.00 27.72 ? 222 HOH B O     1 
HETATM 588 O  O     . HOH G 3 . ? -1.958  10.354  -3.497  1.00 6.84  ? 223 HOH B O     1 
HETATM 589 O  O     . HOH G 3 . ? 6.181   11.668  -1.457  1.00 21.81 ? 224 HOH B O     1 
HETATM 590 O  O     . HOH G 3 . ? -6.878  15.247  -1.676  1.00 16.79 ? 225 HOH B O     1 
HETATM 591 O  O     . HOH G 3 . ? -9.572  -1.090  -6.151  1.00 11.62 ? 226 HOH B O     1 
HETATM 592 O  O     . HOH G 3 . ? -5.274  -1.712  4.171   1.00 10.85 ? 227 HOH B O     1 
HETATM 593 O  O     . HOH G 3 . ? -8.759  11.306  -8.356  1.00 17.92 ? 228 HOH B O     1 
HETATM 594 O  O     . HOH G 3 . ? -5.643  9.911   -5.306  1.00 21.89 ? 229 HOH B O     1 
HETATM 595 O  O     . HOH G 3 . ? -8.336  -6.343  -9.756  1.00 23.36 ? 230 HOH B O     1 
HETATM 596 O  O     . HOH G 3 . ? -5.930  2.126   -14.884 1.00 17.17 ? 231 HOH B O     1 
HETATM 597 O  O     . HOH G 3 . ? -8.729  6.111   -13.494 1.00 22.23 ? 232 HOH B O     1 
HETATM 598 O  O     . HOH G 3 . ? -9.714  -5.143  -7.772  1.00 19.99 ? 233 HOH B O     1 
HETATM 599 O  O     . HOH G 3 . ? -4.504  -6.852  4.568   1.00 12.76 ? 234 HOH B O     1 
HETATM 600 O  O     . HOH G 3 . ? -12.003 -6.601  3.111   1.00 32.43 ? 235 HOH B O     1 
HETATM 601 O  O     . HOH G 3 . ? 2.894   12.015  -0.026  1.00 18.82 ? 236 HOH B O     1 
HETATM 602 O  O     . HOH G 3 . ? -7.876  14.744  -10.228 1.00 42.12 ? 237 HOH B O     1 
HETATM 603 O  O     . HOH G 3 . ? -6.144  4.616   -6.131  1.00 11.44 ? 238 HOH B O     1 
HETATM 604 O  O     . HOH G 3 . ? -12.085 -1.197  -2.671  1.00 12.74 ? 239 HOH B O     1 
HETATM 605 O  O     . HOH G 3 . ? 2.941   9.852   -1.741  1.00 19.00 ? 240 HOH B O     1 
HETATM 606 O  O     . HOH G 3 . ? -8.227  -9.504  1.083   0.50 16.90 ? 241 HOH B O     1 
HETATM 607 O  O     . HOH G 3 . ? 1.162   17.636  -6.921  1.00 46.08 ? 242 HOH B O     1 
HETATM 608 O  O     . HOH G 3 . ? 0.999   -1.225  -5.587  1.00 21.83 ? 243 HOH B O     1 
HETATM 609 O  O     . HOH G 3 . ? -7.694  16.117  -6.707  1.00 23.50 ? 244 HOH B O     1 
HETATM 610 O  O     . HOH G 3 . ? -1.064  10.855  -12.784 1.00 17.97 ? 245 HOH B O     1 
HETATM 611 O  O     . HOH G 3 . ? -9.142  -6.281  8.730   1.00 29.19 ? 246 HOH B O     1 
HETATM 612 O  O     . HOH G 3 . ? -0.580  6.545   -13.747 1.00 13.01 ? 247 HOH B O     1 
HETATM 613 O  O     . HOH G 3 . ? -0.172  15.776  3.620   1.00 9.39  ? 248 HOH B O     1 
HETATM 614 O  O     . HOH G 3 . ? -0.533  17.599  -9.508  1.00 28.79 ? 249 HOH B O     1 
HETATM 615 O  O     . HOH G 3 . ? 0.238   11.388  -0.775  1.00 16.45 ? 250 HOH B O     1 
HETATM 616 O  O     . HOH G 3 . ? -9.879  2.262   -3.932  1.00 19.91 ? 251 HOH B O     1 
HETATM 617 O  O     . HOH G 3 . ? -5.898  12.214  -1.607  1.00 12.88 ? 252 HOH B O     1 
HETATM 618 O  O     . HOH G 3 . ? -7.170  5.908   -4.383  1.00 22.00 ? 253 HOH B O     1 
HETATM 619 O  O     . HOH G 3 . ? 0.203   12.155  2.192   1.00 21.65 ? 254 HOH B O     1 
HETATM 620 O  O     . HOH G 3 . ? -6.285  -0.600  6.649   1.00 24.22 ? 255 HOH B O     1 
HETATM 621 O  O     . HOH G 3 . ? -2.656  9.010   -14.283 1.00 21.75 ? 256 HOH B O     1 
HETATM 622 O  O     . HOH G 3 . ? -2.661  8.789   -2.386  1.00 13.42 ? 257 HOH B O     1 
HETATM 623 O  O     . HOH G 3 . ? -3.696  14.522  -13.290 1.00 23.00 ? 258 HOH B O     1 
HETATM 624 O  O     . HOH G 3 . ? -10.159 11.760  -5.923  1.00 23.91 ? 259 HOH B O     1 
HETATM 625 O  O     . HOH G 3 . ? -9.296  2.696   -6.380  1.00 18.62 ? 260 HOH B O     1 
HETATM 626 O  O     . HOH G 3 . ? -8.429  -10.465 -5.969  1.00 19.77 ? 261 HOH B O     1 
HETATM 627 O  O     . HOH G 3 . ? -11.719 -5.292  0.493   1.00 18.45 ? 262 HOH B O     1 
HETATM 628 O  O     . HOH G 3 . ? -2.430  12.233  1.807   1.00 6.94  ? 263 HOH B O     1 
HETATM 629 O  O     . HOH G 3 . ? -3.146  4.993   -15.425 1.00 29.29 ? 264 HOH B O     1 
HETATM 630 O  O     . HOH G 3 . ? -9.557  5.506   -7.367  1.00 20.44 ? 265 HOH B O     1 
HETATM 631 O  O     . HOH G 3 . ? -5.629  -4.895  8.063   1.00 18.78 ? 266 HOH B O     1 
HETATM 632 O  O     . HOH G 3 . ? -8.820  7.745   -5.341  1.00 16.38 ? 267 HOH B O     1 
HETATM 633 O  O     . HOH G 3 . ? -6.372  9.048   -2.939  1.00 15.57 ? 268 HOH B O     1 
HETATM 634 O  O     . HOH H 3 . ? 0.853   -16.184 4.211   1.00 17.71 ? 101 HOH C O     1 
HETATM 635 O  O     . HOH H 3 . ? 2.348   -14.459 4.052   1.00 15.62 ? 102 HOH C O     1 
HETATM 636 O  O     . HOH H 3 . ? -5.109  -8.651  8.580   1.00 20.39 ? 103 HOH C O     1 
HETATM 637 O  O     . HOH H 3 . ? -2.359  -20.511 1.133   1.00 23.28 ? 104 HOH C O     1 
HETATM 638 O  O     . HOH H 3 . ? 13.301  -0.732  -1.148  1.00 21.51 ? 105 HOH C O     1 
HETATM 639 O  O     . HOH H 3 . ? -3.361  -14.919 2.677   1.00 11.21 ? 106 HOH C O     1 
HETATM 640 O  O     . HOH H 3 . ? 13.729  -3.464  9.634   1.00 25.60 ? 107 HOH C O     1 
HETATM 641 O  O     . HOH H 3 . ? 11.906  -2.695  7.416   1.00 14.19 ? 108 HOH C O     1 
HETATM 642 O  O     . HOH H 3 . ? 12.127  -5.014  13.138  1.00 19.42 ? 109 HOH C O     1 
HETATM 643 O  O     . HOH H 3 . ? 9.619   -5.716  14.168  1.00 17.72 ? 110 HOH C O     1 
HETATM 644 O  O     . HOH H 3 . ? 15.371  -4.997  -6.223  1.00 20.59 ? 111 HOH C O     1 
HETATM 645 O  O     . HOH H 3 . ? 1.677   -11.954 5.611   1.00 10.75 ? 112 HOH C O     1 
HETATM 646 O  O     . HOH H 3 . ? -0.595  -10.611 7.597   1.00 20.76 ? 113 HOH C O     1 
HETATM 647 O  O     . HOH H 3 . ? -8.849  -11.029 7.004   1.00 13.28 ? 114 HOH C O     1 
HETATM 648 O  O     . HOH H 3 . ? 17.604  -4.125  4.937   1.00 16.38 ? 115 HOH C O     1 
HETATM 649 O  O     . HOH H 3 . ? -6.768  -20.273 7.679   1.00 19.57 ? 116 HOH C O     1 
HETATM 650 O  O     . HOH H 3 . ? 6.260   -5.270  -4.289  1.00 11.26 ? 117 HOH C O     1 
HETATM 651 O  O     . HOH H 3 . ? 9.906   -0.090  -6.585  1.00 17.94 ? 118 HOH C O     1 
HETATM 652 O  O     . HOH H 3 . ? 7.728   -8.802  16.394  1.00 15.82 ? 119 HOH C O     1 
HETATM 653 O  O     . HOH H 3 . ? 4.724   -8.815  7.781   1.00 9.11  ? 120 HOH C O     1 
HETATM 654 O  O     . HOH H 3 . ? -0.145  -22.082 2.763   1.00 14.64 ? 121 HOH C O     1 
HETATM 655 O  O     . HOH H 3 . ? -2.855  -12.452 5.499   1.00 11.04 ? 122 HOH C O     1 
HETATM 656 O  O     . HOH H 3 . ? 8.608   -1.505  4.336   1.00 20.10 ? 123 HOH C O     1 
HETATM 657 O  O     . HOH H 3 . ? -6.550  -10.111 4.059   1.00 11.60 ? 124 HOH C O     1 
HETATM 658 O  O     . HOH H 3 . ? 11.421  -1.536  3.521   1.00 17.25 ? 125 HOH C O     1 
HETATM 659 O  O     . HOH H 3 . ? 7.175   -6.398  9.956   1.00 12.66 ? 126 HOH C O     1 
HETATM 660 O  O     . HOH H 3 . ? 8.220   -4.207  5.224   1.00 16.65 ? 127 HOH C O     1 
HETATM 661 O  O     . HOH H 3 . ? 3.879   -8.227  10.336  1.00 9.72  ? 128 HOH C O     1 
HETATM 662 O  O     . HOH H 3 . ? -5.407  -19.096 10.575  1.00 15.68 ? 129 HOH C O     1 
HETATM 663 O  O     . HOH H 3 . ? -0.133  -8.791  9.279   1.00 18.38 ? 130 HOH C O     1 
HETATM 664 O  O     . HOH H 3 . ? 10.170  -7.526  -2.786  1.00 12.30 ? 131 HOH C O     1 
HETATM 665 O  O     . HOH H 3 . ? -5.578  -12.240 1.731   1.00 10.53 ? 132 HOH C O     1 
HETATM 666 O  O     . HOH H 3 . ? 9.387   -4.140  7.806   1.00 12.27 ? 133 HOH C O     1 
HETATM 667 O  O     . HOH H 3 . ? -2.417  -7.931  11.080  1.00 26.53 ? 134 HOH C O     1 
HETATM 668 O  O     . HOH H 3 . ? 4.053   -16.127 12.692  1.00 12.94 ? 135 HOH C O     1 
HETATM 669 O  O     . HOH H 3 . ? 15.152  -7.222  -3.418  1.00 10.11 ? 136 HOH C O     1 
HETATM 670 O  O     . HOH H 3 . ? 17.147  -3.158  0.031   1.00 13.58 ? 137 HOH C O     1 
HETATM 671 O  O     . HOH H 3 . ? -0.597  -13.989 5.095   1.00 10.63 ? 138 HOH C O     1 
HETATM 672 O  O     . HOH H 3 . ? -3.767  -18.159 -0.201  1.00 17.75 ? 139 HOH C O     1 
HETATM 673 O  O     . HOH H 3 . ? -1.052  -18.601 1.724   1.00 19.47 ? 140 HOH C O     1 
HETATM 674 O  O     . HOH H 3 . ? -5.208  -9.786  12.867  1.00 19.95 ? 141 HOH C O     1 
HETATM 675 O  O     . HOH H 3 . ? 8.579   -3.929  -8.303  1.00 30.38 ? 142 HOH C O     1 
HETATM 676 O  O     . HOH H 3 . ? -5.755  -16.512 -1.287  1.00 18.04 ? 143 HOH C O     1 
HETATM 677 O  O     . HOH H 3 . ? 11.622  -14.500 6.500   0.50 20.87 ? 144 HOH C O     1 
HETATM 678 O  O     . HOH H 3 . ? 4.104   -6.118  5.132   1.00 17.98 ? 145 HOH C O     1 
HETATM 679 O  O     . HOH H 3 . ? -4.535  -9.389  6.283   1.00 21.30 ? 146 HOH C O     1 
HETATM 680 O  O     . HOH H 3 . ? -6.436  -12.467 12.462  1.00 36.09 ? 147 HOH C O     1 
HETATM 681 O  O     . HOH H 3 . ? 5.653   -6.299  7.652   1.00 15.13 ? 148 HOH C O     1 
HETATM 682 O  O     . HOH H 3 . ? -1.039  -16.277 2.791   1.00 15.79 ? 149 HOH C O     1 
HETATM 683 O  O     . HOH H 3 . ? 4.223   -14.833 15.308  1.00 15.72 ? 150 HOH C O     1 
HETATM 684 O  O     . HOH H 3 . ? -0.191  -15.577 14.528  1.00 22.39 ? 151 HOH C O     1 
HETATM 685 O  O     . HOH H 3 . ? -7.164  -9.879  9.124   1.00 19.50 ? 152 HOH C O     1 
HETATM 686 O  O     . HOH H 3 . ? -6.801  -17.135 12.013  1.00 38.73 ? 153 HOH C O     1 
HETATM 687 O  O     . HOH H 3 . ? -3.561  -10.258 3.976   1.00 22.11 ? 154 HOH C O     1 
HETATM 688 O  O     . HOH H 3 . ? 5.625   -4.279  5.720   1.00 18.83 ? 155 HOH C O     1 
HETATM 689 O  O     . HOH H 3 . ? 2.836   -8.467  5.960   1.00 20.53 ? 156 HOH C O     1 
HETATM 690 O  O     . HOH H 3 . ? -2.313  -15.896 -0.779  1.00 16.44 ? 157 HOH C O     1 
HETATM 691 O  O     . HOH H 3 . ? -4.378  -13.512 15.191  1.00 21.47 ? 158 HOH C O     1 
HETATM 692 O  O     . HOH H 3 . ? 16.062  -4.369  8.492   1.00 28.82 ? 159 HOH C O     1 
HETATM 693 O  O     . HOH H 3 . ? -3.283  -6.467  8.704   1.00 27.54 ? 160 HOH C O     1 
HETATM 694 O  O     . HOH H 3 . ? 0.889   -12.845 3.976   1.00 15.65 ? 161 HOH C O     1 
HETATM 695 O  O     . HOH H 3 . ? 12.351  0.680   -5.562  1.00 17.65 ? 162 HOH C O     1 
HETATM 696 O  O     . HOH H 3 . ? -2.680  -13.531 0.350   1.00 8.57  ? 163 HOH C O     1 
HETATM 697 O  O     . HOH H 3 . ? 8.516   -7.157  -4.767  1.00 15.79 ? 164 HOH C O     1 
HETATM 698 O  O     . HOH H 3 . ? 1.620   -14.074 16.025  1.00 24.04 ? 165 HOH C O     1 
HETATM 699 O  O     . HOH H 3 . ? 12.561  -0.495  1.410   1.00 18.00 ? 166 HOH C O     1 
HETATM 700 O  O     . HOH H 3 . ? -1.195  -11.274 3.002   0.50 41.97 ? 167 HOH C O     1 
HETATM 701 O  O     . HOH H 3 . ? 12.799  -6.555  -6.749  1.00 23.65 ? 168 HOH C O     1 
HETATM 702 O  O     . HOH H 3 . ? 1.134   -7.027  7.411   1.00 19.26 ? 169 HOH C O     1 
HETATM 703 O  O     . HOH H 3 . ? -0.061  -9.316  4.943   1.00 22.66 ? 170 HOH C O     1 
HETATM 704 O  O     . HOH H 3 . ? 0.550   -19.601 -0.321  1.00 25.22 ? 171 HOH C O     1 
# 
loop_
_pdbx_poly_seq_scheme.asym_id 
_pdbx_poly_seq_scheme.entity_id 
_pdbx_poly_seq_scheme.seq_id 
_pdbx_poly_seq_scheme.mon_id 
_pdbx_poly_seq_scheme.ndb_seq_num 
_pdbx_poly_seq_scheme.pdb_seq_num 
_pdbx_poly_seq_scheme.auth_seq_num 
_pdbx_poly_seq_scheme.pdb_mon_id 
_pdbx_poly_seq_scheme.auth_mon_id 
_pdbx_poly_seq_scheme.pdb_strand_id 
_pdbx_poly_seq_scheme.pdb_ins_code 
_pdbx_poly_seq_scheme.hetero 
A 1 1 DG  1 1 1 DG  DG  A . n 
A 1 2 OMU 2 2 2 OMU U2M A . n 
A 1 3 DG  3 3 3 DG  DG  A . n 
A 1 4 DT  4 4 4 DT  DT  A . n 
A 1 5 5JO 5 5 5 5JO A2P A . n 
A 1 6 DC  6 6 6 DC  DC  A . n 
A 1 7 DA  7 7 7 DA  DA  A . n 
A 1 8 DC  8 8 8 DC  DC  A . n 
B 1 1 DG  1 1 1 DG  DG  B . n 
B 1 2 OMU 2 2 2 OMU U2M B . n 
B 1 3 DG  3 3 3 DG  DG  B . n 
B 1 4 DT  4 4 4 DT  DT  B . n 
B 1 5 5JO 5 5 5 5JO A2P B . n 
B 1 6 DC  6 6 6 DC  DC  B . n 
B 1 7 DA  7 7 7 DA  DA  B . n 
B 1 8 DC  8 8 8 DC  DC  B . n 
C 1 1 DG  1 1 1 DG  DG  C . n 
C 1 2 OMU 2 2 2 OMU U2M C . n 
C 1 3 DG  3 3 3 DG  DG  C . n 
C 1 4 DT  4 4 4 DT  DT  C . n 
C 1 5 5JO 5 5 5 5JO A2P C . n 
C 1 6 DC  6 6 6 DC  DC  C . n 
C 1 7 DA  7 7 7 DA  DA  C . n 
C 1 8 DC  8 8 8 DC  DC  C . n 
# 
loop_
_pdbx_nonpoly_scheme.asym_id 
_pdbx_nonpoly_scheme.entity_id 
_pdbx_nonpoly_scheme.mon_id 
_pdbx_nonpoly_scheme.ndb_seq_num 
_pdbx_nonpoly_scheme.pdb_seq_num 
_pdbx_nonpoly_scheme.auth_seq_num 
_pdbx_nonpoly_scheme.pdb_mon_id 
_pdbx_nonpoly_scheme.auth_mon_id 
_pdbx_nonpoly_scheme.pdb_strand_id 
_pdbx_nonpoly_scheme.pdb_ins_code 
D 2 MG  1  101 1   MG  MG  A . 
E 2 MG  1  101 1   MG  MG  B . 
F 3 HOH 1  201 147 HOH HOH A . 
F 3 HOH 2  202 100 HOH HOH A . 
F 3 HOH 3  203 55  HOH HOH A . 
F 3 HOH 4  204 54  HOH HOH A . 
F 3 HOH 5  205 161 HOH HOH A . 
F 3 HOH 6  206 142 HOH HOH A . 
F 3 HOH 7  207 30  HOH HOH A . 
F 3 HOH 8  208 4   HOH HOH A . 
F 3 HOH 9  209 64  HOH HOH A . 
F 3 HOH 10 210 29  HOH HOH A . 
F 3 HOH 11 211 57  HOH HOH A . 
F 3 HOH 12 212 114 HOH HOH A . 
F 3 HOH 13 213 25  HOH HOH A . 
F 3 HOH 14 214 13  HOH HOH A . 
F 3 HOH 15 215 91  HOH HOH A . 
F 3 HOH 16 216 43  HOH HOH A . 
F 3 HOH 17 217 11  HOH HOH A . 
F 3 HOH 18 218 31  HOH HOH A . 
F 3 HOH 19 219 15  HOH HOH A . 
F 3 HOH 20 220 108 HOH HOH A . 
F 3 HOH 21 221 134 HOH HOH A . 
F 3 HOH 22 222 96  HOH HOH A . 
F 3 HOH 23 223 9   HOH HOH A . 
F 3 HOH 24 224 83  HOH HOH A . 
F 3 HOH 25 225 2   HOH HOH A . 
F 3 HOH 26 226 21  HOH HOH A . 
F 3 HOH 27 227 81  HOH HOH A . 
F 3 HOH 28 228 137 HOH HOH A . 
F 3 HOH 29 229 10  HOH HOH A . 
F 3 HOH 30 230 36  HOH HOH A . 
F 3 HOH 31 231 123 HOH HOH A . 
F 3 HOH 32 232 32  HOH HOH A . 
F 3 HOH 33 233 76  HOH HOH A . 
F 3 HOH 34 234 68  HOH HOH A . 
F 3 HOH 35 235 127 HOH HOH A . 
F 3 HOH 36 236 62  HOH HOH A . 
F 3 HOH 37 237 71  HOH HOH A . 
F 3 HOH 38 238 98  HOH HOH A . 
F 3 HOH 39 239 138 HOH HOH A . 
F 3 HOH 40 240 60  HOH HOH A . 
F 3 HOH 41 241 128 HOH HOH A . 
F 3 HOH 42 242 154 HOH HOH A . 
F 3 HOH 43 243 193 HOH HOH A . 
F 3 HOH 44 244 156 HOH HOH A . 
F 3 HOH 45 245 143 HOH HOH A . 
F 3 HOH 46 246 86  HOH HOH A . 
F 3 HOH 47 247 105 HOH HOH A . 
F 3 HOH 48 248 59  HOH HOH A . 
F 3 HOH 49 249 153 HOH HOH A . 
F 3 HOH 50 250 141 HOH HOH A . 
F 3 HOH 51 251 167 HOH HOH A . 
F 3 HOH 52 252 144 HOH HOH A . 
F 3 HOH 53 253 162 HOH HOH A . 
F 3 HOH 54 254 44  HOH HOH A . 
F 3 HOH 55 255 182 HOH HOH A . 
F 3 HOH 56 256 192 HOH HOH A . 
F 3 HOH 57 257 102 HOH HOH A . 
F 3 HOH 58 258 158 HOH HOH A . 
F 3 HOH 59 259 155 HOH HOH A . 
F 3 HOH 60 260 85  HOH HOH A . 
F 3 HOH 61 261 201 HOH HOH A . 
F 3 HOH 62 262 87  HOH HOH A . 
F 3 HOH 63 263 191 HOH HOH A . 
F 3 HOH 64 264 104 HOH HOH A . 
F 3 HOH 65 265 79  HOH HOH A . 
G 3 HOH 1  201 152 HOH HOH B . 
G 3 HOH 2  202 73  HOH HOH B . 
G 3 HOH 3  203 164 HOH HOH B . 
G 3 HOH 4  204 41  HOH HOH B . 
G 3 HOH 5  205 51  HOH HOH B . 
G 3 HOH 6  206 118 HOH HOH B . 
G 3 HOH 7  207 77  HOH HOH B . 
G 3 HOH 8  208 50  HOH HOH B . 
G 3 HOH 9  209 66  HOH HOH B . 
G 3 HOH 10 210 78  HOH HOH B . 
G 3 HOH 11 211 70  HOH HOH B . 
G 3 HOH 12 212 53  HOH HOH B . 
G 3 HOH 13 213 92  HOH HOH B . 
G 3 HOH 14 214 82  HOH HOH B . 
G 3 HOH 15 215 24  HOH HOH B . 
G 3 HOH 16 216 14  HOH HOH B . 
G 3 HOH 17 217 198 HOH HOH B . 
G 3 HOH 18 218 49  HOH HOH B . 
G 3 HOH 19 219 33  HOH HOH B . 
G 3 HOH 20 220 6   HOH HOH B . 
G 3 HOH 21 221 27  HOH HOH B . 
G 3 HOH 22 222 179 HOH HOH B . 
G 3 HOH 23 223 1   HOH HOH B . 
G 3 HOH 24 224 52  HOH HOH B . 
G 3 HOH 25 225 26  HOH HOH B . 
G 3 HOH 26 226 18  HOH HOH B . 
G 3 HOH 27 227 12  HOH HOH B . 
G 3 HOH 28 228 94  HOH HOH B . 
G 3 HOH 29 229 65  HOH HOH B . 
G 3 HOH 30 230 163 HOH HOH B . 
G 3 HOH 31 231 90  HOH HOH B . 
G 3 HOH 32 232 199 HOH HOH B . 
G 3 HOH 33 233 180 HOH HOH B . 
G 3 HOH 34 234 38  HOH HOH B . 
G 3 HOH 35 235 140 HOH HOH B . 
G 3 HOH 36 236 72  HOH HOH B . 
G 3 HOH 37 237 139 HOH HOH B . 
G 3 HOH 38 238 16  HOH HOH B . 
G 3 HOH 39 239 116 HOH HOH B . 
G 3 HOH 40 240 61  HOH HOH B . 
G 3 HOH 41 241 34  HOH HOH B . 
G 3 HOH 42 242 130 HOH HOH B . 
G 3 HOH 43 243 111 HOH HOH B . 
G 3 HOH 44 244 185 HOH HOH B . 
G 3 HOH 45 245 159 HOH HOH B . 
G 3 HOH 46 246 197 HOH HOH B . 
G 3 HOH 47 247 67  HOH HOH B . 
G 3 HOH 48 248 37  HOH HOH B . 
G 3 HOH 49 249 203 HOH HOH B . 
G 3 HOH 50 250 107 HOH HOH B . 
G 3 HOH 51 251 149 HOH HOH B . 
G 3 HOH 52 252 101 HOH HOH B . 
G 3 HOH 53 253 146 HOH HOH B . 
G 3 HOH 54 254 88  HOH HOH B . 
G 3 HOH 55 255 157 HOH HOH B . 
G 3 HOH 56 256 160 HOH HOH B . 
G 3 HOH 57 257 151 HOH HOH B . 
G 3 HOH 58 258 204 HOH HOH B . 
G 3 HOH 59 259 183 HOH HOH B . 
G 3 HOH 60 260 148 HOH HOH B . 
G 3 HOH 61 261 166 HOH HOH B . 
G 3 HOH 62 262 89  HOH HOH B . 
G 3 HOH 63 263 46  HOH HOH B . 
G 3 HOH 64 264 93  HOH HOH B . 
G 3 HOH 65 265 195 HOH HOH B . 
G 3 HOH 66 266 190 HOH HOH B . 
G 3 HOH 67 267 109 HOH HOH B . 
G 3 HOH 68 268 145 HOH HOH B . 
H 3 HOH 1  101 171 HOH HOH C . 
H 3 HOH 2  102 74  HOH HOH C . 
H 3 HOH 3  103 196 HOH HOH C . 
H 3 HOH 4  104 200 HOH HOH C . 
H 3 HOH 5  105 135 HOH HOH C . 
H 3 HOH 6  106 28  HOH HOH C . 
H 3 HOH 7  107 121 HOH HOH C . 
H 3 HOH 8  108 58  HOH HOH C . 
H 3 HOH 9  109 181 HOH HOH C . 
H 3 HOH 10 110 136 HOH HOH C . 
H 3 HOH 11 111 124 HOH HOH C . 
H 3 HOH 12 112 35  HOH HOH C . 
H 3 HOH 13 113 42  HOH HOH C . 
H 3 HOH 14 114 47  HOH HOH C . 
H 3 HOH 15 115 80  HOH HOH C . 
H 3 HOH 16 116 120 HOH HOH C . 
H 3 HOH 17 117 19  HOH HOH C . 
H 3 HOH 18 118 95  HOH HOH C . 
H 3 HOH 19 119 113 HOH HOH C . 
H 3 HOH 20 120 8   HOH HOH C . 
H 3 HOH 21 121 131 HOH HOH C . 
H 3 HOH 22 122 7   HOH HOH C . 
H 3 HOH 23 123 75  HOH HOH C . 
H 3 HOH 24 124 23  HOH HOH C . 
H 3 HOH 25 125 69  HOH HOH C . 
H 3 HOH 26 126 39  HOH HOH C . 
H 3 HOH 27 127 56  HOH HOH C . 
H 3 HOH 28 128 20  HOH HOH C . 
H 3 HOH 29 129 117 HOH HOH C . 
H 3 HOH 30 130 115 HOH HOH C . 
H 3 HOH 31 131 5   HOH HOH C . 
H 3 HOH 32 132 22  HOH HOH C . 
H 3 HOH 33 133 17  HOH HOH C . 
H 3 HOH 34 134 129 HOH HOH C . 
H 3 HOH 35 135 174 HOH HOH C . 
H 3 HOH 36 136 103 HOH HOH C . 
H 3 HOH 37 137 48  HOH HOH C . 
H 3 HOH 38 138 3   HOH HOH C . 
H 3 HOH 39 139 97  HOH HOH C . 
H 3 HOH 40 140 126 HOH HOH C . 
H 3 HOH 41 141 122 HOH HOH C . 
H 3 HOH 42 142 99  HOH HOH C . 
H 3 HOH 43 143 40  HOH HOH C . 
H 3 HOH 44 144 112 HOH HOH C . 
H 3 HOH 45 145 63  HOH HOH C . 
H 3 HOH 46 146 187 HOH HOH C . 
H 3 HOH 47 147 125 HOH HOH C . 
H 3 HOH 48 148 133 HOH HOH C . 
H 3 HOH 49 149 84  HOH HOH C . 
H 3 HOH 50 150 150 HOH HOH C . 
H 3 HOH 51 151 176 HOH HOH C . 
H 3 HOH 52 152 119 HOH HOH C . 
H 3 HOH 53 153 186 HOH HOH C . 
H 3 HOH 54 154 168 HOH HOH C . 
H 3 HOH 55 155 132 HOH HOH C . 
H 3 HOH 56 156 170 HOH HOH C . 
H 3 HOH 57 157 188 HOH HOH C . 
H 3 HOH 58 158 194 HOH HOH C . 
H 3 HOH 59 159 165 HOH HOH C . 
H 3 HOH 60 160 189 HOH HOH C . 
H 3 HOH 61 161 169 HOH HOH C . 
H 3 HOH 62 162 110 HOH HOH C . 
H 3 HOH 63 163 45  HOH HOH C . 
H 3 HOH 64 164 175 HOH HOH C . 
H 3 HOH 65 165 177 HOH HOH C . 
H 3 HOH 66 166 106 HOH HOH C . 
H 3 HOH 67 167 178 HOH HOH C . 
H 3 HOH 68 168 184 HOH HOH C . 
H 3 HOH 69 169 172 HOH HOH C . 
H 3 HOH 70 170 173 HOH HOH C . 
H 3 HOH 71 171 202 HOH HOH C . 
# 
loop_
_pdbx_struct_assembly.id 
_pdbx_struct_assembly.details 
_pdbx_struct_assembly.method_details 
_pdbx_struct_assembly.oligomeric_details 
_pdbx_struct_assembly.oligomeric_count 
1 software_defined_assembly PISA dimeric 2 
2 software_defined_assembly PISA dimeric 2 
# 
loop_
_pdbx_struct_assembly_gen.assembly_id 
_pdbx_struct_assembly_gen.oper_expression 
_pdbx_struct_assembly_gen.asym_id_list 
1 1   A,B,D,E,F,G 
2 1,2 C,H         
# 
loop_
_pdbx_struct_assembly_prop.biol_id 
_pdbx_struct_assembly_prop.type 
_pdbx_struct_assembly_prop.value 
_pdbx_struct_assembly_prop.details 
1 'ABSA (A^2)' 740  ? 
1 MORE         -4   ? 
1 'SSA (A^2)'  3220 ? 
2 'ABSA (A^2)' 740  ? 
2 MORE         -4   ? 
2 'SSA (A^2)'  3200 ? 
# 
loop_
_pdbx_struct_oper_list.id 
_pdbx_struct_oper_list.type 
_pdbx_struct_oper_list.name 
_pdbx_struct_oper_list.symmetry_operation 
_pdbx_struct_oper_list.matrix[1][1] 
_pdbx_struct_oper_list.matrix[1][2] 
_pdbx_struct_oper_list.matrix[1][3] 
_pdbx_struct_oper_list.vector[1] 
_pdbx_struct_oper_list.matrix[2][1] 
_pdbx_struct_oper_list.matrix[2][2] 
_pdbx_struct_oper_list.matrix[2][3] 
_pdbx_struct_oper_list.vector[2] 
_pdbx_struct_oper_list.matrix[3][1] 
_pdbx_struct_oper_list.matrix[3][2] 
_pdbx_struct_oper_list.matrix[3][3] 
_pdbx_struct_oper_list.vector[3] 
1 'identity operation'         1_555 x,y,z       1.0000000000 0.0000000000  0.0000000000 0.0000000000  0.0000000000  1.0000000000  0.0000000000  0.0000000000   0.0000000000 0.0000000000  1.0000000000  0.0000000000 
2 'crystal symmetry operation' 3_554 -x,y,-z-1/2 0.7577329041 -0.4424425362 0.4796722300 -6.7175064369 -0.4424425362 -0.8886318863 -0.1207392759 -21.4582018449 0.4796722300 -0.1207392759 -0.8691010177 4.8232119885 
# 
loop_
_pdbx_struct_special_symmetry.id 
_pdbx_struct_special_symmetry.PDB_model_num 
_pdbx_struct_special_symmetry.auth_asym_id 
_pdbx_struct_special_symmetry.auth_comp_id 
_pdbx_struct_special_symmetry.auth_seq_id 
_pdbx_struct_special_symmetry.PDB_ins_code 
_pdbx_struct_special_symmetry.label_asym_id 
_pdbx_struct_special_symmetry.label_comp_id 
_pdbx_struct_special_symmetry.label_seq_id 
1 1 B MG  101 ? E MG  . 
2 1 B HOH 241 ? G HOH . 
3 1 C HOH 144 ? H HOH . 
4 1 C HOH 167 ? H HOH . 
# 
loop_
_pdbx_struct_conn_angle.id 
_pdbx_struct_conn_angle.ptnr1_label_atom_id 
_pdbx_struct_conn_angle.ptnr1_label_alt_id 
_pdbx_struct_conn_angle.ptnr1_label_asym_id 
_pdbx_struct_conn_angle.ptnr1_label_comp_id 
_pdbx_struct_conn_angle.ptnr1_label_seq_id 
_pdbx_struct_conn_angle.ptnr1_auth_atom_id 
_pdbx_struct_conn_angle.ptnr1_auth_asym_id 
_pdbx_struct_conn_angle.ptnr1_auth_comp_id 
_pdbx_struct_conn_angle.ptnr1_auth_seq_id 
_pdbx_struct_conn_angle.ptnr1_PDB_ins_code 
_pdbx_struct_conn_angle.ptnr1_symmetry 
_pdbx_struct_conn_angle.ptnr2_label_atom_id 
_pdbx_struct_conn_angle.ptnr2_label_alt_id 
_pdbx_struct_conn_angle.ptnr2_label_asym_id 
_pdbx_struct_conn_angle.ptnr2_label_comp_id 
_pdbx_struct_conn_angle.ptnr2_label_seq_id 
_pdbx_struct_conn_angle.ptnr2_auth_atom_id 
_pdbx_struct_conn_angle.ptnr2_auth_asym_id 
_pdbx_struct_conn_angle.ptnr2_auth_comp_id 
_pdbx_struct_conn_angle.ptnr2_auth_seq_id 
_pdbx_struct_conn_angle.ptnr2_PDB_ins_code 
_pdbx_struct_conn_angle.ptnr2_symmetry 
_pdbx_struct_conn_angle.ptnr3_label_atom_id 
_pdbx_struct_conn_angle.ptnr3_label_alt_id 
_pdbx_struct_conn_angle.ptnr3_label_asym_id 
_pdbx_struct_conn_angle.ptnr3_label_comp_id 
_pdbx_struct_conn_angle.ptnr3_label_seq_id 
_pdbx_struct_conn_angle.ptnr3_auth_atom_id 
_pdbx_struct_conn_angle.ptnr3_auth_asym_id 
_pdbx_struct_conn_angle.ptnr3_auth_comp_id 
_pdbx_struct_conn_angle.ptnr3_auth_seq_id 
_pdbx_struct_conn_angle.ptnr3_PDB_ins_code 
_pdbx_struct_conn_angle.ptnr3_symmetry 
_pdbx_struct_conn_angle.value 
_pdbx_struct_conn_angle.value_esd 
1  O ? F HOH . ? A HOH 225 ? 1_555 MG ? D MG . ? A MG 101 ? 1_555 O ? F HOH . ? A HOH 233 ? 1_555 87.8  ? 
2  O ? F HOH . ? A HOH 225 ? 1_555 MG ? D MG . ? A MG 101 ? 1_555 O ? F HOH . ? A HOH 264 ? 1_555 92.4  ? 
3  O ? F HOH . ? A HOH 233 ? 1_555 MG ? D MG . ? A MG 101 ? 1_555 O ? F HOH . ? A HOH 264 ? 1_555 130.3 ? 
4  O ? F HOH . ? A HOH 225 ? 1_555 MG ? D MG . ? A MG 101 ? 1_555 O ? G HOH . ? B HOH 221 ? 1_555 144.1 ? 
5  O ? F HOH . ? A HOH 233 ? 1_555 MG ? D MG . ? A MG 101 ? 1_555 O ? G HOH . ? B HOH 221 ? 1_555 63.2  ? 
6  O ? F HOH . ? A HOH 264 ? 1_555 MG ? D MG . ? A MG 101 ? 1_555 O ? G HOH . ? B HOH 221 ? 1_555 91.3  ? 
7  O ? F HOH . ? A HOH 225 ? 1_555 MG ? D MG . ? A MG 101 ? 1_555 O ? G HOH . ? B HOH 257 ? 1_555 155.8 ? 
8  O ? F HOH . ? A HOH 233 ? 1_555 MG ? D MG . ? A MG 101 ? 1_555 O ? G HOH . ? B HOH 257 ? 1_555 113.6 ? 
9  O ? F HOH . ? A HOH 264 ? 1_555 MG ? D MG . ? A MG 101 ? 1_555 O ? G HOH . ? B HOH 257 ? 1_555 65.5  ? 
10 O ? G HOH . ? B HOH 221 ? 1_555 MG ? D MG . ? A MG 101 ? 1_555 O ? G HOH . ? B HOH 257 ? 1_555 51.4  ? 
11 O ? G HOH . ? B HOH 241 ? 1_555 MG ? E MG . ? B MG 101 ? 1_555 O ? G HOH . ? B HOH 241 ? 3_554 0.0   ? 
12 O ? G HOH . ? B HOH 241 ? 1_555 MG ? E MG . ? B MG 101 ? 1_555 O ? H HOH . ? C HOH 124 ? 1_555 89.3  ? 
13 O ? G HOH . ? B HOH 241 ? 3_554 MG ? E MG . ? B MG 101 ? 1_555 O ? H HOH . ? C HOH 124 ? 1_555 89.3  ? 
14 O ? G HOH . ? B HOH 241 ? 1_555 MG ? E MG . ? B MG 101 ? 1_555 O ? H HOH . ? C HOH 124 ? 3_554 89.3  ? 
15 O ? G HOH . ? B HOH 241 ? 3_554 MG ? E MG . ? B MG 101 ? 1_555 O ? H HOH . ? C HOH 124 ? 3_554 89.3  ? 
16 O ? H HOH . ? C HOH 124 ? 1_555 MG ? E MG . ? B MG 101 ? 1_555 O ? H HOH . ? C HOH 124 ? 3_554 178.6 ? 
17 O ? G HOH . ? B HOH 241 ? 1_555 MG ? E MG . ? B MG 101 ? 1_555 O ? H HOH . ? C HOH 132 ? 1_555 111.4 ? 
18 O ? G HOH . ? B HOH 241 ? 3_554 MG ? E MG . ? B MG 101 ? 1_555 O ? H HOH . ? C HOH 132 ? 1_555 111.4 ? 
19 O ? H HOH . ? C HOH 124 ? 1_555 MG ? E MG . ? B MG 101 ? 1_555 O ? H HOH . ? C HOH 132 ? 1_555 91.6  ? 
20 O ? H HOH . ? C HOH 124 ? 3_554 MG ? E MG . ? B MG 101 ? 1_555 O ? H HOH . ? C HOH 132 ? 1_555 88.9  ? 
21 O ? G HOH . ? B HOH 241 ? 1_555 MG ? E MG . ? B MG 101 ? 1_555 O ? H HOH . ? C HOH 132 ? 3_554 111.4 ? 
22 O ? G HOH . ? B HOH 241 ? 3_554 MG ? E MG . ? B MG 101 ? 1_555 O ? H HOH . ? C HOH 132 ? 3_554 111.4 ? 
23 O ? H HOH . ? C HOH 124 ? 1_555 MG ? E MG . ? B MG 101 ? 1_555 O ? H HOH . ? C HOH 132 ? 3_554 88.9  ? 
24 O ? H HOH . ? C HOH 124 ? 3_554 MG ? E MG . ? B MG 101 ? 1_555 O ? H HOH . ? C HOH 132 ? 3_554 91.6  ? 
25 O ? H HOH . ? C HOH 132 ? 1_555 MG ? E MG . ? B MG 101 ? 1_555 O ? H HOH . ? C HOH 132 ? 3_554 137.3 ? 
# 
loop_
_pdbx_audit_revision_history.ordinal 
_pdbx_audit_revision_history.data_content_type 
_pdbx_audit_revision_history.major_revision 
_pdbx_audit_revision_history.minor_revision 
_pdbx_audit_revision_history.revision_date 
1 'Structure model' 1 0 2015-12-02 
2 'Structure model' 1 1 2023-09-27 
# 
_pdbx_audit_revision_details.ordinal             1 
_pdbx_audit_revision_details.revision_ordinal    1 
_pdbx_audit_revision_details.data_content_type   'Structure model' 
_pdbx_audit_revision_details.provider            repository 
_pdbx_audit_revision_details.type                'Initial release' 
_pdbx_audit_revision_details.description         ? 
_pdbx_audit_revision_details.details             ? 
# 
loop_
_pdbx_audit_revision_group.ordinal 
_pdbx_audit_revision_group.revision_ordinal 
_pdbx_audit_revision_group.data_content_type 
_pdbx_audit_revision_group.group 
1 2 'Structure model' Advisory                 
2 2 'Structure model' 'Data collection'        
3 2 'Structure model' 'Database references'    
4 2 'Structure model' 'Derived calculations'   
5 2 'Structure model' 'Refinement description' 
# 
loop_
_pdbx_audit_revision_category.ordinal 
_pdbx_audit_revision_category.revision_ordinal 
_pdbx_audit_revision_category.data_content_type 
_pdbx_audit_revision_category.category 
1 2 'Structure model' chem_comp_atom                
2 2 'Structure model' chem_comp_bond                
3 2 'Structure model' database_2                    
4 2 'Structure model' pdbx_initial_refinement_model 
5 2 'Structure model' pdbx_prerelease_seq           
6 2 'Structure model' pdbx_struct_conn_angle        
7 2 'Structure model' pdbx_struct_oper_list         
8 2 'Structure model' pdbx_validate_polymer_linkage 
9 2 'Structure model' struct_conn                   
# 
loop_
_pdbx_audit_revision_item.ordinal 
_pdbx_audit_revision_item.revision_ordinal 
_pdbx_audit_revision_item.data_content_type 
_pdbx_audit_revision_item.item 
1  2 'Structure model' '_database_2.pdbx_DOI'                        
2  2 'Structure model' '_database_2.pdbx_database_accession'         
3  2 'Structure model' '_pdbx_struct_conn_angle.ptnr1_auth_asym_id'  
4  2 'Structure model' '_pdbx_struct_conn_angle.ptnr1_auth_seq_id'   
5  2 'Structure model' '_pdbx_struct_conn_angle.ptnr1_label_asym_id' 
6  2 'Structure model' '_pdbx_struct_conn_angle.ptnr1_symmetry'      
7  2 'Structure model' '_pdbx_struct_conn_angle.ptnr3_auth_asym_id'  
8  2 'Structure model' '_pdbx_struct_conn_angle.ptnr3_auth_seq_id'   
9  2 'Structure model' '_pdbx_struct_conn_angle.ptnr3_label_asym_id' 
10 2 'Structure model' '_pdbx_struct_conn_angle.ptnr3_symmetry'      
11 2 'Structure model' '_pdbx_struct_conn_angle.value'               
12 2 'Structure model' '_pdbx_struct_oper_list.symmetry_operation'   
13 2 'Structure model' '_struct_conn.pdbx_dist_value'                
14 2 'Structure model' '_struct_conn.ptnr2_auth_asym_id'             
15 2 'Structure model' '_struct_conn.ptnr2_auth_seq_id'              
16 2 'Structure model' '_struct_conn.ptnr2_label_asym_id'            
17 2 'Structure model' '_struct_conn.ptnr2_symmetry'                 
# 
loop_
_software.citation_id 
_software.classification 
_software.compiler_name 
_software.compiler_version 
_software.contact_author 
_software.contact_author_email 
_software.date 
_software.description 
_software.dependencies 
_software.hardware 
_software.language 
_software.location 
_software.mods 
_software.name 
_software.os 
_software.os_version 
_software.type 
_software.version 
_software.pdbx_ordinal 
? refinement       ? ? ? ? ? ? ? ? ? ? ? REFMAC   ? ? ? 5.7.0029 1 
? 'data reduction' ? ? ? ? ? ? ? ? ? ? ? HKL-2000 ? ? ? .        2 
? 'data scaling'   ? ? ? ? ? ? ? ? ? ? ? HKL-2000 ? ? ? .        3 
? phasing          ? ? ? ? ? ? ? ? ? ? ? PHASER   ? ? ? .        4 
# 
loop_
_pdbx_validate_close_contact.id 
_pdbx_validate_close_contact.PDB_model_num 
_pdbx_validate_close_contact.auth_atom_id_1 
_pdbx_validate_close_contact.auth_asym_id_1 
_pdbx_validate_close_contact.auth_comp_id_1 
_pdbx_validate_close_contact.auth_seq_id_1 
_pdbx_validate_close_contact.PDB_ins_code_1 
_pdbx_validate_close_contact.label_alt_id_1 
_pdbx_validate_close_contact.auth_atom_id_2 
_pdbx_validate_close_contact.auth_asym_id_2 
_pdbx_validate_close_contact.auth_comp_id_2 
_pdbx_validate_close_contact.auth_seq_id_2 
_pdbx_validate_close_contact.PDB_ins_code_2 
_pdbx_validate_close_contact.label_alt_id_2 
_pdbx_validate_close_contact.dist 
1 1 MG A MG  101 ? ? O A HOH 207 ? ? 1.58 
2 1 O  B HOH 221 ? ? O B HOH 257 ? ? 1.93 
3 1 O  B HOH 202 ? ? O B HOH 257 ? ? 1.99 
4 1 O  C HOH 112 ? ? O C HOH 161 ? ? 2.02 
5 1 O  B HOH 223 ? ? O B HOH 257 ? ? 2.04 
6 1 O  C HOH 102 ? ? O C HOH 161 ? ? 2.18 
7 1 O  C HOH 138 ? ? O C HOH 161 ? ? 2.18 
# 
_pdbx_validate_symm_contact.id                1 
_pdbx_validate_symm_contact.PDB_model_num     1 
_pdbx_validate_symm_contact.auth_atom_id_1    O 
_pdbx_validate_symm_contact.auth_asym_id_1    C 
_pdbx_validate_symm_contact.auth_comp_id_1    HOH 
_pdbx_validate_symm_contact.auth_seq_id_1     161 
_pdbx_validate_symm_contact.PDB_ins_code_1    ? 
_pdbx_validate_symm_contact.label_alt_id_1    ? 
_pdbx_validate_symm_contact.site_symmetry_1   1_555 
_pdbx_validate_symm_contact.auth_atom_id_2    O 
_pdbx_validate_symm_contact.auth_asym_id_2    C 
_pdbx_validate_symm_contact.auth_comp_id_2    HOH 
_pdbx_validate_symm_contact.auth_seq_id_2     161 
_pdbx_validate_symm_contact.PDB_ins_code_2    ? 
_pdbx_validate_symm_contact.label_alt_id_2    ? 
_pdbx_validate_symm_contact.site_symmetry_2   3_554 
_pdbx_validate_symm_contact.dist              2.13 
# 
_pdbx_validate_rmsd_angle.id                         1 
_pdbx_validate_rmsd_angle.PDB_model_num              1 
_pdbx_validate_rmsd_angle.auth_atom_id_1             "C5'" 
_pdbx_validate_rmsd_angle.auth_asym_id_1             A 
_pdbx_validate_rmsd_angle.auth_comp_id_1             DG 
_pdbx_validate_rmsd_angle.auth_seq_id_1              1 
_pdbx_validate_rmsd_angle.PDB_ins_code_1             ? 
_pdbx_validate_rmsd_angle.label_alt_id_1             ? 
_pdbx_validate_rmsd_angle.auth_atom_id_2             "C4'" 
_pdbx_validate_rmsd_angle.auth_asym_id_2             A 
_pdbx_validate_rmsd_angle.auth_comp_id_2             DG 
_pdbx_validate_rmsd_angle.auth_seq_id_2              1 
_pdbx_validate_rmsd_angle.PDB_ins_code_2             ? 
_pdbx_validate_rmsd_angle.label_alt_id_2             ? 
_pdbx_validate_rmsd_angle.auth_atom_id_3             "O4'" 
_pdbx_validate_rmsd_angle.auth_asym_id_3             A 
_pdbx_validate_rmsd_angle.auth_comp_id_3             DG 
_pdbx_validate_rmsd_angle.auth_seq_id_3              1 
_pdbx_validate_rmsd_angle.PDB_ins_code_3             ? 
_pdbx_validate_rmsd_angle.label_alt_id_3             ? 
_pdbx_validate_rmsd_angle.angle_value                117.19 
_pdbx_validate_rmsd_angle.angle_target_value         109.80 
_pdbx_validate_rmsd_angle.angle_deviation            7.39 
_pdbx_validate_rmsd_angle.angle_standard_deviation   1.10 
_pdbx_validate_rmsd_angle.linker_flag                N 
# 
loop_
_pdbx_validate_polymer_linkage.id 
_pdbx_validate_polymer_linkage.PDB_model_num 
_pdbx_validate_polymer_linkage.auth_atom_id_1 
_pdbx_validate_polymer_linkage.auth_asym_id_1 
_pdbx_validate_polymer_linkage.auth_comp_id_1 
_pdbx_validate_polymer_linkage.auth_seq_id_1 
_pdbx_validate_polymer_linkage.PDB_ins_code_1 
_pdbx_validate_polymer_linkage.label_alt_id_1 
_pdbx_validate_polymer_linkage.auth_atom_id_2 
_pdbx_validate_polymer_linkage.auth_asym_id_2 
_pdbx_validate_polymer_linkage.auth_comp_id_2 
_pdbx_validate_polymer_linkage.auth_seq_id_2 
_pdbx_validate_polymer_linkage.PDB_ins_code_2 
_pdbx_validate_polymer_linkage.label_alt_id_2 
_pdbx_validate_polymer_linkage.dist 
1 1 "C3'" A 5JO 5 ? ? P A DC 6 ? ? 2.64 
2 1 "C3'" B 5JO 5 ? ? P B DC 6 ? ? 2.63 
3 1 "C3'" C 5JO 5 ? ? P C DC 6 ? ? 2.62 
# 
loop_
_chem_comp_atom.comp_id 
_chem_comp_atom.atom_id 
_chem_comp_atom.type_symbol 
_chem_comp_atom.pdbx_aromatic_flag 
_chem_comp_atom.pdbx_stereo_config 
_chem_comp_atom.pdbx_ordinal 
5JO "O5'"  O  N N 1   
5JO "C5'"  C  N N 2   
5JO "C4'"  C  N R 3   
5JO "O4'"  O  N N 4   
5JO "C3'"  C  N R 5   
5JO "O3'"  O  N N 6   
5JO "C2'"  C  N R 7   
5JO "O2'"  O  N N 8   
5JO "C1'"  C  N R 9   
5JO N9     N  Y N 10  
5JO C8     C  Y N 11  
5JO N7     N  Y N 12  
5JO C5     C  Y N 13  
5JO C6     C  Y N 14  
5JO N6     N  N N 15  
5JO N1     N  Y N 16  
5JO C2     C  Y N 17  
5JO N3     N  Y N 18  
5JO C4     C  Y N 19  
5JO P      P  N N 20  
5JO OP1    O  N N 21  
5JO OP2    O  N N 22  
5JO "C6'"  C  N N 23  
5JO "C7'"  C  N N 24  
5JO "C8'"  C  N N 25  
5JO H1     H  N N 26  
5JO H2     H  N N 27  
5JO H3     H  N N 28  
5JO H4     H  N N 29  
5JO H5     H  N N 30  
5JO H6     H  N N 31  
5JO H7     H  N N 32  
5JO H8     H  N N 33  
5JO H9     H  N N 34  
5JO H10    H  N N 35  
5JO H11    H  N N 36  
5JO H13    H  N N 37  
5JO H14    H  N N 38  
5JO H15    H  N N 39  
5JO H16    H  N N 40  
5JO OP3    O  N N 41  
5JO H12    H  N N 42  
DA  OP3    O  N N 43  
DA  P      P  N N 44  
DA  OP1    O  N N 45  
DA  OP2    O  N N 46  
DA  "O5'"  O  N N 47  
DA  "C5'"  C  N N 48  
DA  "C4'"  C  N R 49  
DA  "O4'"  O  N N 50  
DA  "C3'"  C  N S 51  
DA  "O3'"  O  N N 52  
DA  "C2'"  C  N N 53  
DA  "C1'"  C  N R 54  
DA  N9     N  Y N 55  
DA  C8     C  Y N 56  
DA  N7     N  Y N 57  
DA  C5     C  Y N 58  
DA  C6     C  Y N 59  
DA  N6     N  N N 60  
DA  N1     N  Y N 61  
DA  C2     C  Y N 62  
DA  N3     N  Y N 63  
DA  C4     C  Y N 64  
DA  HOP3   H  N N 65  
DA  HOP2   H  N N 66  
DA  "H5'"  H  N N 67  
DA  "H5''" H  N N 68  
DA  "H4'"  H  N N 69  
DA  "H3'"  H  N N 70  
DA  "HO3'" H  N N 71  
DA  "H2'"  H  N N 72  
DA  "H2''" H  N N 73  
DA  "H1'"  H  N N 74  
DA  H8     H  N N 75  
DA  H61    H  N N 76  
DA  H62    H  N N 77  
DA  H2     H  N N 78  
DC  OP3    O  N N 79  
DC  P      P  N N 80  
DC  OP1    O  N N 81  
DC  OP2    O  N N 82  
DC  "O5'"  O  N N 83  
DC  "C5'"  C  N N 84  
DC  "C4'"  C  N R 85  
DC  "O4'"  O  N N 86  
DC  "C3'"  C  N S 87  
DC  "O3'"  O  N N 88  
DC  "C2'"  C  N N 89  
DC  "C1'"  C  N R 90  
DC  N1     N  N N 91  
DC  C2     C  N N 92  
DC  O2     O  N N 93  
DC  N3     N  N N 94  
DC  C4     C  N N 95  
DC  N4     N  N N 96  
DC  C5     C  N N 97  
DC  C6     C  N N 98  
DC  HOP3   H  N N 99  
DC  HOP2   H  N N 100 
DC  "H5'"  H  N N 101 
DC  "H5''" H  N N 102 
DC  "H4'"  H  N N 103 
DC  "H3'"  H  N N 104 
DC  "HO3'" H  N N 105 
DC  "H2'"  H  N N 106 
DC  "H2''" H  N N 107 
DC  "H1'"  H  N N 108 
DC  H41    H  N N 109 
DC  H42    H  N N 110 
DC  H5     H  N N 111 
DC  H6     H  N N 112 
DG  OP3    O  N N 113 
DG  P      P  N N 114 
DG  OP1    O  N N 115 
DG  OP2    O  N N 116 
DG  "O5'"  O  N N 117 
DG  "C5'"  C  N N 118 
DG  "C4'"  C  N R 119 
DG  "O4'"  O  N N 120 
DG  "C3'"  C  N S 121 
DG  "O3'"  O  N N 122 
DG  "C2'"  C  N N 123 
DG  "C1'"  C  N R 124 
DG  N9     N  Y N 125 
DG  C8     C  Y N 126 
DG  N7     N  Y N 127 
DG  C5     C  Y N 128 
DG  C6     C  N N 129 
DG  O6     O  N N 130 
DG  N1     N  N N 131 
DG  C2     C  N N 132 
DG  N2     N  N N 133 
DG  N3     N  N N 134 
DG  C4     C  Y N 135 
DG  HOP3   H  N N 136 
DG  HOP2   H  N N 137 
DG  "H5'"  H  N N 138 
DG  "H5''" H  N N 139 
DG  "H4'"  H  N N 140 
DG  "H3'"  H  N N 141 
DG  "HO3'" H  N N 142 
DG  "H2'"  H  N N 143 
DG  "H2''" H  N N 144 
DG  "H1'"  H  N N 145 
DG  H8     H  N N 146 
DG  H1     H  N N 147 
DG  H21    H  N N 148 
DG  H22    H  N N 149 
DT  OP3    O  N N 150 
DT  P      P  N N 151 
DT  OP1    O  N N 152 
DT  OP2    O  N N 153 
DT  "O5'"  O  N N 154 
DT  "C5'"  C  N N 155 
DT  "C4'"  C  N R 156 
DT  "O4'"  O  N N 157 
DT  "C3'"  C  N S 158 
DT  "O3'"  O  N N 159 
DT  "C2'"  C  N N 160 
DT  "C1'"  C  N R 161 
DT  N1     N  N N 162 
DT  C2     C  N N 163 
DT  O2     O  N N 164 
DT  N3     N  N N 165 
DT  C4     C  N N 166 
DT  O4     O  N N 167 
DT  C5     C  N N 168 
DT  C7     C  N N 169 
DT  C6     C  N N 170 
DT  HOP3   H  N N 171 
DT  HOP2   H  N N 172 
DT  "H5'"  H  N N 173 
DT  "H5''" H  N N 174 
DT  "H4'"  H  N N 175 
DT  "H3'"  H  N N 176 
DT  "HO3'" H  N N 177 
DT  "H2'"  H  N N 178 
DT  "H2''" H  N N 179 
DT  "H1'"  H  N N 180 
DT  H3     H  N N 181 
DT  H71    H  N N 182 
DT  H72    H  N N 183 
DT  H73    H  N N 184 
DT  H6     H  N N 185 
HOH O      O  N N 186 
HOH H1     H  N N 187 
HOH H2     H  N N 188 
MG  MG     MG N N 189 
OMU N1     N  N N 190 
OMU C2     C  N N 191 
OMU N3     N  N N 192 
OMU C4     C  N N 193 
OMU C5     C  N N 194 
OMU C6     C  N N 195 
OMU O2     O  N N 196 
OMU O4     O  N N 197 
OMU "C1'"  C  N R 198 
OMU "C2'"  C  N R 199 
OMU "O2'"  O  N N 200 
OMU CM2    C  N N 201 
OMU "C3'"  C  N R 202 
OMU "C4'"  C  N R 203 
OMU "O3'"  O  N N 204 
OMU "O4'"  O  N N 205 
OMU "C5'"  C  N N 206 
OMU "O5'"  O  N N 207 
OMU P      P  N N 208 
OMU OP1    O  N N 209 
OMU OP2    O  N N 210 
OMU OP3    O  N N 211 
OMU HN3    H  N N 212 
OMU H5     H  N N 213 
OMU H6     H  N N 214 
OMU "H1'"  H  N N 215 
OMU "H2'"  H  N N 216 
OMU HM21   H  N N 217 
OMU HM22   H  N N 218 
OMU HM23   H  N N 219 
OMU "H3'"  H  N N 220 
OMU "H4'"  H  N N 221 
OMU "HO3'" H  N N 222 
OMU "H5'"  H  N N 223 
OMU "H5''" H  N N 224 
OMU HOP2   H  N N 225 
OMU HOP3   H  N N 226 
# 
loop_
_chem_comp_bond.comp_id 
_chem_comp_bond.atom_id_1 
_chem_comp_bond.atom_id_2 
_chem_comp_bond.value_order 
_chem_comp_bond.pdbx_aromatic_flag 
_chem_comp_bond.pdbx_stereo_config 
_chem_comp_bond.pdbx_ordinal 
5JO OP1   P      doub N N 1   
5JO P     OP2    sing N N 2   
5JO P     "O5'"  sing N N 3   
5JO "C5'" "O5'"  sing N N 4   
5JO "C5'" "C4'"  sing N N 5   
5JO "O4'" "C4'"  sing N N 6   
5JO "O4'" "C1'"  sing N N 7   
5JO "C4'" "C3'"  sing N N 8   
5JO C8    N7     doub Y N 9   
5JO C8    N9     sing Y N 10  
5JO "C1'" N9     sing N N 11  
5JO "C1'" "C2'"  sing N N 12  
5JO N7    C5     sing Y N 13  
5JO N9    C4     sing Y N 14  
5JO "C3'" "O3'"  sing N N 15  
5JO "C3'" "C2'"  sing N N 16  
5JO C5    C4     doub Y N 17  
5JO C5    C6     sing Y N 18  
5JO C4    N3     sing Y N 19  
5JO "C2'" "O2'"  sing N N 20  
5JO "O2'" "C6'"  sing N N 21  
5JO C6    N6     sing N N 22  
5JO C6    N1     doub Y N 23  
5JO N3    C2     doub Y N 24  
5JO "C6'" "C7'"  sing N N 25  
5JO C2    N1     sing Y N 26  
5JO "C7'" "C8'"  trip N N 27  
5JO "C5'" H1     sing N N 28  
5JO "C5'" H2     sing N N 29  
5JO "C4'" H3     sing N N 30  
5JO "C3'" H4     sing N N 31  
5JO "O3'" H5     sing N N 32  
5JO "C2'" H6     sing N N 33  
5JO "C1'" H7     sing N N 34  
5JO C8    H8     sing N N 35  
5JO N6    H9     sing N N 36  
5JO N6    H10    sing N N 37  
5JO C2    H11    sing N N 38  
5JO OP2   H13    sing N N 39  
5JO "C6'" H14    sing N N 40  
5JO "C6'" H15    sing N N 41  
5JO "C8'" H16    sing N N 42  
5JO P     OP3    sing N N 43  
5JO OP3   H12    sing N N 44  
DA  OP3   P      sing N N 45  
DA  OP3   HOP3   sing N N 46  
DA  P     OP1    doub N N 47  
DA  P     OP2    sing N N 48  
DA  P     "O5'"  sing N N 49  
DA  OP2   HOP2   sing N N 50  
DA  "O5'" "C5'"  sing N N 51  
DA  "C5'" "C4'"  sing N N 52  
DA  "C5'" "H5'"  sing N N 53  
DA  "C5'" "H5''" sing N N 54  
DA  "C4'" "O4'"  sing N N 55  
DA  "C4'" "C3'"  sing N N 56  
DA  "C4'" "H4'"  sing N N 57  
DA  "O4'" "C1'"  sing N N 58  
DA  "C3'" "O3'"  sing N N 59  
DA  "C3'" "C2'"  sing N N 60  
DA  "C3'" "H3'"  sing N N 61  
DA  "O3'" "HO3'" sing N N 62  
DA  "C2'" "C1'"  sing N N 63  
DA  "C2'" "H2'"  sing N N 64  
DA  "C2'" "H2''" sing N N 65  
DA  "C1'" N9     sing N N 66  
DA  "C1'" "H1'"  sing N N 67  
DA  N9    C8     sing Y N 68  
DA  N9    C4     sing Y N 69  
DA  C8    N7     doub Y N 70  
DA  C8    H8     sing N N 71  
DA  N7    C5     sing Y N 72  
DA  C5    C6     sing Y N 73  
DA  C5    C4     doub Y N 74  
DA  C6    N6     sing N N 75  
DA  C6    N1     doub Y N 76  
DA  N6    H61    sing N N 77  
DA  N6    H62    sing N N 78  
DA  N1    C2     sing Y N 79  
DA  C2    N3     doub Y N 80  
DA  C2    H2     sing N N 81  
DA  N3    C4     sing Y N 82  
DC  OP3   P      sing N N 83  
DC  OP3   HOP3   sing N N 84  
DC  P     OP1    doub N N 85  
DC  P     OP2    sing N N 86  
DC  P     "O5'"  sing N N 87  
DC  OP2   HOP2   sing N N 88  
DC  "O5'" "C5'"  sing N N 89  
DC  "C5'" "C4'"  sing N N 90  
DC  "C5'" "H5'"  sing N N 91  
DC  "C5'" "H5''" sing N N 92  
DC  "C4'" "O4'"  sing N N 93  
DC  "C4'" "C3'"  sing N N 94  
DC  "C4'" "H4'"  sing N N 95  
DC  "O4'" "C1'"  sing N N 96  
DC  "C3'" "O3'"  sing N N 97  
DC  "C3'" "C2'"  sing N N 98  
DC  "C3'" "H3'"  sing N N 99  
DC  "O3'" "HO3'" sing N N 100 
DC  "C2'" "C1'"  sing N N 101 
DC  "C2'" "H2'"  sing N N 102 
DC  "C2'" "H2''" sing N N 103 
DC  "C1'" N1     sing N N 104 
DC  "C1'" "H1'"  sing N N 105 
DC  N1    C2     sing N N 106 
DC  N1    C6     sing N N 107 
DC  C2    O2     doub N N 108 
DC  C2    N3     sing N N 109 
DC  N3    C4     doub N N 110 
DC  C4    N4     sing N N 111 
DC  C4    C5     sing N N 112 
DC  N4    H41    sing N N 113 
DC  N4    H42    sing N N 114 
DC  C5    C6     doub N N 115 
DC  C5    H5     sing N N 116 
DC  C6    H6     sing N N 117 
DG  OP3   P      sing N N 118 
DG  OP3   HOP3   sing N N 119 
DG  P     OP1    doub N N 120 
DG  P     OP2    sing N N 121 
DG  P     "O5'"  sing N N 122 
DG  OP2   HOP2   sing N N 123 
DG  "O5'" "C5'"  sing N N 124 
DG  "C5'" "C4'"  sing N N 125 
DG  "C5'" "H5'"  sing N N 126 
DG  "C5'" "H5''" sing N N 127 
DG  "C4'" "O4'"  sing N N 128 
DG  "C4'" "C3'"  sing N N 129 
DG  "C4'" "H4'"  sing N N 130 
DG  "O4'" "C1'"  sing N N 131 
DG  "C3'" "O3'"  sing N N 132 
DG  "C3'" "C2'"  sing N N 133 
DG  "C3'" "H3'"  sing N N 134 
DG  "O3'" "HO3'" sing N N 135 
DG  "C2'" "C1'"  sing N N 136 
DG  "C2'" "H2'"  sing N N 137 
DG  "C2'" "H2''" sing N N 138 
DG  "C1'" N9     sing N N 139 
DG  "C1'" "H1'"  sing N N 140 
DG  N9    C8     sing Y N 141 
DG  N9    C4     sing Y N 142 
DG  C8    N7     doub Y N 143 
DG  C8    H8     sing N N 144 
DG  N7    C5     sing Y N 145 
DG  C5    C6     sing N N 146 
DG  C5    C4     doub Y N 147 
DG  C6    O6     doub N N 148 
DG  C6    N1     sing N N 149 
DG  N1    C2     sing N N 150 
DG  N1    H1     sing N N 151 
DG  C2    N2     sing N N 152 
DG  C2    N3     doub N N 153 
DG  N2    H21    sing N N 154 
DG  N2    H22    sing N N 155 
DG  N3    C4     sing N N 156 
DT  OP3   P      sing N N 157 
DT  OP3   HOP3   sing N N 158 
DT  P     OP1    doub N N 159 
DT  P     OP2    sing N N 160 
DT  P     "O5'"  sing N N 161 
DT  OP2   HOP2   sing N N 162 
DT  "O5'" "C5'"  sing N N 163 
DT  "C5'" "C4'"  sing N N 164 
DT  "C5'" "H5'"  sing N N 165 
DT  "C5'" "H5''" sing N N 166 
DT  "C4'" "O4'"  sing N N 167 
DT  "C4'" "C3'"  sing N N 168 
DT  "C4'" "H4'"  sing N N 169 
DT  "O4'" "C1'"  sing N N 170 
DT  "C3'" "O3'"  sing N N 171 
DT  "C3'" "C2'"  sing N N 172 
DT  "C3'" "H3'"  sing N N 173 
DT  "O3'" "HO3'" sing N N 174 
DT  "C2'" "C1'"  sing N N 175 
DT  "C2'" "H2'"  sing N N 176 
DT  "C2'" "H2''" sing N N 177 
DT  "C1'" N1     sing N N 178 
DT  "C1'" "H1'"  sing N N 179 
DT  N1    C2     sing N N 180 
DT  N1    C6     sing N N 181 
DT  C2    O2     doub N N 182 
DT  C2    N3     sing N N 183 
DT  N3    C4     sing N N 184 
DT  N3    H3     sing N N 185 
DT  C4    O4     doub N N 186 
DT  C4    C5     sing N N 187 
DT  C5    C7     sing N N 188 
DT  C5    C6     doub N N 189 
DT  C7    H71    sing N N 190 
DT  C7    H72    sing N N 191 
DT  C7    H73    sing N N 192 
DT  C6    H6     sing N N 193 
HOH O     H1     sing N N 194 
HOH O     H2     sing N N 195 
OMU N1    C2     sing N N 196 
OMU N1    C6     sing N N 197 
OMU N1    "C1'"  sing N N 198 
OMU C2    N3     sing N N 199 
OMU C2    O2     doub N N 200 
OMU N3    C4     sing N N 201 
OMU N3    HN3    sing N N 202 
OMU C4    C5     sing N N 203 
OMU C4    O4     doub N N 204 
OMU C5    C6     doub N N 205 
OMU C5    H5     sing N N 206 
OMU C6    H6     sing N N 207 
OMU "C1'" "C2'"  sing N N 208 
OMU "C1'" "O4'"  sing N N 209 
OMU "C1'" "H1'"  sing N N 210 
OMU "C2'" "O2'"  sing N N 211 
OMU "C2'" "C3'"  sing N N 212 
OMU "C2'" "H2'"  sing N N 213 
OMU "O2'" CM2    sing N N 214 
OMU CM2   HM21   sing N N 215 
OMU CM2   HM22   sing N N 216 
OMU CM2   HM23   sing N N 217 
OMU "C3'" "C4'"  sing N N 218 
OMU "C3'" "O3'"  sing N N 219 
OMU "C3'" "H3'"  sing N N 220 
OMU "C4'" "O4'"  sing N N 221 
OMU "C4'" "C5'"  sing N N 222 
OMU "C4'" "H4'"  sing N N 223 
OMU "O3'" "HO3'" sing N N 224 
OMU "C5'" "O5'"  sing N N 225 
OMU "C5'" "H5'"  sing N N 226 
OMU "C5'" "H5''" sing N N 227 
OMU "O5'" P      sing N N 228 
OMU P     OP1    doub N N 229 
OMU P     OP2    sing N N 230 
OMU P     OP3    sing N N 231 
OMU OP2   HOP2   sing N N 232 
OMU OP3   HOP3   sing N N 233 
# 
_ndb_struct_conf_na.entry_id   5E36 
_ndb_struct_conf_na.feature    'double helix' 
# 
loop_
_ndb_struct_na_base_pair.model_number 
_ndb_struct_na_base_pair.i_label_asym_id 
_ndb_struct_na_base_pair.i_label_comp_id 
_ndb_struct_na_base_pair.i_label_seq_id 
_ndb_struct_na_base_pair.i_symmetry 
_ndb_struct_na_base_pair.j_label_asym_id 
_ndb_struct_na_base_pair.j_label_comp_id 
_ndb_struct_na_base_pair.j_label_seq_id 
_ndb_struct_na_base_pair.j_symmetry 
_ndb_struct_na_base_pair.shear 
_ndb_struct_na_base_pair.stretch 
_ndb_struct_na_base_pair.stagger 
_ndb_struct_na_base_pair.buckle 
_ndb_struct_na_base_pair.propeller 
_ndb_struct_na_base_pair.opening 
_ndb_struct_na_base_pair.pair_number 
_ndb_struct_na_base_pair.pair_name 
_ndb_struct_na_base_pair.i_auth_asym_id 
_ndb_struct_na_base_pair.i_auth_seq_id 
_ndb_struct_na_base_pair.i_PDB_ins_code 
_ndb_struct_na_base_pair.j_auth_asym_id 
_ndb_struct_na_base_pair.j_auth_seq_id 
_ndb_struct_na_base_pair.j_PDB_ins_code 
_ndb_struct_na_base_pair.hbond_type_28 
_ndb_struct_na_base_pair.hbond_type_12 
1 A DG  1 1_555 B DC  8 1_555 -0.426 -0.080 -0.346 -18.946 -20.623 0.692  1  A_DG1:DC8_B  A 1 ? B 8 ? 19 1 
1 A OMU 2 1_555 B DA  7 1_555 -0.139 -0.041 0.122  -20.741 -10.737 -3.540 2  A_OMU2:DA7_B A 2 ? B 7 ? 20 1 
1 A DG  3 1_555 B DC  6 1_555 -0.223 -0.130 0.040  -9.561  -10.254 1.554  3  A_DG3:DC6_B  A 3 ? B 6 ? 19 1 
1 A DC  6 1_555 B DG  3 1_555 0.280  -0.183 0.060  10.673  -9.153  -0.061 4  A_DC6:DG3_B  A 6 ? B 3 ? 19 1 
1 A DA  7 1_555 B OMU 2 1_555 0.073  -0.051 0.155  16.638  -11.913 -2.692 5  A_DA7:OMU2_B A 7 ? B 2 ? 20 1 
1 A DC  8 1_555 B DG  1 1_555 0.356  -0.104 -0.085 14.800  -17.339 -0.765 6  A_DC8:DG1_B  A 8 ? B 1 ? 19 1 
1 C DG  1 1_555 C DC  8 3_554 -0.383 -0.130 -0.200 -17.755 -16.811 -0.389 7  C_DG1:DC8_C  C 1 ? C 8 ? 19 1 
1 C OMU 2 1_555 C DA  7 3_554 -0.217 -0.105 0.018  -19.179 -7.600  -3.815 8  C_OMU2:DA7_C C 2 ? C 7 ? 20 1 
1 C DG  3 1_555 C DC  6 3_554 -0.146 -0.071 -0.088 -10.770 -9.471  1.103  9  C_DG3:DC6_C  C 3 ? C 6 ? 19 1 
1 C DG  1 1_555 C DC  8 1_555 -0.383 -0.130 -0.200 -17.755 -16.811 -0.389 10 C_DG1:DC8_C  C 1 ? C 8 ? 19 1 
1 C OMU 2 1_555 C DA  7 1_555 -0.217 -0.105 0.018  -19.179 -7.600  -3.815 11 C_OMU2:DA7_C C 2 ? C 7 ? 20 1 
1 C DG  3 1_555 C DC  6 1_555 -0.146 -0.071 -0.088 -10.770 -9.471  1.103  12 C_DG3:DC6_C  C 3 ? C 6 ? 19 1 
# 
loop_
_ndb_struct_na_base_pair_step.model_number 
_ndb_struct_na_base_pair_step.i_label_asym_id_1 
_ndb_struct_na_base_pair_step.i_label_comp_id_1 
_ndb_struct_na_base_pair_step.i_label_seq_id_1 
_ndb_struct_na_base_pair_step.i_symmetry_1 
_ndb_struct_na_base_pair_step.j_label_asym_id_1 
_ndb_struct_na_base_pair_step.j_label_comp_id_1 
_ndb_struct_na_base_pair_step.j_label_seq_id_1 
_ndb_struct_na_base_pair_step.j_symmetry_1 
_ndb_struct_na_base_pair_step.i_label_asym_id_2 
_ndb_struct_na_base_pair_step.i_label_comp_id_2 
_ndb_struct_na_base_pair_step.i_label_seq_id_2 
_ndb_struct_na_base_pair_step.i_symmetry_2 
_ndb_struct_na_base_pair_step.j_label_asym_id_2 
_ndb_struct_na_base_pair_step.j_label_comp_id_2 
_ndb_struct_na_base_pair_step.j_label_seq_id_2 
_ndb_struct_na_base_pair_step.j_symmetry_2 
_ndb_struct_na_base_pair_step.shift 
_ndb_struct_na_base_pair_step.slide 
_ndb_struct_na_base_pair_step.rise 
_ndb_struct_na_base_pair_step.tilt 
_ndb_struct_na_base_pair_step.roll 
_ndb_struct_na_base_pair_step.twist 
_ndb_struct_na_base_pair_step.x_displacement 
_ndb_struct_na_base_pair_step.y_displacement 
_ndb_struct_na_base_pair_step.helical_rise 
_ndb_struct_na_base_pair_step.inclination 
_ndb_struct_na_base_pair_step.tip 
_ndb_struct_na_base_pair_step.helical_twist 
_ndb_struct_na_base_pair_step.step_number 
_ndb_struct_na_base_pair_step.step_name 
_ndb_struct_na_base_pair_step.i_auth_asym_id_1 
_ndb_struct_na_base_pair_step.i_auth_seq_id_1 
_ndb_struct_na_base_pair_step.i_PDB_ins_code_1 
_ndb_struct_na_base_pair_step.j_auth_asym_id_1 
_ndb_struct_na_base_pair_step.j_auth_seq_id_1 
_ndb_struct_na_base_pair_step.j_PDB_ins_code_1 
_ndb_struct_na_base_pair_step.i_auth_asym_id_2 
_ndb_struct_na_base_pair_step.i_auth_seq_id_2 
_ndb_struct_na_base_pair_step.i_PDB_ins_code_2 
_ndb_struct_na_base_pair_step.j_auth_asym_id_2 
_ndb_struct_na_base_pair_step.j_auth_seq_id_2 
_ndb_struct_na_base_pair_step.j_PDB_ins_code_2 
1 A DG  1 1_555 B DC  8 1_555 A OMU 2 1_555 B DA  7 1_555 -0.602 -1.002 3.328 -3.370 3.228  37.052 -1.996 0.489  3.273 5.054  
5.277  37.335 1 AA_DG1OMU2:DA7DC8_BB A 1 ? B 8 ? A 2 ? B 7 ? 
1 A OMU 2 1_555 B DA  7 1_555 A DG  3 1_555 B DC  6 1_555 0.534  -1.114 2.944 -1.303 12.283 30.475 -3.731 -1.132 2.311 22.253 
2.361  32.828 2 AA_OMU2DG3:DC6DA7_BB A 2 ? B 7 ? A 3 ? B 6 ? 
1 A DC  6 1_555 B DG  3 1_555 A DA  7 1_555 B OMU 2 1_555 -0.383 -1.192 3.095 1.323  12.744 30.406 -4.003 0.872  2.397 23.054 
-2.393 32.937 3 AA_DC6DA7:OMU2DG3_BB A 6 ? B 3 ? A 7 ? B 2 ? 
1 A DA  7 1_555 B OMU 2 1_555 A DC  8 1_555 B DG  1 1_555 0.589  -1.062 3.305 1.300  2.007  37.268 -1.925 -0.747 3.263 3.137  
-2.032 37.342 4 AA_DA7DC8:DG1OMU2_BB A 7 ? B 2 ? A 8 ? B 1 ? 
1 C DG  1 1_555 C DC  8 3_554 C OMU 2 1_555 C DA  7 3_554 -0.727 -1.051 3.262 -2.091 1.426  36.465 -1.872 0.872  3.255 2.275  
3.337  36.550 5 CC_DG1OMU2:DA7DC8_CC C 1 ? C 8 ? C 2 ? C 7 ? 
1 C OMU 2 1_555 C DA  7 3_554 C DG  3 1_555 C DC  6 3_554 0.467  -1.098 3.104 -1.116 12.513 31.072 -3.738 -0.974 2.472 22.252 
1.984  33.457 6 CC_OMU2DG3:DC6DA7_CC C 2 ? C 7 ? C 3 ? C 6 ? 
1 C DG  1 1_555 C DC  8 1_555 C OMU 2 1_555 C DA  7 1_555 -0.727 -1.051 3.262 -2.091 1.426  36.465 -1.872 0.872  3.255 2.275  
3.337  36.550 7 CC_DG1OMU2:DA7DC8_CC C 1 ? C 8 ? C 2 ? C 7 ? 
1 C OMU 2 1_555 C DA  7 1_555 C DG  3 1_555 C DC  6 1_555 0.467  -1.098 3.104 -1.115 12.513 31.072 -3.738 -0.974 2.472 22.252 
1.984  33.457 8 CC_OMU2DG3:DC6DA7_CC C 2 ? C 7 ? C 3 ? C 6 ? 
# 
loop_
_pdbx_entity_nonpoly.entity_id 
_pdbx_entity_nonpoly.name 
_pdbx_entity_nonpoly.comp_id 
2 'MAGNESIUM ION' MG  
3 water           HOH 
# 
_pdbx_initial_refinement_model.id               1 
_pdbx_initial_refinement_model.entity_id_list   ? 
_pdbx_initial_refinement_model.type             'experimental model' 
_pdbx_initial_refinement_model.source_name      PDB 
_pdbx_initial_refinement_model.accession_code   1Z7I 
_pdbx_initial_refinement_model.details          ? 
# 
loop_
_pdbx_reflns_twin.domain_id 
_pdbx_reflns_twin.crystal_id 
_pdbx_reflns_twin.diffrn_id 
_pdbx_reflns_twin.type 
_pdbx_reflns_twin.operator 
_pdbx_reflns_twin.fraction 
1 1 1 ? 'H, K, L'                   0.323 
2 1 1 ? '1/2H+1/2K, 3/2H-1/2K, -L'  0.383 
3 1 1 ? '-1/2H+1/2K, 3/2H+1/2K, -L' 0.293 
# 
